data_4HE7
# 
_entry.id   4HE7 
# 
_audit_conform.dict_name       mmcif_pdbx.dic 
_audit_conform.dict_version    5.399 
_audit_conform.dict_location   http://mmcif.pdb.org/dictionaries/ascii/mmcif_pdbx.dic 
# 
loop_
_database_2.database_id 
_database_2.database_code 
_database_2.pdbx_database_accession 
_database_2.pdbx_DOI 
PDB   4HE7         pdb_00004he7 10.2210/pdb4he7/pdb 
RCSB  RCSB075354   ?            ?                   
WWPDB D_1000075354 ?            ?                   
# 
loop_
_pdbx_audit_revision_history.ordinal 
_pdbx_audit_revision_history.data_content_type 
_pdbx_audit_revision_history.major_revision 
_pdbx_audit_revision_history.minor_revision 
_pdbx_audit_revision_history.revision_date 
1 'Structure model' 1 0 2013-03-27 
2 'Structure model' 1 1 2013-08-07 
3 'Structure model' 1 2 2017-11-15 
4 'Structure model' 1 3 2018-07-18 
5 'Structure model' 2 0 2019-12-25 
6 'Structure model' 2 1 2023-11-08 
7 'Structure model' 2 2 2024-11-20 
# 
_pdbx_audit_revision_details.ordinal             1 
_pdbx_audit_revision_details.revision_ordinal    1 
_pdbx_audit_revision_details.data_content_type   'Structure model' 
_pdbx_audit_revision_details.provider            repository 
_pdbx_audit_revision_details.type                'Initial release' 
_pdbx_audit_revision_details.description         ? 
_pdbx_audit_revision_details.details             ? 
# 
loop_
_pdbx_audit_revision_group.ordinal 
_pdbx_audit_revision_group.revision_ordinal 
_pdbx_audit_revision_group.data_content_type 
_pdbx_audit_revision_group.group 
1  2 'Structure model' 'Database references'    
2  3 'Structure model' 'Refinement description' 
3  4 'Structure model' 'Data collection'        
4  4 'Structure model' 'Database references'    
5  5 'Structure model' 'Database references'    
6  5 'Structure model' 'Derived calculations'   
7  5 'Structure model' 'Polymer sequence'       
8  6 'Structure model' 'Data collection'        
9  6 'Structure model' 'Database references'    
10 6 'Structure model' 'Derived calculations'   
11 6 'Structure model' 'Refinement description' 
12 7 'Structure model' 'Structure summary'      
# 
loop_
_pdbx_audit_revision_category.ordinal 
_pdbx_audit_revision_category.revision_ordinal 
_pdbx_audit_revision_category.data_content_type 
_pdbx_audit_revision_category.category 
1  3 'Structure model' software                      
2  4 'Structure model' struct_ref_seq_dif            
3  5 'Structure model' entity_poly                   
4  5 'Structure model' pdbx_struct_mod_residue       
5  5 'Structure model' struct_conn                   
6  5 'Structure model' struct_ref_seq_dif            
7  6 'Structure model' chem_comp_atom                
8  6 'Structure model' chem_comp_bond                
9  6 'Structure model' database_2                    
10 6 'Structure model' pdbx_initial_refinement_model 
11 6 'Structure model' struct_site                   
12 7 'Structure model' pdbx_entry_details            
13 7 'Structure model' pdbx_modification_feature     
# 
loop_
_pdbx_audit_revision_item.ordinal 
_pdbx_audit_revision_item.revision_ordinal 
_pdbx_audit_revision_item.data_content_type 
_pdbx_audit_revision_item.item 
1  3 'Structure model' '_software.classification'                  
2  4 'Structure model' '_struct_ref_seq_dif.details'               
3  5 'Structure model' '_entity_poly.pdbx_seq_one_letter_code_can' 
4  5 'Structure model' '_pdbx_struct_mod_residue.parent_comp_id'   
5  5 'Structure model' '_struct_conn.pdbx_leaving_atom_flag'       
6  6 'Structure model' '_database_2.pdbx_DOI'                      
7  6 'Structure model' '_database_2.pdbx_database_accession'       
8  6 'Structure model' '_struct_site.pdbx_auth_asym_id'            
9  6 'Structure model' '_struct_site.pdbx_auth_comp_id'            
10 6 'Structure model' '_struct_site.pdbx_auth_seq_id'             
# 
_pdbx_database_status.status_code                     REL 
_pdbx_database_status.entry_id                        4HE7 
_pdbx_database_status.recvd_initial_deposition_date   2012-10-03 
_pdbx_database_status.deposit_site                    RCSB 
_pdbx_database_status.process_site                    PDBJ 
_pdbx_database_status.methods_development_category    ? 
_pdbx_database_status.status_code_sf                  REL 
_pdbx_database_status.status_code_mr                  ? 
_pdbx_database_status.SG_entry                        ? 
_pdbx_database_status.status_code_cs                  ? 
_pdbx_database_status.pdb_format_compatible           Y 
_pdbx_database_status.status_code_nmr_data            ? 
# 
loop_
_audit_author.name 
_audit_author.pdbx_ordinal 
'Nagata, K.'   1 
'Hongo, N.'    2 
'Kameda, Y.'   3 
'Yamamura, A.' 4 
'Sasaki, H.'   5 
'Lee, W.C.'    6 
'Ishikawa, K.' 7 
'Suzuki, E.'   8 
'Tanokura, M.' 9 
# 
_citation.id                        primary 
_citation.title                     
'The structure of brazzein, a sweet-tasting protein from the wild African plant Pentadiplandra brazzeana' 
_citation.journal_abbrev            'Acta Crystallogr.,Sect.D' 
_citation.journal_volume            69 
_citation.page_first                642 
_citation.page_last                 647 
_citation.year                      2013 
_citation.journal_id_ASTM           ABCRE6 
_citation.country                   DK 
_citation.journal_id_ISSN           0907-4449 
_citation.journal_id_CSD            0766 
_citation.book_publisher            ? 
_citation.pdbx_database_id_PubMed   23519673 
_citation.pdbx_database_id_DOI      10.1107/S0907444913001005 
# 
loop_
_citation_author.citation_id 
_citation_author.name 
_citation_author.ordinal 
_citation_author.identifier_ORCID 
primary 'Nagata, K.'   1 ? 
primary 'Hongo, N.'    2 ? 
primary 'Kameda, Y.'   3 ? 
primary 'Yamamura, A.' 4 ? 
primary 'Sasaki, H.'   5 ? 
primary 'Lee, W.C.'    6 ? 
primary 'Ishikawa, K.' 7 ? 
primary 'Suzuki, E.'   8 ? 
primary 'Tanokura, M.' 9 ? 
# 
loop_
_entity.id 
_entity.type 
_entity.src_method 
_entity.pdbx_description 
_entity.formula_weight 
_entity.pdbx_number_of_molecules 
_entity.pdbx_ec 
_entity.pdbx_mutation 
_entity.pdbx_fragment 
_entity.details 
1 polymer     nat 'Defensin-like protein' 6491.328 1  ? Q1E ? ? 
2 non-polymer syn 'SODIUM ION'            22.990   1  ? ?   ? ? 
3 water       nat water                   18.015   13 ? ?   ? ? 
# 
_entity_name_com.entity_id   1 
_entity_name_com.name        Brazzein 
# 
_entity_poly.entity_id                      1 
_entity_poly.type                           'polypeptide(L)' 
_entity_poly.nstd_linkage                   no 
_entity_poly.nstd_monomer                   yes 
_entity_poly.pdbx_seq_one_letter_code       '(PCA)DKCKKVYENYPVSKCQLANQCNYDCKLDKHARSGECFYDEKRNLQCICDYCEY' 
_entity_poly.pdbx_seq_one_letter_code_can   QDKCKKVYENYPVSKCQLANQCNYDCKLDKHARSGECFYDEKRNLQCICDYCEY 
_entity_poly.pdbx_strand_id                 A 
_entity_poly.pdbx_target_identifier         ? 
# 
loop_
_pdbx_entity_nonpoly.entity_id 
_pdbx_entity_nonpoly.name 
_pdbx_entity_nonpoly.comp_id 
2 'SODIUM ION' NA  
3 water        HOH 
# 
loop_
_entity_poly_seq.entity_id 
_entity_poly_seq.num 
_entity_poly_seq.mon_id 
_entity_poly_seq.hetero 
1 1  PCA n 
1 2  ASP n 
1 3  LYS n 
1 4  CYS n 
1 5  LYS n 
1 6  LYS n 
1 7  VAL n 
1 8  TYR n 
1 9  GLU n 
1 10 ASN n 
1 11 TYR n 
1 12 PRO n 
1 13 VAL n 
1 14 SER n 
1 15 LYS n 
1 16 CYS n 
1 17 GLN n 
1 18 LEU n 
1 19 ALA n 
1 20 ASN n 
1 21 GLN n 
1 22 CYS n 
1 23 ASN n 
1 24 TYR n 
1 25 ASP n 
1 26 CYS n 
1 27 LYS n 
1 28 LEU n 
1 29 ASP n 
1 30 LYS n 
1 31 HIS n 
1 32 ALA n 
1 33 ARG n 
1 34 SER n 
1 35 GLY n 
1 36 GLU n 
1 37 CYS n 
1 38 PHE n 
1 39 TYR n 
1 40 ASP n 
1 41 GLU n 
1 42 LYS n 
1 43 ARG n 
1 44 ASN n 
1 45 LEU n 
1 46 GLN n 
1 47 CYS n 
1 48 ILE n 
1 49 CYS n 
1 50 ASP n 
1 51 TYR n 
1 52 CYS n 
1 53 GLU n 
1 54 TYR n 
# 
_entity_src_nat.entity_id                  1 
_entity_src_nat.pdbx_src_id                1 
_entity_src_nat.pdbx_alt_source_flag       sample 
_entity_src_nat.pdbx_beg_seq_num           ? 
_entity_src_nat.pdbx_end_seq_num           ? 
_entity_src_nat.common_name                ? 
_entity_src_nat.pdbx_organism_scientific   'Pentadiplandra brazzeana' 
_entity_src_nat.pdbx_ncbi_taxonomy_id      43545 
_entity_src_nat.genus                      ? 
_entity_src_nat.species                    ? 
_entity_src_nat.strain                     ? 
_entity_src_nat.tissue                     ? 
_entity_src_nat.tissue_fraction            ? 
_entity_src_nat.pdbx_secretion             ? 
_entity_src_nat.pdbx_fragment              ? 
_entity_src_nat.pdbx_variant               ? 
_entity_src_nat.pdbx_cell_line             ? 
_entity_src_nat.pdbx_atcc                  ? 
_entity_src_nat.pdbx_cellular_location     ? 
_entity_src_nat.pdbx_organ                 ? 
_entity_src_nat.pdbx_organelle             ? 
_entity_src_nat.pdbx_cell                  ? 
_entity_src_nat.pdbx_plasmid_name          ? 
_entity_src_nat.pdbx_plasmid_details       ? 
_entity_src_nat.details                    ? 
# 
loop_
_chem_comp.id 
_chem_comp.type 
_chem_comp.mon_nstd_flag 
_chem_comp.name 
_chem_comp.pdbx_synonyms 
_chem_comp.formula 
_chem_comp.formula_weight 
ALA 'L-peptide linking' y ALANINE             ? 'C3 H7 N O2'     89.093  
ARG 'L-peptide linking' y ARGININE            ? 'C6 H15 N4 O2 1' 175.209 
ASN 'L-peptide linking' y ASPARAGINE          ? 'C4 H8 N2 O3'    132.118 
ASP 'L-peptide linking' y 'ASPARTIC ACID'     ? 'C4 H7 N O4'     133.103 
CYS 'L-peptide linking' y CYSTEINE            ? 'C3 H7 N O2 S'   121.158 
GLN 'L-peptide linking' y GLUTAMINE           ? 'C5 H10 N2 O3'   146.144 
GLU 'L-peptide linking' y 'GLUTAMIC ACID'     ? 'C5 H9 N O4'     147.129 
GLY 'peptide linking'   y GLYCINE             ? 'C2 H5 N O2'     75.067  
HIS 'L-peptide linking' y HISTIDINE           ? 'C6 H10 N3 O2 1' 156.162 
HOH non-polymer         . WATER               ? 'H2 O'           18.015  
ILE 'L-peptide linking' y ISOLEUCINE          ? 'C6 H13 N O2'    131.173 
LEU 'L-peptide linking' y LEUCINE             ? 'C6 H13 N O2'    131.173 
LYS 'L-peptide linking' y LYSINE              ? 'C6 H15 N2 O2 1' 147.195 
NA  non-polymer         . 'SODIUM ION'        ? 'Na 1'           22.990  
PCA 'L-peptide linking' n 'PYROGLUTAMIC ACID' ? 'C5 H7 N O3'     129.114 
PHE 'L-peptide linking' y PHENYLALANINE       ? 'C9 H11 N O2'    165.189 
PRO 'L-peptide linking' y PROLINE             ? 'C5 H9 N O2'     115.130 
SER 'L-peptide linking' y SERINE              ? 'C3 H7 N O3'     105.093 
TYR 'L-peptide linking' y TYROSINE            ? 'C9 H11 N O3'    181.189 
VAL 'L-peptide linking' y VALINE              ? 'C5 H11 N O2'    117.146 
# 
loop_
_pdbx_poly_seq_scheme.asym_id 
_pdbx_poly_seq_scheme.entity_id 
_pdbx_poly_seq_scheme.seq_id 
_pdbx_poly_seq_scheme.mon_id 
_pdbx_poly_seq_scheme.ndb_seq_num 
_pdbx_poly_seq_scheme.pdb_seq_num 
_pdbx_poly_seq_scheme.auth_seq_num 
_pdbx_poly_seq_scheme.pdb_mon_id 
_pdbx_poly_seq_scheme.auth_mon_id 
_pdbx_poly_seq_scheme.pdb_strand_id 
_pdbx_poly_seq_scheme.pdb_ins_code 
_pdbx_poly_seq_scheme.hetero 
A 1 1  PCA 1  1  1  PCA PCA A . n 
A 1 2  ASP 2  2  2  ASP ASP A . n 
A 1 3  LYS 3  3  3  LYS LYS A . n 
A 1 4  CYS 4  4  4  CYS CYS A . n 
A 1 5  LYS 5  5  5  LYS LYS A . n 
A 1 6  LYS 6  6  6  LYS LYS A . n 
A 1 7  VAL 7  7  7  VAL VAL A . n 
A 1 8  TYR 8  8  8  TYR TYR A . n 
A 1 9  GLU 9  9  9  GLU GLU A . n 
A 1 10 ASN 10 10 10 ASN ASN A . n 
A 1 11 TYR 11 11 11 TYR TYR A . n 
A 1 12 PRO 12 12 12 PRO PRO A . n 
A 1 13 VAL 13 13 13 VAL VAL A . n 
A 1 14 SER 14 14 14 SER SER A . n 
A 1 15 LYS 15 15 15 LYS LYS A . n 
A 1 16 CYS 16 16 16 CYS CYS A . n 
A 1 17 GLN 17 17 17 GLN GLN A . n 
A 1 18 LEU 18 18 18 LEU LEU A . n 
A 1 19 ALA 19 19 19 ALA ALA A . n 
A 1 20 ASN 20 20 20 ASN ASN A . n 
A 1 21 GLN 21 21 21 GLN GLN A . n 
A 1 22 CYS 22 22 22 CYS CYS A . n 
A 1 23 ASN 23 23 23 ASN ASN A . n 
A 1 24 TYR 24 24 24 TYR TYR A . n 
A 1 25 ASP 25 25 25 ASP ASP A . n 
A 1 26 CYS 26 26 26 CYS CYS A . n 
A 1 27 LYS 27 27 27 LYS LYS A . n 
A 1 28 LEU 28 28 28 LEU LEU A . n 
A 1 29 ASP 29 29 29 ASP ASP A . n 
A 1 30 LYS 30 30 30 LYS LYS A . n 
A 1 31 HIS 31 31 31 HIS HIS A . n 
A 1 32 ALA 32 32 32 ALA ALA A . n 
A 1 33 ARG 33 33 33 ARG ARG A . n 
A 1 34 SER 34 34 34 SER SER A . n 
A 1 35 GLY 35 35 35 GLY GLY A . n 
A 1 36 GLU 36 36 36 GLU GLU A . n 
A 1 37 CYS 37 37 37 CYS CYS A . n 
A 1 38 PHE 38 38 38 PHE PHE A . n 
A 1 39 TYR 39 39 39 TYR TYR A . n 
A 1 40 ASP 40 40 40 ASP ASP A . n 
A 1 41 GLU 41 41 41 GLU GLU A . n 
A 1 42 LYS 42 42 42 LYS LYS A . n 
A 1 43 ARG 43 43 43 ARG ARG A . n 
A 1 44 ASN 44 44 44 ASN ASN A . n 
A 1 45 LEU 45 45 45 LEU LEU A . n 
A 1 46 GLN 46 46 46 GLN GLN A . n 
A 1 47 CYS 47 47 47 CYS CYS A . n 
A 1 48 ILE 48 48 48 ILE ILE A . n 
A 1 49 CYS 49 49 49 CYS CYS A . n 
A 1 50 ASP 50 50 50 ASP ASP A . n 
A 1 51 TYR 51 51 51 TYR TYR A . n 
A 1 52 CYS 52 52 52 CYS CYS A . n 
A 1 53 GLU 53 53 53 GLU GLU A . n 
A 1 54 TYR 54 54 54 TYR TYR A . n 
# 
loop_
_pdbx_nonpoly_scheme.asym_id 
_pdbx_nonpoly_scheme.entity_id 
_pdbx_nonpoly_scheme.mon_id 
_pdbx_nonpoly_scheme.ndb_seq_num 
_pdbx_nonpoly_scheme.pdb_seq_num 
_pdbx_nonpoly_scheme.auth_seq_num 
_pdbx_nonpoly_scheme.pdb_mon_id 
_pdbx_nonpoly_scheme.auth_mon_id 
_pdbx_nonpoly_scheme.pdb_strand_id 
_pdbx_nonpoly_scheme.pdb_ins_code 
B 2 NA  1  100 100 NA  NA  A . 
C 3 HOH 1  201 1   HOH HOH A . 
C 3 HOH 2  202 2   HOH HOH A . 
C 3 HOH 3  203 3   HOH HOH A . 
C 3 HOH 4  204 4   HOH HOH A . 
C 3 HOH 5  205 5   HOH HOH A . 
C 3 HOH 6  206 6   HOH HOH A . 
C 3 HOH 7  207 7   HOH HOH A . 
C 3 HOH 8  208 8   HOH HOH A . 
C 3 HOH 9  209 9   HOH HOH A . 
C 3 HOH 10 210 10  HOH HOH A . 
C 3 HOH 11 211 11  HOH HOH A . 
C 3 HOH 12 212 12  HOH HOH A . 
C 3 HOH 13 213 13  HOH HOH A . 
# 
loop_
_software.name 
_software.classification 
_software.version 
_software.citation_id 
_software.pdbx_ordinal 
WEIS     'data scaling'   .        ? 1 
MOLREP   phasing          .        ? 2 
REFMAC   refinement       5.7.0029 ? 3 
HKL-2000 'data reduction' .        ? 4 
HKL-2000 'data scaling'   .        ? 5 
# 
_cell.entry_id           4HE7 
_cell.length_a           61.400 
_cell.length_b           61.400 
_cell.length_c           59.600 
_cell.angle_alpha        90.00 
_cell.angle_beta         90.00 
_cell.angle_gamma        90.00 
_cell.Z_PDB              16 
_cell.pdbx_unique_axis   ? 
_cell.length_a_esd       ? 
_cell.length_b_esd       ? 
_cell.length_c_esd       ? 
_cell.angle_alpha_esd    ? 
_cell.angle_beta_esd     ? 
_cell.angle_gamma_esd    ? 
# 
_symmetry.entry_id                         4HE7 
_symmetry.space_group_name_H-M             'I 41 2 2' 
_symmetry.pdbx_full_space_group_name_H-M   ? 
_symmetry.cell_setting                     ? 
_symmetry.Int_Tables_number                98 
_symmetry.space_group_name_Hall            ? 
# 
_exptl.entry_id          4HE7 
_exptl.method            'X-RAY DIFFRACTION' 
_exptl.crystals_number   1 
# 
_exptl_crystal.id                    1 
_exptl_crystal.density_meas          ? 
_exptl_crystal.density_Matthews      2.16 
_exptl_crystal.density_percent_sol   43.14 
_exptl_crystal.description           ? 
_exptl_crystal.F_000                 ? 
_exptl_crystal.preparation           ? 
# 
_exptl_crystal_grow.crystal_id      1 
_exptl_crystal_grow.method          'VAPOR DIFFUSION, HANGING DROP' 
_exptl_crystal_grow.temp            293 
_exptl_crystal_grow.temp_details    ? 
_exptl_crystal_grow.pH              4.0 
_exptl_crystal_grow.pdbx_details    '0.9-1.0M sodium citrate, pH 4.0, VAPOR DIFFUSION, HANGING DROP, temperature 293K' 
_exptl_crystal_grow.pdbx_pH_range   . 
# 
_diffrn.id                     1 
_diffrn.ambient_temp           293 
_diffrn.ambient_temp_details   ? 
_diffrn.crystal_id             1 
# 
_diffrn_detector.diffrn_id              1 
_diffrn_detector.detector               DIFFRACTOMETER 
_diffrn_detector.type                   WEISSENBERG 
_diffrn_detector.pdbx_collection_date   1995-01-01 
_diffrn_detector.details                ? 
# 
_diffrn_radiation.diffrn_id                        1 
_diffrn_radiation.wavelength_id                    1 
_diffrn_radiation.pdbx_monochromatic_or_laue_m_l   M 
_diffrn_radiation.monochromator                    'TRIANGULAR TILT-CUT Si CRYSTAL' 
_diffrn_radiation.pdbx_diffrn_protocol             'SINGLE WAVELENGTH' 
_diffrn_radiation.pdbx_scattering_type             x-ray 
# 
_diffrn_radiation_wavelength.id           1 
_diffrn_radiation_wavelength.wavelength   1.04 
_diffrn_radiation_wavelength.wt           1.0 
# 
_diffrn_source.diffrn_id                   1 
_diffrn_source.source                      SYNCHROTRON 
_diffrn_source.type                        'PHOTON FACTORY BEAMLINE BL-6A' 
_diffrn_source.pdbx_synchrotron_site       'Photon Factory' 
_diffrn_source.pdbx_synchrotron_beamline   BL-6A 
_diffrn_source.pdbx_wavelength             ? 
_diffrn_source.pdbx_wavelength_list        1.04 
# 
_reflns.entry_id                     4HE7 
_reflns.observed_criterion_sigma_I   1.0 
_reflns.observed_criterion_sigma_F   1.0 
_reflns.d_resolution_low             42.8 
_reflns.d_resolution_high            1.80 
_reflns.number_obs                   6728 
_reflns.number_all                   6015 
_reflns.percent_possible_obs         89.4 
_reflns.pdbx_Rmerge_I_obs            ? 
_reflns.pdbx_Rsym_value              ? 
_reflns.pdbx_netI_over_sigmaI        ? 
_reflns.B_iso_Wilson_estimate        ? 
_reflns.pdbx_redundancy              ? 
_reflns.R_free_details               ? 
_reflns.limit_h_max                  ? 
_reflns.limit_h_min                  ? 
_reflns.limit_k_max                  ? 
_reflns.limit_k_min                  ? 
_reflns.limit_l_max                  ? 
_reflns.limit_l_min                  ? 
_reflns.observed_criterion_F_max     ? 
_reflns.observed_criterion_F_min     ? 
_reflns.pdbx_chi_squared             ? 
_reflns.pdbx_scaling_rejects         ? 
_reflns.pdbx_ordinal                 1 
_reflns.pdbx_diffrn_id               1 
# 
_reflns_shell.d_res_high                  1.800 
_reflns_shell.d_res_low                   1.847 
_reflns_shell.percent_possible_all        83.1 
_reflns_shell.Rmerge_I_obs                ? 
_reflns_shell.pdbx_Rsym_value             ? 
_reflns_shell.meanI_over_sigI_obs         ? 
_reflns_shell.pdbx_redundancy             ? 
_reflns_shell.percent_possible_obs        ? 
_reflns_shell.number_unique_all           ? 
_reflns_shell.number_measured_all         ? 
_reflns_shell.number_measured_obs         ? 
_reflns_shell.number_unique_obs           ? 
_reflns_shell.pdbx_chi_squared            ? 
_reflns_shell.pdbx_rejects                ? 
_reflns_shell.pdbx_netI_over_sigmaI_obs   ? 
_reflns_shell.number_possible             ? 
_reflns_shell.Rmerge_F_all                ? 
_reflns_shell.Rmerge_F_obs                ? 
_reflns_shell.Rmerge_I_all                ? 
_reflns_shell.meanI_over_sigI_all         ? 
_reflns_shell.pdbx_Rrim_I_all             ? 
_reflns_shell.pdbx_Rpim_I_all             ? 
_reflns_shell.pdbx_ordinal                1 
_reflns_shell.pdbx_diffrn_id              1 
# 
_refine.entry_id                                 4HE7 
_refine.ls_number_reflns_obs                     4890 
_refine.ls_number_reflns_all                     5265 
_refine.pdbx_ls_sigma_I                          ? 
_refine.pdbx_ls_sigma_F                          2.52 
_refine.pdbx_data_cutoff_high_absF               ? 
_refine.pdbx_data_cutoff_low_absF                ? 
_refine.pdbx_data_cutoff_high_rms_absF           ? 
_refine.ls_d_res_low                             42.80 
_refine.ls_d_res_high                            1.80 
_refine.ls_percent_reflns_obs                    92.88 
_refine.ls_R_factor_obs                          0.21933 
_refine.ls_R_factor_all                          0.21933 
_refine.ls_R_factor_R_work                       0.21761 
_refine.ls_R_factor_R_free                       0.25162 
_refine.ls_R_factor_R_free_error                 ? 
_refine.ls_R_factor_R_free_error_details         ? 
_refine.ls_percent_reflns_R_free                 5.1 
_refine.ls_number_reflns_R_free                  263 
_refine.ls_number_parameters                     ? 
_refine.ls_number_restraints                     ? 
_refine.occupancy_min                            ? 
_refine.occupancy_max                            ? 
_refine.correlation_coeff_Fo_to_Fc               0.951 
_refine.correlation_coeff_Fo_to_Fc_free          0.938 
_refine.B_iso_mean                               37.154 
_refine.aniso_B[1][1]                            0.37 
_refine.aniso_B[2][2]                            0.37 
_refine.aniso_B[3][3]                            -0.73 
_refine.aniso_B[1][2]                            -0.00 
_refine.aniso_B[1][3]                            0.00 
_refine.aniso_B[2][3]                            -0.00 
_refine.solvent_model_details                    MASK 
_refine.solvent_model_param_ksol                 ? 
_refine.solvent_model_param_bsol                 ? 
_refine.pdbx_solvent_vdw_probe_radii             1.20 
_refine.pdbx_solvent_ion_probe_radii             0.80 
_refine.pdbx_solvent_shrinkage_radii             0.80 
_refine.pdbx_ls_cross_valid_method               THROUGHOUT 
_refine.details                                  'HYDROGENS HAVE BEEN ADDED IN THE RIDING POSITIONS' 
_refine.pdbx_starting_model                      'PDB ENTRY 2BRZ' 
_refine.pdbx_method_to_determine_struct          'MOLECULAR REPLACEMENT' 
_refine.pdbx_isotropic_thermal_model             ? 
_refine.pdbx_stereochemistry_target_values       'MAXIMUM LIKELIHOOD' 
_refine.pdbx_stereochem_target_val_spec_case     ? 
_refine.pdbx_R_Free_selection_details            RANDOM 
_refine.pdbx_overall_ESU_R                       0.159 
_refine.pdbx_overall_ESU_R_Free                  0.145 
_refine.overall_SU_ML                            0.126 
_refine.pdbx_overall_phase_error                 ? 
_refine.overall_SU_B                             9.426 
_refine.overall_SU_R_Cruickshank_DPI             ? 
_refine.ls_redundancy_reflns_obs                 ? 
_refine.B_iso_min                                ? 
_refine.B_iso_max                                ? 
_refine.overall_SU_R_free                        ? 
_refine.ls_wR_factor_R_free                      ? 
_refine.ls_wR_factor_R_work                      ? 
_refine.overall_FOM_free_R_set                   ? 
_refine.overall_FOM_work_R_set                   ? 
_refine.pdbx_diffrn_id                           1 
_refine.pdbx_refine_id                           'X-RAY DIFFRACTION' 
_refine.pdbx_TLS_residual_ADP_flag               ? 
_refine.pdbx_overall_SU_R_free_Cruickshank_DPI   ? 
_refine.pdbx_overall_SU_R_Blow_DPI               ? 
_refine.pdbx_overall_SU_R_free_Blow_DPI          ? 
# 
_refine_hist.pdbx_refine_id                   'X-RAY DIFFRACTION' 
_refine_hist.cycle_id                         LAST 
_refine_hist.pdbx_number_atoms_protein        449 
_refine_hist.pdbx_number_atoms_nucleic_acid   0 
_refine_hist.pdbx_number_atoms_ligand         1 
_refine_hist.number_atoms_solvent             13 
_refine_hist.number_atoms_total               463 
_refine_hist.d_res_high                       1.80 
_refine_hist.d_res_low                        42.80 
# 
loop_
_refine_ls_restr.type 
_refine_ls_restr.dev_ideal 
_refine_ls_restr.dev_ideal_target 
_refine_ls_restr.weight 
_refine_ls_restr.number 
_refine_ls_restr.pdbx_restraint_function 
_refine_ls_restr.pdbx_refine_id 
r_bond_refined_d       0.018  0.020  ? 462 ? 'X-RAY DIFFRACTION' 
r_bond_other_d         0.002  0.020  ? 411 ? 'X-RAY DIFFRACTION' 
r_angle_refined_deg    2.124  1.974  ? 622 ? 'X-RAY DIFFRACTION' 
r_angle_other_deg      1.000  3.017  ? 946 ? 'X-RAY DIFFRACTION' 
r_dihedral_angle_1_deg 7.664  5.000  ? 53  ? 'X-RAY DIFFRACTION' 
r_dihedral_angle_2_deg 39.193 25.385 ? 26  ? 'X-RAY DIFFRACTION' 
r_dihedral_angle_3_deg 18.261 15.000 ? 85  ? 'X-RAY DIFFRACTION' 
r_dihedral_angle_4_deg 9.276  15.000 ? 2   ? 'X-RAY DIFFRACTION' 
r_chiral_restr         0.124  0.200  ? 59  ? 'X-RAY DIFFRACTION' 
r_gen_planes_refined   0.008  0.020  ? 529 ? 'X-RAY DIFFRACTION' 
r_gen_planes_other     0.001  0.020  ? 107 ? 'X-RAY DIFFRACTION' 
# 
_refine_ls_shell.pdbx_refine_id                   'X-RAY DIFFRACTION' 
_refine_ls_shell.pdbx_total_number_of_bins_used   20 
_refine_ls_shell.d_res_high                       1.800 
_refine_ls_shell.d_res_low                        1.847 
_refine_ls_shell.number_reflns_R_work             309 
_refine_ls_shell.R_factor_R_work                  0.376 
_refine_ls_shell.percent_reflns_obs               83.08 
_refine_ls_shell.R_factor_R_free                  0.413 
_refine_ls_shell.R_factor_R_free_error            ? 
_refine_ls_shell.percent_reflns_R_free            ? 
_refine_ls_shell.number_reflns_R_free             15 
_refine_ls_shell.number_reflns_all                ? 
_refine_ls_shell.R_factor_all                     ? 
_refine_ls_shell.number_reflns_obs                ? 
_refine_ls_shell.redundancy_reflns_obs            ? 
# 
_struct.entry_id                  4HE7 
_struct.title                     'Crystal Structure of Brazzein' 
_struct.pdbx_model_details        ? 
_struct.pdbx_CASP_flag            ? 
_struct.pdbx_model_type_details   ? 
# 
_struct_keywords.entry_id        4HE7 
_struct_keywords.pdbx_keywords   'PLANT PROTEIN' 
_struct_keywords.text            'Sweet-Tasting Protein, PLANT PROTEIN' 
# 
loop_
_struct_asym.id 
_struct_asym.pdbx_blank_PDB_chainid_flag 
_struct_asym.pdbx_modified 
_struct_asym.entity_id 
_struct_asym.details 
A N N 1 ? 
B N N 2 ? 
C N N 3 ? 
# 
_struct_ref.id                         1 
_struct_ref.db_name                    UNP 
_struct_ref.db_code                    DEF_PENBA 
_struct_ref.pdbx_db_accession          P56552 
_struct_ref.entity_id                  1 
_struct_ref.pdbx_seq_one_letter_code   QDKCKKVYENYPVSKCQLANQCNYDCKLDKHARSGECFYDEKRNLQCICDYCEY 
_struct_ref.pdbx_align_begin           1 
_struct_ref.pdbx_db_isoform            ? 
# 
_struct_ref_seq.align_id                      1 
_struct_ref_seq.ref_id                        1 
_struct_ref_seq.pdbx_PDB_id_code              4HE7 
_struct_ref_seq.pdbx_strand_id                A 
_struct_ref_seq.seq_align_beg                 1 
_struct_ref_seq.pdbx_seq_align_beg_ins_code   ? 
_struct_ref_seq.seq_align_end                 54 
_struct_ref_seq.pdbx_seq_align_end_ins_code   ? 
_struct_ref_seq.pdbx_db_accession             P56552 
_struct_ref_seq.db_align_beg                  1 
_struct_ref_seq.pdbx_db_align_beg_ins_code    ? 
_struct_ref_seq.db_align_end                  54 
_struct_ref_seq.pdbx_db_align_end_ins_code    ? 
_struct_ref_seq.pdbx_auth_seq_align_beg       1 
_struct_ref_seq.pdbx_auth_seq_align_end       54 
# 
_pdbx_struct_assembly.id                   1 
_pdbx_struct_assembly.details              author_and_software_defined_assembly 
_pdbx_struct_assembly.method_details       PISA 
_pdbx_struct_assembly.oligomeric_details   monomeric 
_pdbx_struct_assembly.oligomeric_count     1 
# 
_pdbx_struct_assembly_gen.assembly_id       1 
_pdbx_struct_assembly_gen.oper_expression   1 
_pdbx_struct_assembly_gen.asym_id_list      A,B,C 
# 
_pdbx_struct_oper_list.id                   1 
_pdbx_struct_oper_list.type                 'identity operation' 
_pdbx_struct_oper_list.name                 1_555 
_pdbx_struct_oper_list.symmetry_operation   x,y,z 
_pdbx_struct_oper_list.matrix[1][1]         1.0000000000 
_pdbx_struct_oper_list.matrix[1][2]         0.0000000000 
_pdbx_struct_oper_list.matrix[1][3]         0.0000000000 
_pdbx_struct_oper_list.vector[1]            0.0000000000 
_pdbx_struct_oper_list.matrix[2][1]         0.0000000000 
_pdbx_struct_oper_list.matrix[2][2]         1.0000000000 
_pdbx_struct_oper_list.matrix[2][3]         0.0000000000 
_pdbx_struct_oper_list.vector[2]            0.0000000000 
_pdbx_struct_oper_list.matrix[3][1]         0.0000000000 
_pdbx_struct_oper_list.matrix[3][2]         0.0000000000 
_pdbx_struct_oper_list.matrix[3][3]         1.0000000000 
_pdbx_struct_oper_list.vector[3]            0.0000000000 
# 
loop_
_struct_conf.conf_type_id 
_struct_conf.id 
_struct_conf.pdbx_PDB_helix_id 
_struct_conf.beg_label_comp_id 
_struct_conf.beg_label_asym_id 
_struct_conf.beg_label_seq_id 
_struct_conf.pdbx_beg_PDB_ins_code 
_struct_conf.end_label_comp_id 
_struct_conf.end_label_asym_id 
_struct_conf.end_label_seq_id 
_struct_conf.pdbx_end_PDB_ins_code 
_struct_conf.beg_auth_comp_id 
_struct_conf.beg_auth_asym_id 
_struct_conf.beg_auth_seq_id 
_struct_conf.end_auth_comp_id 
_struct_conf.end_auth_asym_id 
_struct_conf.end_auth_seq_id 
_struct_conf.pdbx_PDB_helix_class 
_struct_conf.details 
_struct_conf.pdbx_PDB_helix_length 
HELX_P HELX_P1 1 PRO A 12 ? GLN A 17 ? PRO A 12 GLN A 17 1 ? 6  
HELX_P HELX_P2 2 ASN A 20 ? HIS A 31 ? ASN A 20 HIS A 31 1 ? 12 
# 
_struct_conf_type.id          HELX_P 
_struct_conf_type.criteria    ? 
_struct_conf_type.reference   ? 
# 
loop_
_struct_conn.id 
_struct_conn.conn_type_id 
_struct_conn.pdbx_leaving_atom_flag 
_struct_conn.pdbx_PDB_id 
_struct_conn.ptnr1_label_asym_id 
_struct_conn.ptnr1_label_comp_id 
_struct_conn.ptnr1_label_seq_id 
_struct_conn.ptnr1_label_atom_id 
_struct_conn.pdbx_ptnr1_label_alt_id 
_struct_conn.pdbx_ptnr1_PDB_ins_code 
_struct_conn.pdbx_ptnr1_standard_comp_id 
_struct_conn.ptnr1_symmetry 
_struct_conn.ptnr2_label_asym_id 
_struct_conn.ptnr2_label_comp_id 
_struct_conn.ptnr2_label_seq_id 
_struct_conn.ptnr2_label_atom_id 
_struct_conn.pdbx_ptnr2_label_alt_id 
_struct_conn.pdbx_ptnr2_PDB_ins_code 
_struct_conn.ptnr1_auth_asym_id 
_struct_conn.ptnr1_auth_comp_id 
_struct_conn.ptnr1_auth_seq_id 
_struct_conn.ptnr2_auth_asym_id 
_struct_conn.ptnr2_auth_comp_id 
_struct_conn.ptnr2_auth_seq_id 
_struct_conn.ptnr2_symmetry 
_struct_conn.pdbx_ptnr3_label_atom_id 
_struct_conn.pdbx_ptnr3_label_seq_id 
_struct_conn.pdbx_ptnr3_label_comp_id 
_struct_conn.pdbx_ptnr3_label_asym_id 
_struct_conn.pdbx_ptnr3_label_alt_id 
_struct_conn.pdbx_ptnr3_PDB_ins_code 
_struct_conn.details 
_struct_conn.pdbx_dist_value 
_struct_conn.pdbx_value_order 
_struct_conn.pdbx_role 
disulf1 disulf ?    ? A CYS 4  SG ? ? ? 1_555 A CYS 52 SG ? ? A CYS 4  A CYS 52 1_555 ? ? ? ? ? ? ? 2.027 ? ? 
disulf2 disulf ?    ? A CYS 16 SG ? ? ? 1_555 A CYS 37 SG ? ? A CYS 16 A CYS 37 1_555 ? ? ? ? ? ? ? 2.038 ? ? 
disulf3 disulf ?    ? A CYS 22 SG ? ? ? 1_555 A CYS 47 SG ? ? A CYS 22 A CYS 47 1_555 ? ? ? ? ? ? ? 1.991 ? ? 
disulf4 disulf ?    ? A CYS 26 SG ? ? ? 1_555 A CYS 49 SG ? ? A CYS 26 A CYS 49 1_555 ? ? ? ? ? ? ? 2.003 ? ? 
covale1 covale both ? A PCA 1  C  ? ? ? 1_555 A ASP 2  N  ? ? A PCA 1  A ASP 2  1_555 ? ? ? ? ? ? ? 1.327 ? ? 
# 
loop_
_struct_conn_type.id 
_struct_conn_type.criteria 
_struct_conn_type.reference 
disulf ? ? 
covale ? ? 
# 
loop_
_pdbx_modification_feature.ordinal 
_pdbx_modification_feature.label_comp_id 
_pdbx_modification_feature.label_asym_id 
_pdbx_modification_feature.label_seq_id 
_pdbx_modification_feature.label_alt_id 
_pdbx_modification_feature.modified_residue_label_comp_id 
_pdbx_modification_feature.modified_residue_label_asym_id 
_pdbx_modification_feature.modified_residue_label_seq_id 
_pdbx_modification_feature.modified_residue_label_alt_id 
_pdbx_modification_feature.auth_comp_id 
_pdbx_modification_feature.auth_asym_id 
_pdbx_modification_feature.auth_seq_id 
_pdbx_modification_feature.PDB_ins_code 
_pdbx_modification_feature.symmetry 
_pdbx_modification_feature.modified_residue_auth_comp_id 
_pdbx_modification_feature.modified_residue_auth_asym_id 
_pdbx_modification_feature.modified_residue_auth_seq_id 
_pdbx_modification_feature.modified_residue_PDB_ins_code 
_pdbx_modification_feature.modified_residue_symmetry 
_pdbx_modification_feature.comp_id_linking_atom 
_pdbx_modification_feature.modified_residue_id_linking_atom 
_pdbx_modification_feature.modified_residue_id 
_pdbx_modification_feature.ref_pcm_id 
_pdbx_modification_feature.ref_comp_id 
_pdbx_modification_feature.type 
_pdbx_modification_feature.category 
1 PCA A 1  ? .   . .  . PCA A 1  ? 1_555 .   . .  . .     .  .  GLN 1 PCA 'Pyrrolidone carboxylic acid' 
'Named protein modification' 
2 CYS A 4  ? CYS A 52 ? CYS A 4  ? 1_555 CYS A 52 ? 1_555 SG SG .   . .   None                          'Disulfide bridge' 
3 CYS A 16 ? CYS A 37 ? CYS A 16 ? 1_555 CYS A 37 ? 1_555 SG SG .   . .   None                          'Disulfide bridge' 
4 CYS A 22 ? CYS A 47 ? CYS A 22 ? 1_555 CYS A 47 ? 1_555 SG SG .   . .   None                          'Disulfide bridge' 
5 CYS A 26 ? CYS A 49 ? CYS A 26 ? 1_555 CYS A 49 ? 1_555 SG SG .   . .   None                          'Disulfide bridge' 
# 
_struct_sheet.id               A 
_struct_sheet.type             ? 
_struct_sheet.number_strands   3 
_struct_sheet.details          ? 
# 
loop_
_struct_sheet_order.sheet_id 
_struct_sheet_order.range_id_1 
_struct_sheet_order.range_id_2 
_struct_sheet_order.offset 
_struct_sheet_order.sense 
A 1 2 ? anti-parallel 
A 2 3 ? anti-parallel 
# 
loop_
_struct_sheet_range.sheet_id 
_struct_sheet_range.id 
_struct_sheet_range.beg_label_comp_id 
_struct_sheet_range.beg_label_asym_id 
_struct_sheet_range.beg_label_seq_id 
_struct_sheet_range.pdbx_beg_PDB_ins_code 
_struct_sheet_range.end_label_comp_id 
_struct_sheet_range.end_label_asym_id 
_struct_sheet_range.end_label_seq_id 
_struct_sheet_range.pdbx_end_PDB_ins_code 
_struct_sheet_range.beg_auth_comp_id 
_struct_sheet_range.beg_auth_asym_id 
_struct_sheet_range.beg_auth_seq_id 
_struct_sheet_range.end_auth_comp_id 
_struct_sheet_range.end_auth_asym_id 
_struct_sheet_range.end_auth_seq_id 
A 1 LYS A 5  ? VAL A 7  ? LYS A 5  VAL A 7  
A 2 LEU A 45 ? ASP A 50 ? LEU A 45 ASP A 50 
A 3 SER A 34 ? TYR A 39 ? SER A 34 TYR A 39 
# 
loop_
_pdbx_struct_sheet_hbond.sheet_id 
_pdbx_struct_sheet_hbond.range_id_1 
_pdbx_struct_sheet_hbond.range_id_2 
_pdbx_struct_sheet_hbond.range_1_label_atom_id 
_pdbx_struct_sheet_hbond.range_1_label_comp_id 
_pdbx_struct_sheet_hbond.range_1_label_asym_id 
_pdbx_struct_sheet_hbond.range_1_label_seq_id 
_pdbx_struct_sheet_hbond.range_1_PDB_ins_code 
_pdbx_struct_sheet_hbond.range_1_auth_atom_id 
_pdbx_struct_sheet_hbond.range_1_auth_comp_id 
_pdbx_struct_sheet_hbond.range_1_auth_asym_id 
_pdbx_struct_sheet_hbond.range_1_auth_seq_id 
_pdbx_struct_sheet_hbond.range_2_label_atom_id 
_pdbx_struct_sheet_hbond.range_2_label_comp_id 
_pdbx_struct_sheet_hbond.range_2_label_asym_id 
_pdbx_struct_sheet_hbond.range_2_label_seq_id 
_pdbx_struct_sheet_hbond.range_2_PDB_ins_code 
_pdbx_struct_sheet_hbond.range_2_auth_atom_id 
_pdbx_struct_sheet_hbond.range_2_auth_comp_id 
_pdbx_struct_sheet_hbond.range_2_auth_asym_id 
_pdbx_struct_sheet_hbond.range_2_auth_seq_id 
A 1 2 N LYS A 6  ? N LYS A 6  O CYS A 49 ? O CYS A 49 
A 2 3 O ASP A 50 ? O ASP A 50 N SER A 34 ? N SER A 34 
# 
_struct_site.id                   AC1 
_struct_site.pdbx_evidence_code   Software 
_struct_site.pdbx_auth_asym_id    A 
_struct_site.pdbx_auth_comp_id    NA 
_struct_site.pdbx_auth_seq_id     100 
_struct_site.pdbx_auth_ins_code   ? 
_struct_site.pdbx_num_residues    2 
_struct_site.details              'BINDING SITE FOR RESIDUE NA A 100' 
# 
loop_
_struct_site_gen.id 
_struct_site_gen.site_id 
_struct_site_gen.pdbx_num_res 
_struct_site_gen.label_comp_id 
_struct_site_gen.label_asym_id 
_struct_site_gen.label_seq_id 
_struct_site_gen.pdbx_auth_ins_code 
_struct_site_gen.auth_comp_id 
_struct_site_gen.auth_asym_id 
_struct_site_gen.auth_seq_id 
_struct_site_gen.label_atom_id 
_struct_site_gen.label_alt_id 
_struct_site_gen.symmetry 
_struct_site_gen.details 
1 AC1 2 ASN A 20 ? ASN A 20 . ? 7_545 ? 
2 AC1 2 ASN A 20 ? ASN A 20 . ? 1_555 ? 
# 
_pdbx_entry_details.entry_id                   4HE7 
_pdbx_entry_details.compound_details           ? 
_pdbx_entry_details.source_details             ? 
_pdbx_entry_details.nonpolymer_details         ? 
_pdbx_entry_details.sequence_details           ? 
_pdbx_entry_details.has_ligand_of_interest     ? 
_pdbx_entry_details.has_protein_modification   Y 
# 
_pdbx_validate_torsion.id              1 
_pdbx_validate_torsion.PDB_model_num   1 
_pdbx_validate_torsion.auth_comp_id    ASN 
_pdbx_validate_torsion.auth_asym_id    A 
_pdbx_validate_torsion.auth_seq_id     20 
_pdbx_validate_torsion.PDB_ins_code    ? 
_pdbx_validate_torsion.label_alt_id    ? 
_pdbx_validate_torsion.phi             79.78 
_pdbx_validate_torsion.psi             -17.34 
# 
_pdbx_struct_mod_residue.id               1 
_pdbx_struct_mod_residue.label_asym_id    A 
_pdbx_struct_mod_residue.label_comp_id    PCA 
_pdbx_struct_mod_residue.label_seq_id     1 
_pdbx_struct_mod_residue.auth_asym_id     A 
_pdbx_struct_mod_residue.auth_comp_id     PCA 
_pdbx_struct_mod_residue.auth_seq_id      1 
_pdbx_struct_mod_residue.PDB_ins_code     ? 
_pdbx_struct_mod_residue.parent_comp_id   GLN 
_pdbx_struct_mod_residue.details          'PYROGLUTAMIC ACID' 
# 
_pdbx_struct_special_symmetry.id              1 
_pdbx_struct_special_symmetry.PDB_model_num   1 
_pdbx_struct_special_symmetry.auth_asym_id    A 
_pdbx_struct_special_symmetry.auth_comp_id    NA 
_pdbx_struct_special_symmetry.auth_seq_id     100 
_pdbx_struct_special_symmetry.PDB_ins_code    ? 
_pdbx_struct_special_symmetry.label_asym_id   B 
_pdbx_struct_special_symmetry.label_comp_id   NA 
_pdbx_struct_special_symmetry.label_seq_id    . 
# 
loop_
_pdbx_refine_tls.pdbx_refine_id 
_pdbx_refine_tls.id 
_pdbx_refine_tls.details 
_pdbx_refine_tls.method 
_pdbx_refine_tls.origin_x 
_pdbx_refine_tls.origin_y 
_pdbx_refine_tls.origin_z 
_pdbx_refine_tls.T[1][1] 
_pdbx_refine_tls.T[2][2] 
_pdbx_refine_tls.T[3][3] 
_pdbx_refine_tls.T[1][2] 
_pdbx_refine_tls.T[1][3] 
_pdbx_refine_tls.T[2][3] 
_pdbx_refine_tls.L[1][1] 
_pdbx_refine_tls.L[2][2] 
_pdbx_refine_tls.L[3][3] 
_pdbx_refine_tls.L[1][2] 
_pdbx_refine_tls.L[1][3] 
_pdbx_refine_tls.L[2][3] 
_pdbx_refine_tls.S[1][1] 
_pdbx_refine_tls.S[2][2] 
_pdbx_refine_tls.S[3][3] 
_pdbx_refine_tls.S[1][2] 
_pdbx_refine_tls.S[1][3] 
_pdbx_refine_tls.S[2][3] 
_pdbx_refine_tls.S[2][1] 
_pdbx_refine_tls.S[3][1] 
_pdbx_refine_tls.S[3][2] 
'X-RAY DIFFRACTION' 1 ? refined 8.7370  5.0346  8.4583  0.0587 0.1307 0.1776 -0.0628 -0.0886 0.0749 12.5160 4.8787  21.3030 7.1149  13.1443 4.9876  0.5753 -0.3154 -0.2600 -0.2391 -0.7034 -0.5875 0.4607  0.2460  0.2039  
'X-RAY DIFFRACTION' 2 ? refined 2.0335  -5.8951 3.5286  0.2462 0.6998 0.2375 -0.3564 -0.2082 0.3635 12.2322 25.4421 9.3208  4.9806  -7.8770 -3.9102 0.8050 -1.2618 0.4568  -2.1422 -1.3410 -1.5243 0.9684  0.2721  0.2478  
'X-RAY DIFFRACTION' 3 ? refined -5.7027 -2.9480 -5.7968 0.1130 0.1807 0.1543 -0.1041 -0.0806 0.0780 0.2659  7.7108  3.0615  -0.5267 0.6883  -0.0139 0.1564 -0.0102 -0.1462 -0.1663 -0.1115 0.0082  -0.1386 0.3197  -0.3515 
'X-RAY DIFFRACTION' 4 ? refined -0.6758 0.9021  0.7320  0.0800 0.1105 0.0553 -0.0796 -0.0507 0.0494 4.6549  2.4077  2.8349  -0.4632 -2.1492 1.2450  0.2956 -0.1801 -0.1155 -0.0304 -0.0734 -0.2281 0.1114  0.0860  -0.3595 
'X-RAY DIFFRACTION' 5 ? refined 3.3391  1.4424  -0.5836 0.1296 0.1057 0.1904 -0.1148 -0.1424 0.1376 5.4171  6.3928  9.7778  0.7775  -4.4469 5.5582  0.3665 -0.2646 -0.1019 -0.3854 -0.5409 -0.6042 0.1547  -0.1516 0.0680  
# 
loop_
_pdbx_refine_tls_group.pdbx_refine_id 
_pdbx_refine_tls_group.id 
_pdbx_refine_tls_group.refine_tls_id 
_pdbx_refine_tls_group.beg_auth_asym_id 
_pdbx_refine_tls_group.beg_auth_seq_id 
_pdbx_refine_tls_group.end_auth_asym_id 
_pdbx_refine_tls_group.end_auth_seq_id 
_pdbx_refine_tls_group.selection_details 
_pdbx_refine_tls_group.beg_label_asym_id 
_pdbx_refine_tls_group.beg_label_seq_id 
_pdbx_refine_tls_group.end_label_asym_id 
_pdbx_refine_tls_group.end_label_seq_id 
_pdbx_refine_tls_group.selection 
'X-RAY DIFFRACTION' 1 1 A 1  A 5  ? . . . . ? 
'X-RAY DIFFRACTION' 2 2 A 6  A 10 ? . . . . ? 
'X-RAY DIFFRACTION' 3 3 A 11 A 23 ? . . . . ? 
'X-RAY DIFFRACTION' 4 4 A 24 A 42 ? . . . . ? 
'X-RAY DIFFRACTION' 5 5 A 43 A 54 ? . . . . ? 
# 
loop_
_chem_comp_atom.comp_id 
_chem_comp_atom.atom_id 
_chem_comp_atom.type_symbol 
_chem_comp_atom.pdbx_aromatic_flag 
_chem_comp_atom.pdbx_stereo_config 
_chem_comp_atom.pdbx_ordinal 
ALA N    N  N N 1   
ALA CA   C  N S 2   
ALA C    C  N N 3   
ALA O    O  N N 4   
ALA CB   C  N N 5   
ALA OXT  O  N N 6   
ALA H    H  N N 7   
ALA H2   H  N N 8   
ALA HA   H  N N 9   
ALA HB1  H  N N 10  
ALA HB2  H  N N 11  
ALA HB3  H  N N 12  
ALA HXT  H  N N 13  
ARG N    N  N N 14  
ARG CA   C  N S 15  
ARG C    C  N N 16  
ARG O    O  N N 17  
ARG CB   C  N N 18  
ARG CG   C  N N 19  
ARG CD   C  N N 20  
ARG NE   N  N N 21  
ARG CZ   C  N N 22  
ARG NH1  N  N N 23  
ARG NH2  N  N N 24  
ARG OXT  O  N N 25  
ARG H    H  N N 26  
ARG H2   H  N N 27  
ARG HA   H  N N 28  
ARG HB2  H  N N 29  
ARG HB3  H  N N 30  
ARG HG2  H  N N 31  
ARG HG3  H  N N 32  
ARG HD2  H  N N 33  
ARG HD3  H  N N 34  
ARG HE   H  N N 35  
ARG HH11 H  N N 36  
ARG HH12 H  N N 37  
ARG HH21 H  N N 38  
ARG HH22 H  N N 39  
ARG HXT  H  N N 40  
ASN N    N  N N 41  
ASN CA   C  N S 42  
ASN C    C  N N 43  
ASN O    O  N N 44  
ASN CB   C  N N 45  
ASN CG   C  N N 46  
ASN OD1  O  N N 47  
ASN ND2  N  N N 48  
ASN OXT  O  N N 49  
ASN H    H  N N 50  
ASN H2   H  N N 51  
ASN HA   H  N N 52  
ASN HB2  H  N N 53  
ASN HB3  H  N N 54  
ASN HD21 H  N N 55  
ASN HD22 H  N N 56  
ASN HXT  H  N N 57  
ASP N    N  N N 58  
ASP CA   C  N S 59  
ASP C    C  N N 60  
ASP O    O  N N 61  
ASP CB   C  N N 62  
ASP CG   C  N N 63  
ASP OD1  O  N N 64  
ASP OD2  O  N N 65  
ASP OXT  O  N N 66  
ASP H    H  N N 67  
ASP H2   H  N N 68  
ASP HA   H  N N 69  
ASP HB2  H  N N 70  
ASP HB3  H  N N 71  
ASP HD2  H  N N 72  
ASP HXT  H  N N 73  
CYS N    N  N N 74  
CYS CA   C  N R 75  
CYS C    C  N N 76  
CYS O    O  N N 77  
CYS CB   C  N N 78  
CYS SG   S  N N 79  
CYS OXT  O  N N 80  
CYS H    H  N N 81  
CYS H2   H  N N 82  
CYS HA   H  N N 83  
CYS HB2  H  N N 84  
CYS HB3  H  N N 85  
CYS HG   H  N N 86  
CYS HXT  H  N N 87  
GLN N    N  N N 88  
GLN CA   C  N S 89  
GLN C    C  N N 90  
GLN O    O  N N 91  
GLN CB   C  N N 92  
GLN CG   C  N N 93  
GLN CD   C  N N 94  
GLN OE1  O  N N 95  
GLN NE2  N  N N 96  
GLN OXT  O  N N 97  
GLN H    H  N N 98  
GLN H2   H  N N 99  
GLN HA   H  N N 100 
GLN HB2  H  N N 101 
GLN HB3  H  N N 102 
GLN HG2  H  N N 103 
GLN HG3  H  N N 104 
GLN HE21 H  N N 105 
GLN HE22 H  N N 106 
GLN HXT  H  N N 107 
GLU N    N  N N 108 
GLU CA   C  N S 109 
GLU C    C  N N 110 
GLU O    O  N N 111 
GLU CB   C  N N 112 
GLU CG   C  N N 113 
GLU CD   C  N N 114 
GLU OE1  O  N N 115 
GLU OE2  O  N N 116 
GLU OXT  O  N N 117 
GLU H    H  N N 118 
GLU H2   H  N N 119 
GLU HA   H  N N 120 
GLU HB2  H  N N 121 
GLU HB3  H  N N 122 
GLU HG2  H  N N 123 
GLU HG3  H  N N 124 
GLU HE2  H  N N 125 
GLU HXT  H  N N 126 
GLY N    N  N N 127 
GLY CA   C  N N 128 
GLY C    C  N N 129 
GLY O    O  N N 130 
GLY OXT  O  N N 131 
GLY H    H  N N 132 
GLY H2   H  N N 133 
GLY HA2  H  N N 134 
GLY HA3  H  N N 135 
GLY HXT  H  N N 136 
HIS N    N  N N 137 
HIS CA   C  N S 138 
HIS C    C  N N 139 
HIS O    O  N N 140 
HIS CB   C  N N 141 
HIS CG   C  Y N 142 
HIS ND1  N  Y N 143 
HIS CD2  C  Y N 144 
HIS CE1  C  Y N 145 
HIS NE2  N  Y N 146 
HIS OXT  O  N N 147 
HIS H    H  N N 148 
HIS H2   H  N N 149 
HIS HA   H  N N 150 
HIS HB2  H  N N 151 
HIS HB3  H  N N 152 
HIS HD1  H  N N 153 
HIS HD2  H  N N 154 
HIS HE1  H  N N 155 
HIS HE2  H  N N 156 
HIS HXT  H  N N 157 
HOH O    O  N N 158 
HOH H1   H  N N 159 
HOH H2   H  N N 160 
ILE N    N  N N 161 
ILE CA   C  N S 162 
ILE C    C  N N 163 
ILE O    O  N N 164 
ILE CB   C  N S 165 
ILE CG1  C  N N 166 
ILE CG2  C  N N 167 
ILE CD1  C  N N 168 
ILE OXT  O  N N 169 
ILE H    H  N N 170 
ILE H2   H  N N 171 
ILE HA   H  N N 172 
ILE HB   H  N N 173 
ILE HG12 H  N N 174 
ILE HG13 H  N N 175 
ILE HG21 H  N N 176 
ILE HG22 H  N N 177 
ILE HG23 H  N N 178 
ILE HD11 H  N N 179 
ILE HD12 H  N N 180 
ILE HD13 H  N N 181 
ILE HXT  H  N N 182 
LEU N    N  N N 183 
LEU CA   C  N S 184 
LEU C    C  N N 185 
LEU O    O  N N 186 
LEU CB   C  N N 187 
LEU CG   C  N N 188 
LEU CD1  C  N N 189 
LEU CD2  C  N N 190 
LEU OXT  O  N N 191 
LEU H    H  N N 192 
LEU H2   H  N N 193 
LEU HA   H  N N 194 
LEU HB2  H  N N 195 
LEU HB3  H  N N 196 
LEU HG   H  N N 197 
LEU HD11 H  N N 198 
LEU HD12 H  N N 199 
LEU HD13 H  N N 200 
LEU HD21 H  N N 201 
LEU HD22 H  N N 202 
LEU HD23 H  N N 203 
LEU HXT  H  N N 204 
LYS N    N  N N 205 
LYS CA   C  N S 206 
LYS C    C  N N 207 
LYS O    O  N N 208 
LYS CB   C  N N 209 
LYS CG   C  N N 210 
LYS CD   C  N N 211 
LYS CE   C  N N 212 
LYS NZ   N  N N 213 
LYS OXT  O  N N 214 
LYS H    H  N N 215 
LYS H2   H  N N 216 
LYS HA   H  N N 217 
LYS HB2  H  N N 218 
LYS HB3  H  N N 219 
LYS HG2  H  N N 220 
LYS HG3  H  N N 221 
LYS HD2  H  N N 222 
LYS HD3  H  N N 223 
LYS HE2  H  N N 224 
LYS HE3  H  N N 225 
LYS HZ1  H  N N 226 
LYS HZ2  H  N N 227 
LYS HZ3  H  N N 228 
LYS HXT  H  N N 229 
NA  NA   NA N N 230 
PCA N    N  N N 231 
PCA CA   C  N S 232 
PCA CB   C  N N 233 
PCA CG   C  N N 234 
PCA CD   C  N N 235 
PCA OE   O  N N 236 
PCA C    C  N N 237 
PCA O    O  N N 238 
PCA OXT  O  N N 239 
PCA H    H  N N 240 
PCA HA   H  N N 241 
PCA HB2  H  N N 242 
PCA HB3  H  N N 243 
PCA HG2  H  N N 244 
PCA HG3  H  N N 245 
PCA HXT  H  N N 246 
PHE N    N  N N 247 
PHE CA   C  N S 248 
PHE C    C  N N 249 
PHE O    O  N N 250 
PHE CB   C  N N 251 
PHE CG   C  Y N 252 
PHE CD1  C  Y N 253 
PHE CD2  C  Y N 254 
PHE CE1  C  Y N 255 
PHE CE2  C  Y N 256 
PHE CZ   C  Y N 257 
PHE OXT  O  N N 258 
PHE H    H  N N 259 
PHE H2   H  N N 260 
PHE HA   H  N N 261 
PHE HB2  H  N N 262 
PHE HB3  H  N N 263 
PHE HD1  H  N N 264 
PHE HD2  H  N N 265 
PHE HE1  H  N N 266 
PHE HE2  H  N N 267 
PHE HZ   H  N N 268 
PHE HXT  H  N N 269 
PRO N    N  N N 270 
PRO CA   C  N S 271 
PRO C    C  N N 272 
PRO O    O  N N 273 
PRO CB   C  N N 274 
PRO CG   C  N N 275 
PRO CD   C  N N 276 
PRO OXT  O  N N 277 
PRO H    H  N N 278 
PRO HA   H  N N 279 
PRO HB2  H  N N 280 
PRO HB3  H  N N 281 
PRO HG2  H  N N 282 
PRO HG3  H  N N 283 
PRO HD2  H  N N 284 
PRO HD3  H  N N 285 
PRO HXT  H  N N 286 
SER N    N  N N 287 
SER CA   C  N S 288 
SER C    C  N N 289 
SER O    O  N N 290 
SER CB   C  N N 291 
SER OG   O  N N 292 
SER OXT  O  N N 293 
SER H    H  N N 294 
SER H2   H  N N 295 
SER HA   H  N N 296 
SER HB2  H  N N 297 
SER HB3  H  N N 298 
SER HG   H  N N 299 
SER HXT  H  N N 300 
TYR N    N  N N 301 
TYR CA   C  N S 302 
TYR C    C  N N 303 
TYR O    O  N N 304 
TYR CB   C  N N 305 
TYR CG   C  Y N 306 
TYR CD1  C  Y N 307 
TYR CD2  C  Y N 308 
TYR CE1  C  Y N 309 
TYR CE2  C  Y N 310 
TYR CZ   C  Y N 311 
TYR OH   O  N N 312 
TYR OXT  O  N N 313 
TYR H    H  N N 314 
TYR H2   H  N N 315 
TYR HA   H  N N 316 
TYR HB2  H  N N 317 
TYR HB3  H  N N 318 
TYR HD1  H  N N 319 
TYR HD2  H  N N 320 
TYR HE1  H  N N 321 
TYR HE2  H  N N 322 
TYR HH   H  N N 323 
TYR HXT  H  N N 324 
VAL N    N  N N 325 
VAL CA   C  N S 326 
VAL C    C  N N 327 
VAL O    O  N N 328 
VAL CB   C  N N 329 
VAL CG1  C  N N 330 
VAL CG2  C  N N 331 
VAL OXT  O  N N 332 
VAL H    H  N N 333 
VAL H2   H  N N 334 
VAL HA   H  N N 335 
VAL HB   H  N N 336 
VAL HG11 H  N N 337 
VAL HG12 H  N N 338 
VAL HG13 H  N N 339 
VAL HG21 H  N N 340 
VAL HG22 H  N N 341 
VAL HG23 H  N N 342 
VAL HXT  H  N N 343 
# 
loop_
_chem_comp_bond.comp_id 
_chem_comp_bond.atom_id_1 
_chem_comp_bond.atom_id_2 
_chem_comp_bond.value_order 
_chem_comp_bond.pdbx_aromatic_flag 
_chem_comp_bond.pdbx_stereo_config 
_chem_comp_bond.pdbx_ordinal 
ALA N   CA   sing N N 1   
ALA N   H    sing N N 2   
ALA N   H2   sing N N 3   
ALA CA  C    sing N N 4   
ALA CA  CB   sing N N 5   
ALA CA  HA   sing N N 6   
ALA C   O    doub N N 7   
ALA C   OXT  sing N N 8   
ALA CB  HB1  sing N N 9   
ALA CB  HB2  sing N N 10  
ALA CB  HB3  sing N N 11  
ALA OXT HXT  sing N N 12  
ARG N   CA   sing N N 13  
ARG N   H    sing N N 14  
ARG N   H2   sing N N 15  
ARG CA  C    sing N N 16  
ARG CA  CB   sing N N 17  
ARG CA  HA   sing N N 18  
ARG C   O    doub N N 19  
ARG C   OXT  sing N N 20  
ARG CB  CG   sing N N 21  
ARG CB  HB2  sing N N 22  
ARG CB  HB3  sing N N 23  
ARG CG  CD   sing N N 24  
ARG CG  HG2  sing N N 25  
ARG CG  HG3  sing N N 26  
ARG CD  NE   sing N N 27  
ARG CD  HD2  sing N N 28  
ARG CD  HD3  sing N N 29  
ARG NE  CZ   sing N N 30  
ARG NE  HE   sing N N 31  
ARG CZ  NH1  sing N N 32  
ARG CZ  NH2  doub N N 33  
ARG NH1 HH11 sing N N 34  
ARG NH1 HH12 sing N N 35  
ARG NH2 HH21 sing N N 36  
ARG NH2 HH22 sing N N 37  
ARG OXT HXT  sing N N 38  
ASN N   CA   sing N N 39  
ASN N   H    sing N N 40  
ASN N   H2   sing N N 41  
ASN CA  C    sing N N 42  
ASN CA  CB   sing N N 43  
ASN CA  HA   sing N N 44  
ASN C   O    doub N N 45  
ASN C   OXT  sing N N 46  
ASN CB  CG   sing N N 47  
ASN CB  HB2  sing N N 48  
ASN CB  HB3  sing N N 49  
ASN CG  OD1  doub N N 50  
ASN CG  ND2  sing N N 51  
ASN ND2 HD21 sing N N 52  
ASN ND2 HD22 sing N N 53  
ASN OXT HXT  sing N N 54  
ASP N   CA   sing N N 55  
ASP N   H    sing N N 56  
ASP N   H2   sing N N 57  
ASP CA  C    sing N N 58  
ASP CA  CB   sing N N 59  
ASP CA  HA   sing N N 60  
ASP C   O    doub N N 61  
ASP C   OXT  sing N N 62  
ASP CB  CG   sing N N 63  
ASP CB  HB2  sing N N 64  
ASP CB  HB3  sing N N 65  
ASP CG  OD1  doub N N 66  
ASP CG  OD2  sing N N 67  
ASP OD2 HD2  sing N N 68  
ASP OXT HXT  sing N N 69  
CYS N   CA   sing N N 70  
CYS N   H    sing N N 71  
CYS N   H2   sing N N 72  
CYS CA  C    sing N N 73  
CYS CA  CB   sing N N 74  
CYS CA  HA   sing N N 75  
CYS C   O    doub N N 76  
CYS C   OXT  sing N N 77  
CYS CB  SG   sing N N 78  
CYS CB  HB2  sing N N 79  
CYS CB  HB3  sing N N 80  
CYS SG  HG   sing N N 81  
CYS OXT HXT  sing N N 82  
GLN N   CA   sing N N 83  
GLN N   H    sing N N 84  
GLN N   H2   sing N N 85  
GLN CA  C    sing N N 86  
GLN CA  CB   sing N N 87  
GLN CA  HA   sing N N 88  
GLN C   O    doub N N 89  
GLN C   OXT  sing N N 90  
GLN CB  CG   sing N N 91  
GLN CB  HB2  sing N N 92  
GLN CB  HB3  sing N N 93  
GLN CG  CD   sing N N 94  
GLN CG  HG2  sing N N 95  
GLN CG  HG3  sing N N 96  
GLN CD  OE1  doub N N 97  
GLN CD  NE2  sing N N 98  
GLN NE2 HE21 sing N N 99  
GLN NE2 HE22 sing N N 100 
GLN OXT HXT  sing N N 101 
GLU N   CA   sing N N 102 
GLU N   H    sing N N 103 
GLU N   H2   sing N N 104 
GLU CA  C    sing N N 105 
GLU CA  CB   sing N N 106 
GLU CA  HA   sing N N 107 
GLU C   O    doub N N 108 
GLU C   OXT  sing N N 109 
GLU CB  CG   sing N N 110 
GLU CB  HB2  sing N N 111 
GLU CB  HB3  sing N N 112 
GLU CG  CD   sing N N 113 
GLU CG  HG2  sing N N 114 
GLU CG  HG3  sing N N 115 
GLU CD  OE1  doub N N 116 
GLU CD  OE2  sing N N 117 
GLU OE2 HE2  sing N N 118 
GLU OXT HXT  sing N N 119 
GLY N   CA   sing N N 120 
GLY N   H    sing N N 121 
GLY N   H2   sing N N 122 
GLY CA  C    sing N N 123 
GLY CA  HA2  sing N N 124 
GLY CA  HA3  sing N N 125 
GLY C   O    doub N N 126 
GLY C   OXT  sing N N 127 
GLY OXT HXT  sing N N 128 
HIS N   CA   sing N N 129 
HIS N   H    sing N N 130 
HIS N   H2   sing N N 131 
HIS CA  C    sing N N 132 
HIS CA  CB   sing N N 133 
HIS CA  HA   sing N N 134 
HIS C   O    doub N N 135 
HIS C   OXT  sing N N 136 
HIS CB  CG   sing N N 137 
HIS CB  HB2  sing N N 138 
HIS CB  HB3  sing N N 139 
HIS CG  ND1  sing Y N 140 
HIS CG  CD2  doub Y N 141 
HIS ND1 CE1  doub Y N 142 
HIS ND1 HD1  sing N N 143 
HIS CD2 NE2  sing Y N 144 
HIS CD2 HD2  sing N N 145 
HIS CE1 NE2  sing Y N 146 
HIS CE1 HE1  sing N N 147 
HIS NE2 HE2  sing N N 148 
HIS OXT HXT  sing N N 149 
HOH O   H1   sing N N 150 
HOH O   H2   sing N N 151 
ILE N   CA   sing N N 152 
ILE N   H    sing N N 153 
ILE N   H2   sing N N 154 
ILE CA  C    sing N N 155 
ILE CA  CB   sing N N 156 
ILE CA  HA   sing N N 157 
ILE C   O    doub N N 158 
ILE C   OXT  sing N N 159 
ILE CB  CG1  sing N N 160 
ILE CB  CG2  sing N N 161 
ILE CB  HB   sing N N 162 
ILE CG1 CD1  sing N N 163 
ILE CG1 HG12 sing N N 164 
ILE CG1 HG13 sing N N 165 
ILE CG2 HG21 sing N N 166 
ILE CG2 HG22 sing N N 167 
ILE CG2 HG23 sing N N 168 
ILE CD1 HD11 sing N N 169 
ILE CD1 HD12 sing N N 170 
ILE CD1 HD13 sing N N 171 
ILE OXT HXT  sing N N 172 
LEU N   CA   sing N N 173 
LEU N   H    sing N N 174 
LEU N   H2   sing N N 175 
LEU CA  C    sing N N 176 
LEU CA  CB   sing N N 177 
LEU CA  HA   sing N N 178 
LEU C   O    doub N N 179 
LEU C   OXT  sing N N 180 
LEU CB  CG   sing N N 181 
LEU CB  HB2  sing N N 182 
LEU CB  HB3  sing N N 183 
LEU CG  CD1  sing N N 184 
LEU CG  CD2  sing N N 185 
LEU CG  HG   sing N N 186 
LEU CD1 HD11 sing N N 187 
LEU CD1 HD12 sing N N 188 
LEU CD1 HD13 sing N N 189 
LEU CD2 HD21 sing N N 190 
LEU CD2 HD22 sing N N 191 
LEU CD2 HD23 sing N N 192 
LEU OXT HXT  sing N N 193 
LYS N   CA   sing N N 194 
LYS N   H    sing N N 195 
LYS N   H2   sing N N 196 
LYS CA  C    sing N N 197 
LYS CA  CB   sing N N 198 
LYS CA  HA   sing N N 199 
LYS C   O    doub N N 200 
LYS C   OXT  sing N N 201 
LYS CB  CG   sing N N 202 
LYS CB  HB2  sing N N 203 
LYS CB  HB3  sing N N 204 
LYS CG  CD   sing N N 205 
LYS CG  HG2  sing N N 206 
LYS CG  HG3  sing N N 207 
LYS CD  CE   sing N N 208 
LYS CD  HD2  sing N N 209 
LYS CD  HD3  sing N N 210 
LYS CE  NZ   sing N N 211 
LYS CE  HE2  sing N N 212 
LYS CE  HE3  sing N N 213 
LYS NZ  HZ1  sing N N 214 
LYS NZ  HZ2  sing N N 215 
LYS NZ  HZ3  sing N N 216 
LYS OXT HXT  sing N N 217 
PCA N   CA   sing N N 218 
PCA N   CD   sing N N 219 
PCA N   H    sing N N 220 
PCA CA  CB   sing N N 221 
PCA CA  C    sing N N 222 
PCA CA  HA   sing N N 223 
PCA CB  CG   sing N N 224 
PCA CB  HB2  sing N N 225 
PCA CB  HB3  sing N N 226 
PCA CG  CD   sing N N 227 
PCA CG  HG2  sing N N 228 
PCA CG  HG3  sing N N 229 
PCA CD  OE   doub N N 230 
PCA C   O    doub N N 231 
PCA C   OXT  sing N N 232 
PCA OXT HXT  sing N N 233 
PHE N   CA   sing N N 234 
PHE N   H    sing N N 235 
PHE N   H2   sing N N 236 
PHE CA  C    sing N N 237 
PHE CA  CB   sing N N 238 
PHE CA  HA   sing N N 239 
PHE C   O    doub N N 240 
PHE C   OXT  sing N N 241 
PHE CB  CG   sing N N 242 
PHE CB  HB2  sing N N 243 
PHE CB  HB3  sing N N 244 
PHE CG  CD1  doub Y N 245 
PHE CG  CD2  sing Y N 246 
PHE CD1 CE1  sing Y N 247 
PHE CD1 HD1  sing N N 248 
PHE CD2 CE2  doub Y N 249 
PHE CD2 HD2  sing N N 250 
PHE CE1 CZ   doub Y N 251 
PHE CE1 HE1  sing N N 252 
PHE CE2 CZ   sing Y N 253 
PHE CE2 HE2  sing N N 254 
PHE CZ  HZ   sing N N 255 
PHE OXT HXT  sing N N 256 
PRO N   CA   sing N N 257 
PRO N   CD   sing N N 258 
PRO N   H    sing N N 259 
PRO CA  C    sing N N 260 
PRO CA  CB   sing N N 261 
PRO CA  HA   sing N N 262 
PRO C   O    doub N N 263 
PRO C   OXT  sing N N 264 
PRO CB  CG   sing N N 265 
PRO CB  HB2  sing N N 266 
PRO CB  HB3  sing N N 267 
PRO CG  CD   sing N N 268 
PRO CG  HG2  sing N N 269 
PRO CG  HG3  sing N N 270 
PRO CD  HD2  sing N N 271 
PRO CD  HD3  sing N N 272 
PRO OXT HXT  sing N N 273 
SER N   CA   sing N N 274 
SER N   H    sing N N 275 
SER N   H2   sing N N 276 
SER CA  C    sing N N 277 
SER CA  CB   sing N N 278 
SER CA  HA   sing N N 279 
SER C   O    doub N N 280 
SER C   OXT  sing N N 281 
SER CB  OG   sing N N 282 
SER CB  HB2  sing N N 283 
SER CB  HB3  sing N N 284 
SER OG  HG   sing N N 285 
SER OXT HXT  sing N N 286 
TYR N   CA   sing N N 287 
TYR N   H    sing N N 288 
TYR N   H2   sing N N 289 
TYR CA  C    sing N N 290 
TYR CA  CB   sing N N 291 
TYR CA  HA   sing N N 292 
TYR C   O    doub N N 293 
TYR C   OXT  sing N N 294 
TYR CB  CG   sing N N 295 
TYR CB  HB2  sing N N 296 
TYR CB  HB3  sing N N 297 
TYR CG  CD1  doub Y N 298 
TYR CG  CD2  sing Y N 299 
TYR CD1 CE1  sing Y N 300 
TYR CD1 HD1  sing N N 301 
TYR CD2 CE2  doub Y N 302 
TYR CD2 HD2  sing N N 303 
TYR CE1 CZ   doub Y N 304 
TYR CE1 HE1  sing N N 305 
TYR CE2 CZ   sing Y N 306 
TYR CE2 HE2  sing N N 307 
TYR CZ  OH   sing N N 308 
TYR OH  HH   sing N N 309 
TYR OXT HXT  sing N N 310 
VAL N   CA   sing N N 311 
VAL N   H    sing N N 312 
VAL N   H2   sing N N 313 
VAL CA  C    sing N N 314 
VAL CA  CB   sing N N 315 
VAL CA  HA   sing N N 316 
VAL C   O    doub N N 317 
VAL C   OXT  sing N N 318 
VAL CB  CG1  sing N N 319 
VAL CB  CG2  sing N N 320 
VAL CB  HB   sing N N 321 
VAL CG1 HG11 sing N N 322 
VAL CG1 HG12 sing N N 323 
VAL CG1 HG13 sing N N 324 
VAL CG2 HG21 sing N N 325 
VAL CG2 HG22 sing N N 326 
VAL CG2 HG23 sing N N 327 
VAL OXT HXT  sing N N 328 
# 
_pdbx_initial_refinement_model.id               1 
_pdbx_initial_refinement_model.entity_id_list   ? 
_pdbx_initial_refinement_model.type             'experimental model' 
_pdbx_initial_refinement_model.source_name      PDB 
_pdbx_initial_refinement_model.accession_code   2BRZ 
_pdbx_initial_refinement_model.details          'PDB ENTRY 2BRZ' 
# 
_atom_sites.entry_id                    4HE7 
_atom_sites.fract_transf_matrix[1][1]   0.00274039 
_atom_sites.fract_transf_matrix[1][2]   -0.00023032 
_atom_sites.fract_transf_matrix[1][3]   0.01605315 
_atom_sites.fract_transf_matrix[2][1]   0.00325597 
_atom_sites.fract_transf_matrix[2][2]   0.01595488 
_atom_sites.fract_transf_matrix[2][3]   -0.00032691 
_atom_sites.fract_transf_matrix[3][1]   -0.01619608 
_atom_sites.fract_transf_matrix[3][2]   0.00336283 
_atom_sites.fract_transf_matrix[3][3]   0.00281304 
_atom_sites.fract_transf_vector[1]      0.753135 
_atom_sites.fract_transf_vector[2]      0.056222 
_atom_sites.fract_transf_vector[3]      0.169125 
# 
loop_
_atom_type.symbol 
C  
N  
NA 
O  
S  
# 
loop_
_atom_site.group_PDB 
_atom_site.id 
_atom_site.type_symbol 
_atom_site.label_atom_id 
_atom_site.label_alt_id 
_atom_site.label_comp_id 
_atom_site.label_asym_id 
_atom_site.label_entity_id 
_atom_site.label_seq_id 
_atom_site.pdbx_PDB_ins_code 
_atom_site.Cartn_x 
_atom_site.Cartn_y 
_atom_site.Cartn_z 
_atom_site.occupancy 
_atom_site.B_iso_or_equiv 
_atom_site.pdbx_formal_charge 
_atom_site.auth_seq_id 
_atom_site.auth_comp_id 
_atom_site.auth_asym_id 
_atom_site.auth_atom_id 
_atom_site.pdbx_PDB_model_num 
HETATM 1   N  N   . PCA A 1 1  ? 11.134  9.748   11.381  1.00 49.93  ? 1   PCA A N   1 
HETATM 2   C  CA  . PCA A 1 1  ? 10.454  8.466   11.326  1.00 50.09  ? 1   PCA A CA  1 
HETATM 3   C  CB  . PCA A 1 1  ? 9.045   8.788   10.825  1.00 49.07  ? 1   PCA A CB  1 
HETATM 4   C  CG  . PCA A 1 1  ? 9.099   10.209  10.293  1.00 49.92  ? 1   PCA A CG  1 
HETATM 5   C  CD  . PCA A 1 1  ? 10.427  10.715  10.810  1.00 51.68  ? 1   PCA A CD  1 
HETATM 6   O  OE  . PCA A 1 1  ? 10.784  11.869  10.701  1.00 51.60  ? 1   PCA A OE  1 
HETATM 7   C  C   . PCA A 1 1  ? 11.130  7.465   10.425  1.00 52.26  ? 1   PCA A C   1 
HETATM 8   O  O   . PCA A 1 1  ? 11.323  7.729   9.246   1.00 57.47  ? 1   PCA A O   1 
ATOM   9   N  N   . ASP A 1 2  ? 11.480  6.306   10.968  1.00 56.97  ? 2   ASP A N   1 
ATOM   10  C  CA  . ASP A 1 2  ? 12.064  5.222   10.180  1.00 60.96  ? 2   ASP A CA  1 
ATOM   11  C  C   . ASP A 1 2  ? 11.012  4.284   9.589   1.00 59.53  ? 2   ASP A C   1 
ATOM   12  O  O   . ASP A 1 2  ? 11.324  3.480   8.700   1.00 65.83  ? 2   ASP A O   1 
ATOM   13  C  CB  . ASP A 1 2  ? 13.050  4.435   11.050  1.00 69.19  ? 2   ASP A CB  1 
ATOM   14  C  CG  . ASP A 1 2  ? 14.435  5.084   11.087  1.00 75.65  ? 2   ASP A CG  1 
ATOM   15  O  OD1 . ASP A 1 2  ? 14.527  6.350   10.997  1.00 82.05  ? 2   ASP A OD1 1 
ATOM   16  O  OD2 . ASP A 1 2  ? 15.420  4.310   11.179  1.00 77.96  ? 2   ASP A OD2 1 
ATOM   17  N  N   . LYS A 1 3  ? 9.770   4.425   10.059  1.00 53.04  ? 3   LYS A N   1 
ATOM   18  C  CA  . LYS A 1 3  ? 8.716   3.485   9.783   1.00 50.49  ? 3   LYS A CA  1 
ATOM   19  C  C   . LYS A 1 3  ? 7.502   4.203   9.164   1.00 42.02  ? 3   LYS A C   1 
ATOM   20  O  O   . LYS A 1 3  ? 6.359   3.962   9.564   1.00 38.62  ? 3   LYS A O   1 
ATOM   21  C  CB  . LYS A 1 3  ? 8.328   2.782   11.094  1.00 58.32  ? 3   LYS A CB  1 
ATOM   22  C  CG  . LYS A 1 3  ? 9.491   2.340   11.995  1.00 63.83  ? 3   LYS A CG  1 
ATOM   23  C  CD  . LYS A 1 3  ? 9.949   3.380   13.047  1.00 64.96  ? 3   LYS A CD  1 
ATOM   24  C  CE  . LYS A 1 3  ? 8.999   3.575   14.237  1.00 67.96  ? 3   LYS A CE  1 
ATOM   25  N  NZ  . LYS A 1 3  ? 7.915   2.549   14.434  1.00 71.33  ? 3   LYS A NZ  1 
ATOM   26  N  N   . CYS A 1 4  ? 7.728   5.080   8.184   1.00 34.79  ? 4   CYS A N   1 
ATOM   27  C  CA  . CYS A 1 4  ? 6.566   5.719   7.541   1.00 32.56  ? 4   CYS A CA  1 
ATOM   28  C  C   . CYS A 1 4  ? 5.711   4.765   6.696   1.00 32.91  ? 4   CYS A C   1 
ATOM   29  O  O   . CYS A 1 4  ? 4.481   4.770   6.757   1.00 31.82  ? 4   CYS A O   1 
ATOM   30  C  CB  . CYS A 1 4  ? 7.010   6.894   6.686   1.00 30.88  ? 4   CYS A CB  1 
ATOM   31  S  SG  . CYS A 1 4  ? 7.306   8.344   7.709   1.00 32.46  ? 4   CYS A SG  1 
ATOM   32  N  N   . LYS A 1 5  ? 6.422   3.930   5.943   1.00 32.17  ? 5   LYS A N   1 
ATOM   33  C  CA  . LYS A 1 5  ? 5.880   3.032   4.949   1.00 33.54  ? 5   LYS A CA  1 
ATOM   34  C  C   . LYS A 1 5  ? 5.976   1.573   5.395   1.00 36.92  ? 5   LYS A C   1 
ATOM   35  O  O   . LYS A 1 5  ? 6.817   1.219   6.223   1.00 42.91  ? 5   LYS A O   1 
ATOM   36  C  CB  . LYS A 1 5  ? 6.632   3.252   3.642   1.00 31.38  ? 5   LYS A CB  1 
ATOM   37  C  CG  . LYS A 1 5  ? 6.373   4.618   3.028   1.00 28.71  ? 5   LYS A CG  1 
ATOM   38  C  CD  . LYS A 1 5  ? 6.787   4.510   1.593   1.00 29.83  ? 5   LYS A CD  1 
ATOM   39  C  CE  . LYS A 1 5  ? 6.739   5.821   0.881   1.00 30.54  ? 5   LYS A CE  1 
ATOM   40  N  NZ  . LYS A 1 5  ? 5.351   6.271   0.819   1.00 29.14  ? 5   LYS A NZ  1 
ATOM   41  N  N   . LYS A 1 6  ? 5.113   0.729   4.849   1.00 65.45  ? 6   LYS A N   1 
ATOM   42  C  CA  . LYS A 1 6  ? 5.085   -0.664  5.237   1.00 65.99  ? 6   LYS A CA  1 
ATOM   43  C  C   . LYS A 1 6  ? 4.230   -1.431  4.253   1.00 56.07  ? 6   LYS A C   1 
ATOM   44  O  O   . LYS A 1 6  ? 3.080   -1.077  4.054   1.00 52.03  ? 6   LYS A O   1 
ATOM   45  C  CB  . LYS A 1 6  ? 4.496   -0.771  6.638   1.00 74.25  ? 6   LYS A CB  1 
ATOM   46  C  CG  . LYS A 1 6  ? 4.086   -2.165  7.041   1.00 79.46  ? 6   LYS A CG  1 
ATOM   47  C  CD  . LYS A 1 6  ? 5.266   -3.118  6.984   1.00 87.85  ? 6   LYS A CD  1 
ATOM   48  C  CE  . LYS A 1 6  ? 4.829   -4.525  7.376   1.00 94.72  ? 6   LYS A CE  1 
ATOM   49  N  NZ  . LYS A 1 6  ? 6.000   -5.358  7.779   1.00 105.02 ? 6   LYS A NZ  1 
ATOM   50  N  N   . VAL A 1 7  ? 4.758   -2.466  3.651   1.00 53.05  ? 7   VAL A N   1 
ATOM   51  C  CA  . VAL A 1 7  ? 3.973   -3.300  2.779   1.00 49.06  ? 7   VAL A CA  1 
ATOM   52  C  C   . VAL A 1 7  ? 2.726   -3.887  3.429   1.00 47.65  ? 7   VAL A C   1 
ATOM   53  O  O   . VAL A 1 7  ? 2.708   -4.168  4.598   1.00 50.96  ? 7   VAL A O   1 
ATOM   54  C  CB  . VAL A 1 7  ? 4.809   -4.429  2.248   1.00 51.96  ? 7   VAL A CB  1 
ATOM   55  C  CG1 . VAL A 1 7  ? 4.015   -5.267  1.289   1.00 48.97  ? 7   VAL A CG1 1 
ATOM   56  C  CG2 . VAL A 1 7  ? 6.006   -3.857  1.559   1.00 53.37  ? 7   VAL A CG2 1 
ATOM   57  N  N   . TYR A 1 8  ? 1.685   -4.039  2.632   1.00 43.12  ? 8   TYR A N   1 
ATOM   58  C  CA  . TYR A 1 8  ? 0.469   -4.801  2.970   1.00 43.36  ? 8   TYR A CA  1 
ATOM   59  C  C   . TYR A 1 8  ? 0.738   -6.218  2.405   1.00 44.46  ? 8   TYR A C   1 
ATOM   60  O  O   . TYR A 1 8  ? 0.699   -6.417  1.220   1.00 43.49  ? 8   TYR A O   1 
ATOM   61  C  CB  . TYR A 1 8  ? -0.745  -4.123  2.298   1.00 41.41  ? 8   TYR A CB  1 
ATOM   62  C  CG  . TYR A 1 8  ? -2.122  -4.496  2.767   1.00 41.33  ? 8   TYR A CG  1 
ATOM   63  C  CD1 . TYR A 1 8  ? -3.104  -3.519  2.937   1.00 42.23  ? 8   TYR A CD1 1 
ATOM   64  C  CD2 . TYR A 1 8  ? -2.494  -5.827  2.970   1.00 43.77  ? 8   TYR A CD2 1 
ATOM   65  C  CE1 . TYR A 1 8  ? -4.394  -3.848  3.307   1.00 45.53  ? 8   TYR A CE1 1 
ATOM   66  C  CE2 . TYR A 1 8  ? -3.784  -6.166  3.383   1.00 45.58  ? 8   TYR A CE2 1 
ATOM   67  C  CZ  . TYR A 1 8  ? -4.721  -5.177  3.556   1.00 46.82  ? 8   TYR A CZ  1 
ATOM   68  O  OH  . TYR A 1 8  ? -5.975  -5.509  3.949   1.00 50.82  ? 8   TYR A OH  1 
ATOM   69  N  N   . GLU A 1 9  ? 1.101   -7.191  3.236   1.00 49.67  ? 9   GLU A N   1 
ATOM   70  C  CA  . GLU A 1 9  ? 1.652   -8.433  2.679   1.00 52.24  ? 9   GLU A CA  1 
ATOM   71  C  C   . GLU A 1 9  ? 0.507   -9.244  2.202   1.00 48.82  ? 9   GLU A C   1 
ATOM   72  O  O   . GLU A 1 9  ? -0.548  -9.219  2.800   1.00 47.83  ? 9   GLU A O   1 
ATOM   73  C  CB  . GLU A 1 9  ? 2.507   -9.235  3.670   1.00 61.76  ? 9   GLU A CB  1 
ATOM   74  C  CG  . GLU A 1 9  ? 2.057   -9.141  5.114   1.00 69.66  ? 9   GLU A CG  1 
ATOM   75  C  CD  . GLU A 1 9  ? 2.096   -7.705  5.636   1.00 71.86  ? 9   GLU A CD  1 
ATOM   76  O  OE1 . GLU A 1 9  ? 3.173   -7.049  5.478   1.00 77.89  ? 9   GLU A OE1 1 
ATOM   77  O  OE2 . GLU A 1 9  ? 1.039   -7.231  6.163   1.00 72.41  ? 9   GLU A OE2 1 
ATOM   78  N  N   . ASN A 1 10 ? 0.727   -9.921  1.091   1.00 49.25  ? 10  ASN A N   1 
ATOM   79  C  CA  . ASN A 1 10 ? -0.288  -10.755 0.431   1.00 52.20  ? 10  ASN A CA  1 
ATOM   80  C  C   . ASN A 1 10 ? -1.537  -9.994  -0.099  1.00 48.42  ? 10  ASN A C   1 
ATOM   81  O  O   . ASN A 1 10 ? -2.637  -10.525 -0.198  1.00 51.78  ? 10  ASN A O   1 
ATOM   82  C  CB  . ASN A 1 10 ? -0.690  -11.933 1.345   1.00 57.66  ? 10  ASN A CB  1 
ATOM   83  C  CG  . ASN A 1 10 ? 0.522   -12.671 1.944   1.00 64.02  ? 10  ASN A CG  1 
ATOM   84  O  OD1 . ASN A 1 10 ? 1.620   -12.713 1.359   1.00 69.05  ? 10  ASN A OD1 1 
ATOM   85  N  ND2 . ASN A 1 10 ? 0.338   -13.222 3.128   1.00 68.91  ? 10  ASN A ND2 1 
ATOM   86  N  N   . TYR A 1 11 ? -1.361  -8.734  -0.418  1.00 31.66  ? 11  TYR A N   1 
ATOM   87  C  CA  . TYR A 1 11 ? -2.439  -7.924  -0.897  1.00 29.82  ? 11  TYR A CA  1 
ATOM   88  C  C   . TYR A 1 11 ? -2.580  -8.342  -2.352  1.00 29.37  ? 11  TYR A C   1 
ATOM   89  O  O   . TYR A 1 11 ? -1.565  -8.468  -3.062  1.00 29.70  ? 11  TYR A O   1 
ATOM   90  C  CB  . TYR A 1 11 ? -2.071  -6.438  -0.755  1.00 28.92  ? 11  TYR A CB  1 
ATOM   91  C  CG  . TYR A 1 11 ? -3.173  -5.515  -1.216  1.00 27.40  ? 11  TYR A CG  1 
ATOM   92  C  CD1 . TYR A 1 11 ? -4.237  -5.239  -0.370  1.00 28.08  ? 11  TYR A CD1 1 
ATOM   93  C  CD2 . TYR A 1 11 ? -3.202  -4.987  -2.511  1.00 25.69  ? 11  TYR A CD2 1 
ATOM   94  C  CE1 . TYR A 1 11 ? -5.250  -4.425  -0.774  1.00 27.24  ? 11  TYR A CE1 1 
ATOM   95  C  CE2 . TYR A 1 11 ? -4.231  -4.168  -2.904  1.00 24.74  ? 11  TYR A CE2 1 
ATOM   96  C  CZ  . TYR A 1 11 ? -5.232  -3.901  -2.039  1.00 25.38  ? 11  TYR A CZ  1 
ATOM   97  O  OH  . TYR A 1 11 ? -6.241  -3.090  -2.339  1.00 25.01  ? 11  TYR A OH  1 
ATOM   98  N  N   . PRO A 1 12 ? -3.822  -8.579  -2.813  1.00 29.55  ? 12  PRO A N   1 
ATOM   99  C  CA  . PRO A 1 12 ? -3.986  -8.969  -4.206  1.00 28.89  ? 12  PRO A CA  1 
ATOM   100 C  C   . PRO A 1 12 ? -3.378  -8.001  -5.231  1.00 27.85  ? 12  PRO A C   1 
ATOM   101 O  O   . PRO A 1 12 ? -3.583  -6.817  -5.189  1.00 26.91  ? 12  PRO A O   1 
ATOM   102 C  CB  . PRO A 1 12 ? -5.509  -9.145  -4.347  1.00 29.71  ? 12  PRO A CB  1 
ATOM   103 C  CG  . PRO A 1 12 ? -6.005  -9.432  -3.004  1.00 30.26  ? 12  PRO A CG  1 
ATOM   104 C  CD  . PRO A 1 12 ? -5.090  -8.685  -2.066  1.00 30.26  ? 12  PRO A CD  1 
ATOM   105 N  N   . VAL A 1 13 ? -2.590  -8.562  -6.130  1.00 28.16  ? 13  VAL A N   1 
ATOM   106 C  CA  . VAL A 1 13 ? -2.015  -7.855  -7.190  1.00 28.25  ? 13  VAL A CA  1 
ATOM   107 C  C   . VAL A 1 13 ? -3.034  -7.256  -8.122  1.00 27.59  ? 13  VAL A C   1 
ATOM   108 O  O   . VAL A 1 13 ? -2.823  -6.178  -8.587  1.00 26.83  ? 13  VAL A O   1 
ATOM   109 C  CB  . VAL A 1 13 ? -1.050  -8.737  -7.979  1.00 29.83  ? 13  VAL A CB  1 
ATOM   110 C  CG1 . VAL A 1 13 ? -0.517  -8.002  -9.201  1.00 30.71  ? 13  VAL A CG1 1 
ATOM   111 C  CG2 . VAL A 1 13 ? 0.125   -9.048  -7.095  1.00 31.16  ? 13  VAL A CG2 1 
ATOM   112 N  N   . SER A 1 14 ? -4.116  -7.970  -8.383  1.00 27.66  ? 14  SER A N   1 
ATOM   113 C  CA  . SER A 1 14 ? -5.236  -7.507  -9.227  1.00 27.97  ? 14  SER A CA  1 
ATOM   114 C  C   . SER A 1 14 ? -5.859  -6.218  -8.636  1.00 26.83  ? 14  SER A C   1 
ATOM   115 O  O   . SER A 1 14 ? -6.071  -5.272  -9.331  1.00 25.38  ? 14  SER A O   1 
ATOM   116 C  CB  . SER A 1 14 ? -6.290  -8.647  -9.423  1.00 29.17  ? 14  SER A CB  1 
ATOM   117 O  OG  . SER A 1 14 ? -6.792  -9.088  -8.156  1.00 29.59  ? 14  SER A OG  1 
ATOM   118 N  N   . LYS A 1 15 ? -6.058  -6.184  -7.331  1.00 27.67  ? 15  LYS A N   1 
ATOM   119 C  CA  . LYS A 1 15 ? -6.526  -4.977  -6.651  1.00 28.90  ? 15  LYS A CA  1 
ATOM   120 C  C   . LYS A 1 15 ? -5.531  -3.853  -6.673  1.00 26.52  ? 15  LYS A C   1 
ATOM   121 O  O   . LYS A 1 15 ? -5.879  -2.687  -6.714  1.00 25.44  ? 15  LYS A O   1 
ATOM   122 C  CB  . LYS A 1 15 ? -6.835  -5.277  -5.184  1.00 31.46  ? 15  LYS A CB  1 
ATOM   123 C  CG  . LYS A 1 15 ? -8.230  -5.757  -4.832  1.00 35.36  ? 15  LYS A CG  1 
ATOM   124 C  CD  . LYS A 1 15 ? -8.200  -6.289  -3.410  1.00 38.44  ? 15  LYS A CD  1 
ATOM   125 C  CE  . LYS A 1 15 ? -9.484  -6.057  -2.639  1.00 43.32  ? 15  LYS A CE  1 
ATOM   126 N  NZ  . LYS A 1 15 ? -9.907  -4.614  -2.636  1.00 46.93  ? 15  LYS A NZ  1 
ATOM   127 N  N   . CYS A 1 16 ? -4.266  -4.182  -6.590  1.00 27.18  ? 16  CYS A N   1 
ATOM   128 C  CA  . CYS A 1 16 ? -3.252  -3.198  -6.739  1.00 27.29  ? 16  CYS A CA  1 
ATOM   129 C  C   . CYS A 1 16 ? -3.334  -2.400  -8.053  1.00 27.35  ? 16  CYS A C   1 
ATOM   130 O  O   . CYS A 1 16 ? -3.057  -1.225  -8.076  1.00 29.07  ? 16  CYS A O   1 
ATOM   131 C  CB  . CYS A 1 16 ? -1.858  -3.846  -6.616  1.00 28.84  ? 16  CYS A CB  1 
ATOM   132 S  SG  . CYS A 1 16 ? -0.854  -3.118  -5.346  1.00 28.29  ? 16  CYS A SG  1 
ATOM   133 N  N   . GLN A 1 17 ? -3.736  -3.043  -9.129  1.00 27.26  ? 17  GLN A N   1 
ATOM   134 C  CA  . GLN A 1 17 ? -3.836  -2.430  -10.427 1.00 26.47  ? 17  GLN A CA  1 
ATOM   135 C  C   . GLN A 1 17 ? -5.003  -1.453  -10.640 1.00 24.81  ? 17  GLN A C   1 
ATOM   136 O  O   . GLN A 1 17 ? -5.065  -0.710  -11.653 1.00 24.26  ? 17  GLN A O   1 
ATOM   137 C  CB  . GLN A 1 17 ? -3.922  -3.563  -11.455 1.00 29.33  ? 17  GLN A CB  1 
ATOM   138 C  CG  . GLN A 1 17 ? -2.584  -4.265  -11.522 1.00 32.18  ? 17  GLN A CG  1 
ATOM   139 C  CD  . GLN A 1 17 ? -2.610  -5.494  -12.350 1.00 34.09  ? 17  GLN A CD  1 
ATOM   140 O  OE1 . GLN A 1 17 ? -2.637  -5.442  -13.579 1.00 37.17  ? 17  GLN A OE1 1 
ATOM   141 N  NE2 . GLN A 1 17 ? -2.568  -6.612  -11.688 1.00 36.87  ? 17  GLN A NE2 1 
ATOM   142 N  N   . LEU A 1 18 ? -5.931  -1.462  -9.707  1.00 23.65  ? 18  LEU A N   1 
ATOM   143 C  CA  . LEU A 1 18 ? -7.172  -0.731  -9.861  1.00 23.72  ? 18  LEU A CA  1 
ATOM   144 C  C   . LEU A 1 18 ? -7.207  0.523   -9.000  1.00 22.92  ? 18  LEU A C   1 
ATOM   145 O  O   . LEU A 1 18 ? -6.657  0.519   -7.952  1.00 23.87  ? 18  LEU A O   1 
ATOM   146 C  CB  . LEU A 1 18 ? -8.342  -1.639  -9.538  1.00 24.55  ? 18  LEU A CB  1 
ATOM   147 C  CG  . LEU A 1 18 ? -8.475  -2.862  -10.439 1.00 25.19  ? 18  LEU A CG  1 
ATOM   148 C  CD1 . LEU A 1 18 ? -9.449  -3.798  -9.791  1.00 26.06  ? 18  LEU A CD1 1 
ATOM   149 C  CD2 . LEU A 1 18 ? -8.923  -2.440  -11.820 1.00 27.01  ? 18  LEU A CD2 1 
ATOM   150 N  N   . ALA A 1 19 ? -7.852  1.598   -9.460  1.00 23.67  ? 19  ALA A N   1 
ATOM   151 C  CA  . ALA A 1 19 ? -7.909  2.899   -8.745  1.00 22.89  ? 19  ALA A CA  1 
ATOM   152 C  C   . ALA A 1 19 ? -8.451  2.739   -7.307  1.00 22.73  ? 19  ALA A C   1 
ATOM   153 O  O   . ALA A 1 19 ? -9.315  1.934   -7.064  1.00 24.60  ? 19  ALA A O   1 
ATOM   154 C  CB  . ALA A 1 19 ? -8.754  3.882   -9.553  1.00 23.79  ? 19  ALA A CB  1 
ATOM   155 N  N   . ASN A 1 20 ? -7.819  3.400   -6.348  1.00 23.20  ? 20  ASN A N   1 
ATOM   156 C  CA  . ASN A 1 20 ? -8.312  3.641   -5.007  1.00 23.46  ? 20  ASN A CA  1 
ATOM   157 C  C   . ASN A 1 20 ? -8.164  2.484   -4.059  1.00 24.15  ? 20  ASN A C   1 
ATOM   158 O  O   . ASN A 1 20 ? -8.231  2.696   -2.861  1.00 25.02  ? 20  ASN A O   1 
ATOM   159 C  CB  . ASN A 1 20 ? -9.783  4.075   -5.039  1.00 24.85  ? 20  ASN A CB  1 
ATOM   160 C  CG  . ASN A 1 20 ? -10.004 5.438   -5.660  1.00 24.90  ? 20  ASN A CG  1 
ATOM   161 O  OD1 . ASN A 1 20 ? -9.207  6.311   -5.563  1.00 25.95  ? 20  ASN A OD1 1 
ATOM   162 N  ND2 . ASN A 1 20 ? -11.117 5.605   -6.279  1.00 27.22  ? 20  ASN A ND2 1 
ATOM   163 N  N   . GLN A 1 21 ? -7.944  1.263   -4.561  1.00 24.24  ? 21  GLN A N   1 
ATOM   164 C  CA  . GLN A 1 21 ? -8.037  0.050   -3.735  1.00 24.42  ? 21  GLN A CA  1 
ATOM   165 C  C   . GLN A 1 21 ? -7.071  -0.054  -2.593  1.00 23.76  ? 21  GLN A C   1 
ATOM   166 O  O   . GLN A 1 21 ? -7.472  -0.144  -1.488  1.00 23.20  ? 21  GLN A O   1 
ATOM   167 C  CB  . GLN A 1 21 ? -7.873  -1.189  -4.589  1.00 26.05  ? 21  GLN A CB  1 
ATOM   168 C  CG  . GLN A 1 21 ? -8.945  -1.456  -5.606  1.00 28.91  ? 21  GLN A CG  1 
ATOM   169 C  CD  . GLN A 1 21 ? -10.226 -2.001  -5.028  1.00 32.86  ? 21  GLN A CD  1 
ATOM   170 O  OE1 . GLN A 1 21 ? -10.255 -2.911  -4.208  1.00 36.85  ? 21  GLN A OE1 1 
ATOM   171 N  NE2 . GLN A 1 21 ? -11.313 -1.457  -5.508  1.00 37.19  ? 21  GLN A NE2 1 
ATOM   172 N  N   . CYS A 1 22 ? -5.774  -0.048  -2.890  1.00 23.20  ? 22  CYS A N   1 
ATOM   173 C  CA  . CYS A 1 22 ? -4.718  -0.023  -1.910  1.00 23.96  ? 22  CYS A CA  1 
ATOM   174 C  C   . CYS A 1 22 ? -4.811  1.171   -0.977  1.00 24.20  ? 22  CYS A C   1 
ATOM   175 O  O   . CYS A 1 22 ? -4.566  1.020   0.208   1.00 26.17  ? 22  CYS A O   1 
ATOM   176 C  CB  . CYS A 1 22 ? -3.342  0.006   -2.604  1.00 24.12  ? 22  CYS A CB  1 
ATOM   177 S  SG  . CYS A 1 22 ? -1.863  0.122   -1.533  1.00 23.91  ? 22  CYS A SG  1 
ATOM   178 N  N   . ASN A 1 23 ? -5.106  2.358   -1.513  1.00 23.87  ? 23  ASN A N   1 
ATOM   179 C  CA  . ASN A 1 23 ? -5.233  3.554   -0.686  1.00 24.33  ? 23  ASN A CA  1 
ATOM   180 C  C   . ASN A 1 23 ? -6.288  3.411   0.404   1.00 27.41  ? 23  ASN A C   1 
ATOM   181 O  O   . ASN A 1 23 ? -6.007  3.481   1.585   1.00 27.73  ? 23  ASN A O   1 
ATOM   182 C  CB  . ASN A 1 23 ? -5.544  4.783   -1.523  1.00 23.67  ? 23  ASN A CB  1 
ATOM   183 C  CG  . ASN A 1 23 ? -5.421  6.058   -0.713  1.00 24.92  ? 23  ASN A CG  1 
ATOM   184 O  OD1 . ASN A 1 23 ? -4.613  6.137   0.209   1.00 24.27  ? 23  ASN A OD1 1 
ATOM   185 N  ND2 . ASN A 1 23 ? -6.212  7.036   -1.030  1.00 25.04  ? 23  ASN A ND2 1 
ATOM   186 N  N   . TYR A 1 24 ? -7.495  3.138   -0.025  1.00 25.29  ? 24  TYR A N   1 
ATOM   187 C  CA  . TYR A 1 24 ? -8.628  3.027   0.878   1.00 28.88  ? 24  TYR A CA  1 
ATOM   188 C  C   . TYR A 1 24 ? -8.563  1.773   1.804   1.00 29.33  ? 24  TYR A C   1 
ATOM   189 O  O   . TYR A 1 24 ? -8.993  1.858   2.945   1.00 31.56  ? 24  TYR A O   1 
ATOM   190 C  CB  . TYR A 1 24 ? -9.934  3.093   0.068   1.00 30.74  ? 24  TYR A CB  1 
ATOM   191 C  CG  . TYR A 1 24 ? -10.271 4.356   -0.750  1.00 32.08  ? 24  TYR A CG  1 
ATOM   192 C  CD1 . TYR A 1 24 ? -9.697  5.580   -0.530  1.00 33.67  ? 24  TYR A CD1 1 
ATOM   193 C  CD2 . TYR A 1 24 ? -11.293 4.304   -1.673  1.00 37.37  ? 24  TYR A CD2 1 
ATOM   194 C  CE1 . TYR A 1 24 ? -10.081 6.730   -1.255  1.00 35.01  ? 24  TYR A CE1 1 
ATOM   195 C  CE2 . TYR A 1 24 ? -11.730 5.432   -2.406  1.00 40.63  ? 24  TYR A CE2 1 
ATOM   196 C  CZ  . TYR A 1 24 ? -11.124 6.680   -2.205  1.00 41.18  ? 24  TYR A CZ  1 
ATOM   197 O  OH  . TYR A 1 24 ? -11.591 7.798   -3.023  1.00 45.74  ? 24  TYR A OH  1 
ATOM   198 N  N   . ASP A 1 25 ? -7.993  0.645   1.348   1.00 28.96  ? 25  ASP A N   1 
ATOM   199 C  CA  . ASP A 1 25 ? -7.838  -0.568  2.173   1.00 28.67  ? 25  ASP A CA  1 
ATOM   200 C  C   . ASP A 1 25 ? -6.810  -0.336  3.234   1.00 30.19  ? 25  ASP A C   1 
ATOM   201 O  O   . ASP A 1 25 ? -6.935  -0.827  4.321   1.00 32.81  ? 25  ASP A O   1 
ATOM   202 C  CB  . ASP A 1 25 ? -7.412  -1.803  1.349   1.00 28.34  ? 25  ASP A CB  1 
ATOM   203 C  CG  . ASP A 1 25 ? -8.562  -2.457  0.593   1.00 29.51  ? 25  ASP A CG  1 
ATOM   204 O  OD1 . ASP A 1 25 ? -9.735  -2.352  0.971   1.00 30.56  ? 25  ASP A OD1 1 
ATOM   205 O  OD2 . ASP A 1 25 ? -8.295  -3.116  -0.409  1.00 30.04  ? 25  ASP A OD2 1 
ATOM   206 N  N   . CYS A 1 26 ? -5.737  0.384   2.889   1.00 30.46  ? 26  CYS A N   1 
ATOM   207 C  CA  . CYS A 1 26 ? -4.734  0.783   3.843   1.00 28.53  ? 26  CYS A CA  1 
ATOM   208 C  C   . CYS A 1 26 ? -5.391  1.591   4.929   1.00 28.16  ? 26  CYS A C   1 
ATOM   209 O  O   . CYS A 1 26 ? -5.182  1.343   6.076   1.00 28.93  ? 26  CYS A O   1 
ATOM   210 C  CB  . CYS A 1 26 ? -3.593  1.577   3.176   1.00 26.43  ? 26  CYS A CB  1 
ATOM   211 S  SG  . CYS A 1 26 ? -2.272  0.614   2.378   1.00 26.32  ? 26  CYS A SG  1 
ATOM   212 N  N   . LYS A 1 27 ? -6.206  2.556   4.563   1.00 30.54  ? 27  LYS A N   1 
ATOM   213 C  CA  . LYS A 1 27 ? -6.949  3.320   5.547   1.00 32.97  ? 27  LYS A CA  1 
ATOM   214 C  C   . LYS A 1 27 ? -7.979  2.478   6.317   1.00 36.19  ? 27  LYS A C   1 
ATOM   215 O  O   . LYS A 1 27 ? -8.063  2.495   7.556   1.00 39.78  ? 27  LYS A O   1 
ATOM   216 C  CB  . LYS A 1 27 ? -7.659  4.478   4.875   1.00 31.09  ? 27  LYS A CB  1 
ATOM   217 C  CG  . LYS A 1 27 ? -6.775  5.528   4.267   1.00 30.72  ? 27  LYS A CG  1 
ATOM   218 C  CD  . LYS A 1 27 ? -7.686  6.645   3.841   1.00 32.27  ? 27  LYS A CD  1 
ATOM   219 C  CE  . LYS A 1 27 ? -7.191  7.450   2.671   1.00 35.14  ? 27  LYS A CE  1 
ATOM   220 N  NZ  . LYS A 1 27 ? -6.331  8.623   2.993   1.00 37.23  ? 27  LYS A NZ  1 
ATOM   221 N  N   . LEU A 1 28 ? -8.812  1.768   5.591   1.00 37.91  ? 28  LEU A N   1 
ATOM   222 C  CA  . LEU A 1 28 ? -9.787  0.900   6.240   1.00 40.88  ? 28  LEU A CA  1 
ATOM   223 C  C   . LEU A 1 28 ? -9.166  -0.199  7.124   1.00 39.23  ? 28  LEU A C   1 
ATOM   224 O  O   . LEU A 1 28 ? -9.564  -0.346  8.277   1.00 42.10  ? 28  LEU A O   1 
ATOM   225 C  CB  . LEU A 1 28 ? -10.697 0.243   5.219   1.00 41.51  ? 28  LEU A CB  1 
ATOM   226 C  CG  . LEU A 1 28 ? -12.129 0.684   5.080   1.00 45.16  ? 28  LEU A CG  1 
ATOM   227 C  CD1 . LEU A 1 28 ? -12.747 -0.137  3.961   1.00 45.53  ? 28  LEU A CD1 1 
ATOM   228 C  CD2 . LEU A 1 28 ? -12.880 0.521   6.388   1.00 45.33  ? 28  LEU A CD2 1 
ATOM   229 N  N   . ASP A 1 29 ? -8.248  -0.989  6.583   1.00 37.52  ? 29  ASP A N   1 
ATOM   230 C  CA  . ASP A 1 29 ? -7.795  -2.211  7.250   1.00 38.08  ? 29  ASP A CA  1 
ATOM   231 C  C   . ASP A 1 29 ? -6.694  -1.978  8.222   1.00 38.00  ? 29  ASP A C   1 
ATOM   232 O  O   . ASP A 1 29 ? -6.498  -2.803  9.087   1.00 41.62  ? 29  ASP A O   1 
ATOM   233 C  CB  . ASP A 1 29 ? -7.320  -3.298  6.272   1.00 37.64  ? 29  ASP A CB  1 
ATOM   234 C  CG  . ASP A 1 29 ? -8.387  -3.668  5.199   1.00 40.51  ? 29  ASP A CG  1 
ATOM   235 O  OD1 . ASP A 1 29 ? -9.597  -3.367  5.371   1.00 40.98  ? 29  ASP A OD1 1 
ATOM   236 O  OD2 . ASP A 1 29 ? -8.012  -4.265  4.148   1.00 41.60  ? 29  ASP A OD2 1 
ATOM   237 N  N   . LYS A 1 30 ? -5.930  -0.900  8.045   1.00 37.81  ? 30  LYS A N   1 
ATOM   238 C  CA  . LYS A 1 30 ? -4.691  -0.667  8.811   1.00 36.96  ? 30  LYS A CA  1 
ATOM   239 C  C   . LYS A 1 30 ? -4.666  0.639   9.558   1.00 35.91  ? 30  LYS A C   1 
ATOM   240 O  O   . LYS A 1 30 ? -3.756  0.873   10.346  1.00 36.66  ? 30  LYS A O   1 
ATOM   241 C  CB  . LYS A 1 30 ? -3.504  -0.804  7.886   1.00 35.96  ? 30  LYS A CB  1 
ATOM   242 C  CG  . LYS A 1 30 ? -3.567  -2.147  7.211   1.00 36.29  ? 30  LYS A CG  1 
ATOM   243 C  CD  . LYS A 1 30 ? -2.215  -2.585  6.729   1.00 39.70  ? 30  LYS A CD  1 
ATOM   244 C  CE  . LYS A 1 30 ? -1.830  -3.950  7.275   1.00 43.24  ? 30  LYS A CE  1 
ATOM   245 N  NZ  . LYS A 1 30 ? -2.823  -5.043  7.110   1.00 46.30  ? 30  LYS A NZ  1 
ATOM   246 N  N   . HIS A 1 31 ? -5.716  1.443   9.350   1.00 36.09  ? 31  HIS A N   1 
ATOM   247 C  CA  . HIS A 1 31 ? -5.865  2.785   9.938   1.00 38.41  ? 31  HIS A CA  1 
ATOM   248 C  C   . HIS A 1 31 ? -4.820  3.792   9.480   1.00 36.66  ? 31  HIS A C   1 
ATOM   249 O  O   . HIS A 1 31 ? -4.678  4.876   10.080  1.00 36.95  ? 31  HIS A O   1 
ATOM   250 C  CB  . HIS A 1 31 ? -5.922  2.733   11.484  1.00 42.31  ? 31  HIS A CB  1 
ATOM   251 C  CG  . HIS A 1 31 ? -6.734  1.592   12.013  1.00 44.47  ? 31  HIS A CG  1 
ATOM   252 N  ND1 . HIS A 1 31 ? -8.101  1.658   12.171  1.00 46.24  ? 31  HIS A ND1 1 
ATOM   253 C  CD2 . HIS A 1 31 ? -6.373  0.333   12.360  1.00 45.76  ? 31  HIS A CD2 1 
ATOM   254 C  CE1 . HIS A 1 31 ? -8.538  0.498   12.629  1.00 48.02  ? 31  HIS A CE1 1 
ATOM   255 N  NE2 . HIS A 1 31 ? -7.507  -0.320  12.758  1.00 46.44  ? 31  HIS A NE2 1 
ATOM   256 N  N   . ALA A 1 32 ? -4.141  3.455   8.373   1.00 34.54  ? 32  ALA A N   1 
ATOM   257 C  CA  . ALA A 1 32 ? -3.042  4.227   7.855   1.00 29.69  ? 32  ALA A CA  1 
ATOM   258 C  C   . ALA A 1 32 ? -3.585  5.490   7.255   1.00 30.07  ? 32  ALA A C   1 
ATOM   259 O  O   . ALA A 1 32 ? -4.837  5.641   7.050   1.00 28.03  ? 32  ALA A O   1 
ATOM   260 C  CB  . ALA A 1 32 ? -2.224  3.418   6.838   1.00 29.12  ? 32  ALA A CB  1 
ATOM   261 N  N   . ARG A 1 33 ? -2.650  6.401   6.954   1.00 27.85  ? 33  ARG A N   1 
ATOM   262 C  CA  . ARG A 1 33 ? -2.995  7.670   6.350   1.00 28.54  ? 33  ARG A CA  1 
ATOM   263 C  C   . ARG A 1 33 ? -3.247  7.527   4.873   1.00 27.67  ? 33  ARG A C   1 
ATOM   264 O  O   . ARG A 1 33 ? -4.115  8.195   4.356   1.00 27.80  ? 33  ARG A O   1 
ATOM   265 C  CB  . ARG A 1 33 ? -1.957  8.709   6.663   1.00 29.58  ? 33  ARG A CB  1 
ATOM   266 C  CG  . ARG A 1 33 ? -1.877  8.883   8.140   1.00 31.90  ? 33  ARG A CG  1 
ATOM   267 C  CD  . ARG A 1 33 ? -0.876  9.928   8.540   1.00 33.63  ? 33  ARG A CD  1 
ATOM   268 N  NE  . ARG A 1 33 ? -1.160  10.345  9.918   1.00 36.69  ? 33  ARG A NE  1 
ATOM   269 C  CZ  . ARG A 1 33 ? -0.625  11.409  10.488  1.00 38.98  ? 33  ARG A CZ  1 
ATOM   270 N  NH1 . ARG A 1 33 ? 0.248   12.155  9.821   1.00 40.62  ? 33  ARG A NH1 1 
ATOM   271 N  NH2 . ARG A 1 33 ? -0.955  11.712  11.723  1.00 41.35  ? 33  ARG A NH2 1 
ATOM   272 N  N   . SER A 1 34 ? -2.575  6.574   4.235   1.00 26.03  ? 34  SER A N   1 
ATOM   273 C  CA  . SER A 1 34 ? -2.634  6.417   2.795   1.00 24.89  ? 34  SER A CA  1 
ATOM   274 C  C   . SER A 1 34 ? -2.040  5.096   2.366   1.00 23.25  ? 34  SER A C   1 
ATOM   275 O  O   . SER A 1 34 ? -1.501  4.381   3.180   1.00 22.16  ? 34  SER A O   1 
ATOM   276 C  CB  . SER A 1 34 ? -1.934  7.593   2.069   1.00 25.31  ? 34  SER A CB  1 
ATOM   277 O  OG  . SER A 1 34 ? -0.520  7.715   2.252   1.00 25.66  ? 34  SER A OG  1 
ATOM   278 N  N   . GLY A 1 35 ? -2.184  4.764   1.078   1.00 22.15  ? 35  GLY A N   1 
ATOM   279 C  CA  . GLY A 1 35 ? -1.378  3.749   0.462   1.00 20.87  ? 35  GLY A CA  1 
ATOM   280 C  C   . GLY A 1 35 ? -1.255  3.889   -1.006  1.00 20.66  ? 35  GLY A C   1 
ATOM   281 O  O   . GLY A 1 35 ? -2.059  4.545   -1.620  1.00 21.54  ? 35  GLY A O   1 
ATOM   282 N  N   . GLU A 1 36 ? -0.266  3.261   -1.571  1.00 21.43  ? 36  GLU A N   1 
ATOM   283 C  CA  . GLU A 1 36 ? -0.053  3.254   -3.032  1.00 23.75  ? 36  GLU A CA  1 
ATOM   284 C  C   . GLU A 1 36 ? 0.593   1.961   -3.508  1.00 23.17  ? 36  GLU A C   1 
ATOM   285 O  O   . GLU A 1 36 ? 1.431   1.462   -2.832  1.00 21.97  ? 36  GLU A O   1 
ATOM   286 C  CB  . GLU A 1 36 ? 0.965   4.327   -3.447  1.00 26.55  ? 36  GLU A CB  1 
ATOM   287 C  CG  . GLU A 1 36 ? 0.441   5.709   -3.527  1.00 31.16  ? 36  GLU A CG  1 
ATOM   288 C  CD  . GLU A 1 36 ? 1.509   6.707   -3.875  1.00 34.41  ? 36  GLU A CD  1 
ATOM   289 O  OE1 . GLU A 1 36 ? 2.310   7.047   -3.001  1.00 41.94  ? 36  GLU A OE1 1 
ATOM   290 O  OE2 . GLU A 1 36 ? 1.550   7.155   -4.998  1.00 36.00  ? 36  GLU A OE2 1 
ATOM   291 N  N   . CYS A 1 37 ? 0.320   1.530   -4.735  1.00 24.29  ? 37  CYS A N   1 
ATOM   292 C  CA  . CYS A 1 37 ? 1.016   0.394   -5.353  1.00 26.30  ? 37  CYS A CA  1 
ATOM   293 C  C   . CYS A 1 37 ? 2.249   0.776   -6.146  1.00 27.78  ? 37  CYS A C   1 
ATOM   294 O  O   . CYS A 1 37 ? 2.193   1.687   -6.943  1.00 27.80  ? 37  CYS A O   1 
ATOM   295 C  CB  . CYS A 1 37 ? 0.070   -0.374  -6.276  1.00 28.73  ? 37  CYS A CB  1 
ATOM   296 S  SG  . CYS A 1 37 ? -1.219  -1.115  -5.266  1.00 31.42  ? 37  CYS A SG  1 
ATOM   297 N  N   . PHE A 1 38 ? 3.364   0.068   -5.906  1.00 29.02  ? 38  PHE A N   1 
ATOM   298 C  CA  . PHE A 1 38 ? 4.693   0.332   -6.565  1.00 29.94  ? 38  PHE A CA  1 
ATOM   299 C  C   . PHE A 1 38 ? 5.259   -1.018  -6.926  1.00 27.39  ? 38  PHE A C   1 
ATOM   300 O  O   . PHE A 1 38 ? 5.045   -1.966  -6.195  1.00 27.47  ? 38  PHE A O   1 
ATOM   301 C  CB  . PHE A 1 38 ? 5.726   0.922   -5.587  1.00 29.80  ? 38  PHE A CB  1 
ATOM   302 C  CG  . PHE A 1 38 ? 5.360   2.251   -4.993  1.00 32.49  ? 38  PHE A CG  1 
ATOM   303 C  CD1 . PHE A 1 38 ? 5.630   3.437   -5.675  1.00 37.11  ? 38  PHE A CD1 1 
ATOM   304 C  CD2 . PHE A 1 38 ? 4.776   2.323   -3.731  1.00 33.12  ? 38  PHE A CD2 1 
ATOM   305 C  CE1 . PHE A 1 38 ? 5.329   4.663   -5.089  1.00 37.41  ? 38  PHE A CE1 1 
ATOM   306 C  CE2 . PHE A 1 38 ? 4.470   3.525   -3.145  1.00 34.97  ? 38  PHE A CE2 1 
ATOM   307 C  CZ  . PHE A 1 38 ? 4.757   4.696   -3.813  1.00 37.13  ? 38  PHE A CZ  1 
ATOM   308 N  N   . TYR A 1 39 ? 6.035   -1.098  -7.979  1.00 27.72  ? 39  TYR A N   1 
ATOM   309 C  CA  . TYR A 1 39 ? 6.920   -2.243  -8.077  1.00 29.59  ? 39  TYR A CA  1 
ATOM   310 C  C   . TYR A 1 39 ? 8.029   -2.158  -7.089  1.00 28.14  ? 39  TYR A C   1 
ATOM   311 O  O   . TYR A 1 39 ? 8.361   -1.104  -6.595  1.00 28.72  ? 39  TYR A O   1 
ATOM   312 C  CB  . TYR A 1 39 ? 7.598   -2.350  -9.414  1.00 31.64  ? 39  TYR A CB  1 
ATOM   313 C  CG  . TYR A 1 39 ? 6.837   -2.864  -10.592 1.00 35.08  ? 39  TYR A CG  1 
ATOM   314 C  CD1 . TYR A 1 39 ? 5.708   -3.626  -10.470 1.00 36.95  ? 39  TYR A CD1 1 
ATOM   315 C  CD2 . TYR A 1 39 ? 7.370   -2.673  -11.860 1.00 39.50  ? 39  TYR A CD2 1 
ATOM   316 C  CE1 . TYR A 1 39 ? 5.068   -4.109  -11.583 1.00 41.18  ? 39  TYR A CE1 1 
ATOM   317 C  CE2 . TYR A 1 39 ? 6.749   -3.157  -12.973 1.00 42.90  ? 39  TYR A CE2 1 
ATOM   318 C  CZ  . TYR A 1 39 ? 5.602   -3.879  -12.820 1.00 43.71  ? 39  TYR A CZ  1 
ATOM   319 O  OH  . TYR A 1 39 ? 5.011   -4.357  -13.958 1.00 50.89  ? 39  TYR A OH  1 
ATOM   320 N  N   . ASP A 1 40 ? 8.610   -3.308  -6.826  1.00 28.09  ? 40  ASP A N   1 
ATOM   321 C  CA  . ASP A 1 40 ? 9.878   -3.434  -6.113  1.00 30.79  ? 40  ASP A CA  1 
ATOM   322 C  C   . ASP A 1 40 ? 10.935  -3.821  -7.115  1.00 31.42  ? 40  ASP A C   1 
ATOM   323 O  O   . ASP A 1 40 ? 10.663  -3.839  -8.295  1.00 32.44  ? 40  ASP A O   1 
ATOM   324 C  CB  . ASP A 1 40 ? 9.762   -4.441  -4.959  1.00 32.62  ? 40  ASP A CB  1 
ATOM   325 C  CG  . ASP A 1 40 ? 9.542   -5.889  -5.419  1.00 34.16  ? 40  ASP A CG  1 
ATOM   326 O  OD1 . ASP A 1 40 ? 9.728   -6.219  -6.608  1.00 35.54  ? 40  ASP A OD1 1 
ATOM   327 O  OD2 . ASP A 1 40 ? 9.191   -6.713  -4.554  1.00 36.44  ? 40  ASP A OD2 1 
ATOM   328 N  N   . GLU A 1 41 ? 12.148  -4.101  -6.663  1.00 34.48  ? 41  GLU A N   1 
ATOM   329 C  CA  . GLU A 1 41 ? 13.294  -4.295  -7.551  1.00 38.08  ? 41  GLU A CA  1 
ATOM   330 C  C   . GLU A 1 41 ? 13.239  -5.601  -8.336  1.00 40.67  ? 41  GLU A C   1 
ATOM   331 O  O   . GLU A 1 41 ? 13.760  -5.682  -9.423  1.00 42.84  ? 41  GLU A O   1 
ATOM   332 C  CB  . GLU A 1 41 ? 14.570  -4.176  -6.737  1.00 40.54  ? 41  GLU A CB  1 
ATOM   333 C  CG  . GLU A 1 41 ? 15.843  -4.188  -7.535  1.00 42.82  ? 41  GLU A CG  1 
ATOM   334 C  CD  . GLU A 1 41 ? 16.557  -5.505  -7.449  1.00 46.42  ? 41  GLU A CD  1 
ATOM   335 O  OE1 . GLU A 1 41 ? 15.935  -6.524  -7.085  1.00 48.34  ? 41  GLU A OE1 1 
ATOM   336 O  OE2 . GLU A 1 41 ? 17.760  -5.531  -7.777  1.00 52.64  ? 41  GLU A OE2 1 
ATOM   337 N  N   . LYS A 1 42 ? 12.542  -6.597  -7.809  1.00 41.45  ? 42  LYS A N   1 
ATOM   338 C  CA  . LYS A 1 42 ? 12.241  -7.815  -8.548  1.00 42.92  ? 42  LYS A CA  1 
ATOM   339 C  C   . LYS A 1 42 ? 11.026  -7.699  -9.515  1.00 42.54  ? 42  LYS A C   1 
ATOM   340 O  O   . LYS A 1 42 ? 10.534  -8.710  -10.039 1.00 39.82  ? 42  LYS A O   1 
ATOM   341 C  CB  . LYS A 1 42 ? 11.994  -8.887  -7.525  1.00 45.53  ? 42  LYS A CB  1 
ATOM   342 C  CG  . LYS A 1 42 ? 13.177  -9.084  -6.618  1.00 49.53  ? 42  LYS A CG  1 
ATOM   343 C  CD  . LYS A 1 42 ? 14.387  -9.486  -7.439  1.00 55.74  ? 42  LYS A CD  1 
ATOM   344 C  CE  . LYS A 1 42 ? 15.335  -10.376 -6.644  1.00 60.27  ? 42  LYS A CE  1 
ATOM   345 N  NZ  . LYS A 1 42 ? 16.531  -10.661 -7.477  1.00 63.99  ? 42  LYS A NZ  1 
ATOM   346 N  N   . ARG A 1 43 ? 10.555  -6.464  -9.721  1.00 52.91  ? 43  ARG A N   1 
ATOM   347 C  CA  . ARG A 1 43 ? 9.443   -6.108  -10.609 1.00 50.46  ? 43  ARG A CA  1 
ATOM   348 C  C   . ARG A 1 43 ? 8.119   -6.725  -10.292 1.00 48.01  ? 43  ARG A C   1 
ATOM   349 O  O   . ARG A 1 43 ? 7.368   -7.080  -11.197 1.00 51.31  ? 43  ARG A O   1 
ATOM   350 C  CB  . ARG A 1 43 ? 9.756   -6.358  -12.080 1.00 53.90  ? 43  ARG A CB  1 
ATOM   351 C  CG  . ARG A 1 43 ? 11.003  -5.686  -12.585 1.00 56.05  ? 43  ARG A CG  1 
ATOM   352 C  CD  . ARG A 1 43 ? 10.982  -4.169  -12.482 1.00 57.21  ? 43  ARG A CD  1 
ATOM   353 N  NE  . ARG A 1 43 ? 12.343  -3.711  -12.182 1.00 60.93  ? 43  ARG A NE  1 
ATOM   354 C  CZ  . ARG A 1 43 ? 13.322  -3.446  -13.057 1.00 64.39  ? 43  ARG A CZ  1 
ATOM   355 N  NH1 . ARG A 1 43 ? 13.131  -3.552  -14.386 1.00 67.72  ? 43  ARG A NH1 1 
ATOM   356 N  NH2 . ARG A 1 43 ? 14.511  -3.053  -12.582 1.00 64.57  ? 43  ARG A NH2 1 
ATOM   357 N  N   . ASN A 1 44 ? 7.775   -6.834  -9.026  1.00 46.46  ? 44  ASN A N   1 
ATOM   358 C  CA  . ASN A 1 44 ? 6.393   -7.135  -8.755  1.00 45.51  ? 44  ASN A CA  1 
ATOM   359 C  C   . ASN A 1 44 ? 5.655   -6.138  -7.856  1.00 41.61  ? 44  ASN A C   1 
ATOM   360 O  O   . ASN A 1 44 ? 6.238   -5.574  -6.916  1.00 39.76  ? 44  ASN A O   1 
ATOM   361 C  CB  . ASN A 1 44 ? 6.225   -8.574  -8.282  1.00 52.10  ? 44  ASN A CB  1 
ATOM   362 C  CG  . ASN A 1 44 ? 7.182   -8.945  -7.197  1.00 55.15  ? 44  ASN A CG  1 
ATOM   363 O  OD1 . ASN A 1 44 ? 7.482   -8.126  -6.329  1.00 58.61  ? 44  ASN A OD1 1 
ATOM   364 N  ND2 . ASN A 1 44 ? 7.677   -10.171 -7.244  1.00 55.83  ? 44  ASN A ND2 1 
ATOM   365 N  N   . LEU A 1 45 ? 4.375   -5.920  -8.192  1.00 37.91  ? 45  LEU A N   1 
ATOM   366 C  CA  . LEU A 1 45 ? 3.544   -4.925  -7.555  1.00 35.26  ? 45  LEU A CA  1 
ATOM   367 C  C   . LEU A 1 45 ? 3.197   -5.244  -6.132  1.00 33.56  ? 45  LEU A C   1 
ATOM   368 O  O   . LEU A 1 45 ? 2.682   -6.311  -5.835  1.00 34.62  ? 45  LEU A O   1 
ATOM   369 C  CB  . LEU A 1 45 ? 2.192   -4.834  -8.231  1.00 37.02  ? 45  LEU A CB  1 
ATOM   370 C  CG  . LEU A 1 45 ? 1.999   -4.203  -9.577  1.00 38.37  ? 45  LEU A CG  1 
ATOM   371 C  CD1 . LEU A 1 45 ? 0.505   -4.240  -9.873  1.00 39.72  ? 45  LEU A CD1 1 
ATOM   372 C  CD2 . LEU A 1 45 ? 2.551   -2.783  -9.584  1.00 38.90  ? 45  LEU A CD2 1 
ATOM   373 N  N   . GLN A 1 46 ? 3.378   -4.253  -5.289  1.00 30.32  ? 46  GLN A N   1 
ATOM   374 C  CA  . GLN A 1 46 ? 2.985   -4.314  -3.901  1.00 30.02  ? 46  GLN A CA  1 
ATOM   375 C  C   . GLN A 1 46 ? 2.223   -3.076  -3.462  1.00 26.63  ? 46  GLN A C   1 
ATOM   376 O  O   . GLN A 1 46 ? 2.465   -1.990  -3.945  1.00 24.85  ? 46  GLN A O   1 
ATOM   377 C  CB  . GLN A 1 46 ? 4.216   -4.368  -3.015  1.00 31.95  ? 46  GLN A CB  1 
ATOM   378 C  CG  . GLN A 1 46 ? 5.167   -5.520  -3.234  1.00 35.29  ? 46  GLN A CG  1 
ATOM   379 C  CD  . GLN A 1 46 ? 6.350   -5.462  -2.251  1.00 37.17  ? 46  GLN A CD  1 
ATOM   380 O  OE1 . GLN A 1 46 ? 7.101   -4.494  -2.204  1.00 35.59  ? 46  GLN A OE1 1 
ATOM   381 N  NE2 . GLN A 1 46 ? 6.501   -6.498  -1.478  1.00 40.06  ? 46  GLN A NE2 1 
ATOM   382 N  N   . CYS A 1 47 ? 1.335   -3.271  -2.499  1.00 26.59  ? 47  CYS A N   1 
ATOM   383 C  CA  . CYS A 1 47 ? 0.590   -2.202  -1.817  1.00 25.80  ? 47  CYS A CA  1 
ATOM   384 C  C   . CYS A 1 47 ? 1.340   -1.711  -0.546  1.00 25.62  ? 47  CYS A C   1 
ATOM   385 O  O   . CYS A 1 47 ? 1.519   -2.434  0.413   1.00 27.20  ? 47  CYS A O   1 
ATOM   386 C  CB  . CYS A 1 47 ? -0.834  -2.673  -1.464  1.00 26.20  ? 47  CYS A CB  1 
ATOM   387 S  SG  . CYS A 1 47 ? -1.843  -1.558  -0.465  1.00 25.25  ? 47  CYS A SG  1 
ATOM   388 N  N   . ILE A 1 48 ? 1.733   -0.458  -0.559  1.00 24.59  ? 48  ILE A N   1 
ATOM   389 C  CA  . ILE A 1 48 ? 2.587   0.058   0.483   1.00 25.86  ? 48  ILE A CA  1 
ATOM   390 C  C   . ILE A 1 48 ? 1.781   1.089   1.220   1.00 25.34  ? 48  ILE A C   1 
ATOM   391 O  O   . ILE A 1 48 ? 1.435   2.159   0.645   1.00 24.32  ? 48  ILE A O   1 
ATOM   392 C  CB  . ILE A 1 48 ? 3.824   0.738   -0.086  1.00 26.83  ? 48  ILE A CB  1 
ATOM   393 C  CG1 . ILE A 1 48 ? 4.545   -0.121  -1.160  1.00 28.37  ? 48  ILE A CG1 1 
ATOM   394 C  CG2 . ILE A 1 48 ? 4.749   1.141   1.059   1.00 28.32  ? 48  ILE A CG2 1 
ATOM   395 C  CD1 . ILE A 1 48 ? 5.494   -1.174  -0.646  1.00 32.32  ? 48  ILE A CD1 1 
ATOM   396 N  N   . CYS A 1 49 ? 1.485   0.784   2.483   1.00 27.10  ? 49  CYS A N   1 
ATOM   397 C  CA  . CYS A 1 49 ? 0.745   1.690   3.304   1.00 27.13  ? 49  CYS A CA  1 
ATOM   398 C  C   . CYS A 1 49 ? 1.716   2.700   3.869   1.00 27.46  ? 49  CYS A C   1 
ATOM   399 O  O   . CYS A 1 49 ? 2.890   2.424   4.031   1.00 29.90  ? 49  CYS A O   1 
ATOM   400 C  CB  . CYS A 1 49 ? -0.064  0.975   4.383   1.00 29.58  ? 49  CYS A CB  1 
ATOM   401 S  SG  . CYS A 1 49 ? -1.163  -0.302  3.771   1.00 31.43  ? 49  CYS A SG  1 
ATOM   402 N  N   . ASP A 1 50 ? 1.219   3.902   4.079   1.00 26.97  ? 50  ASP A N   1 
ATOM   403 C  CA  . ASP A 1 50 ? 2.006   4.973   4.615   1.00 27.07  ? 50  ASP A CA  1 
ATOM   404 C  C   . ASP A 1 50 ? 1.344   5.490   5.872   1.00 29.04  ? 50  ASP A C   1 
ATOM   405 O  O   . ASP A 1 50 ? 0.151   5.803   5.836   1.00 29.86  ? 50  ASP A O   1 
ATOM   406 C  CB  . ASP A 1 50 ? 2.051   6.088   3.597   1.00 26.55  ? 50  ASP A CB  1 
ATOM   407 C  CG  . ASP A 1 50 ? 2.969   7.238   4.006   1.00 27.11  ? 50  ASP A CG  1 
ATOM   408 O  OD1 . ASP A 1 50 ? 3.027   7.572   5.207   1.00 27.27  ? 50  ASP A OD1 1 
ATOM   409 O  OD2 . ASP A 1 50 ? 3.615   7.819   3.105   1.00 26.07  ? 50  ASP A OD2 1 
ATOM   410 N  N   . TYR A 1 51 ? 2.099   5.552   6.985   1.00 31.76  ? 51  TYR A N   1 
ATOM   411 C  CA  . TYR A 1 51 ? 1.572   5.957   8.273   1.00 33.01  ? 51  TYR A CA  1 
ATOM   412 C  C   . TYR A 1 51 ? 1.976   7.347   8.659   1.00 33.92  ? 51  TYR A C   1 
ATOM   413 O  O   . TYR A 1 51 ? 1.760   7.724   9.778   1.00 37.32  ? 51  TYR A O   1 
ATOM   414 C  CB  . TYR A 1 51 ? 2.050   5.035   9.331   1.00 36.22  ? 51  TYR A CB  1 
ATOM   415 C  CG  . TYR A 1 51 ? 1.487   3.675   9.162   1.00 36.48  ? 51  TYR A CG  1 
ATOM   416 C  CD1 . TYR A 1 51 ? 0.329   3.294   9.819   1.00 38.13  ? 51  TYR A CD1 1 
ATOM   417 C  CD2 . TYR A 1 51 ? 2.108   2.769   8.313   1.00 36.61  ? 51  TYR A CD2 1 
ATOM   418 C  CE1 . TYR A 1 51 ? -0.188  1.995   9.650   1.00 39.18  ? 51  TYR A CE1 1 
ATOM   419 C  CE2 . TYR A 1 51 ? 1.604   1.505   8.107   1.00 38.04  ? 51  TYR A CE2 1 
ATOM   420 C  CZ  . TYR A 1 51 ? 0.461   1.120   8.781   1.00 39.15  ? 51  TYR A CZ  1 
ATOM   421 O  OH  . TYR A 1 51 ? 0.002   -0.129  8.525   1.00 42.27  ? 51  TYR A OH  1 
ATOM   422 N  N   . CYS A 1 52 ? 2.572   8.108   7.750   1.00 33.03  ? 52  CYS A N   1 
ATOM   423 C  CA  . CYS A 1 52 ? 3.042   9.470   8.031   1.00 34.78  ? 52  CYS A CA  1 
ATOM   424 C  C   . CYS A 1 52 ? 2.332   10.511  7.195   1.00 34.12  ? 52  CYS A C   1 
ATOM   425 O  O   . CYS A 1 52 ? 2.146   11.641  7.620   1.00 35.65  ? 52  CYS A O   1 
ATOM   426 C  CB  . CYS A 1 52 ? 4.520   9.611   7.693   1.00 38.06  ? 52  CYS A CB  1 
ATOM   427 S  SG  . CYS A 1 52 ? 5.643   8.761   8.790   1.00 41.59  ? 52  CYS A SG  1 
ATOM   428 N  N   . GLU A 1 53 ? 2.015   10.150  5.966   1.00 32.22  ? 53  GLU A N   1 
ATOM   429 C  CA  . GLU A 1 53 ? 1.475   11.099  5.025   1.00 33.24  ? 53  GLU A CA  1 
ATOM   430 C  C   . GLU A 1 53 ? 0.237   10.579  4.304   1.00 32.79  ? 53  GLU A C   1 
ATOM   431 O  O   . GLU A 1 53 ? 0.084   9.383   4.035   1.00 30.76  ? 53  GLU A O   1 
ATOM   432 C  CB  . GLU A 1 53 ? 2.537   11.490  4.037   1.00 33.06  ? 53  GLU A CB  1 
ATOM   433 C  CG  . GLU A 1 53 ? 3.782   12.150  4.689   1.00 35.49  ? 53  GLU A CG  1 
ATOM   434 C  CD  . GLU A 1 53 ? 4.757   12.710  3.706   1.00 36.62  ? 53  GLU A CD  1 
ATOM   435 O  OE1 . GLU A 1 53 ? 4.409   12.824  2.526   1.00 36.91  ? 53  GLU A OE1 1 
ATOM   436 O  OE2 . GLU A 1 53 ? 5.853   13.088  4.086   1.00 38.03  ? 53  GLU A OE2 1 
ATOM   437 N  N   . TYR A 1 54 ? -0.633  11.539  4.010   1.00 35.76  ? 54  TYR A N   1 
ATOM   438 C  CA  . TYR A 1 54 ? -1.933  11.310  3.411   1.00 36.27  ? 54  TYR A CA  1 
ATOM   439 C  C   . TYR A 1 54 ? -1.734  11.265  1.942   1.00 35.67  ? 54  TYR A C   1 
ATOM   440 O  O   . TYR A 1 54 ? -0.689  11.651  1.379   1.00 34.70  ? 54  TYR A O   1 
ATOM   441 C  CB  . TYR A 1 54 ? -2.964  12.395  3.802   1.00 39.55  ? 54  TYR A CB  1 
ATOM   442 C  CG  . TYR A 1 54 ? -3.026  12.673  5.307   1.00 41.37  ? 54  TYR A CG  1 
ATOM   443 C  CD1 . TYR A 1 54 ? -3.950  12.049  6.136   1.00 41.28  ? 54  TYR A CD1 1 
ATOM   444 C  CD2 . TYR A 1 54 ? -2.137  13.574  5.911   1.00 43.56  ? 54  TYR A CD2 1 
ATOM   445 C  CE1 . TYR A 1 54 ? -3.997  12.324  7.496   1.00 41.08  ? 54  TYR A CE1 1 
ATOM   446 C  CE2 . TYR A 1 54 ? -2.181  13.831  7.267   1.00 43.77  ? 54  TYR A CE2 1 
ATOM   447 C  CZ  . TYR A 1 54 ? -3.114  13.212  8.043   1.00 43.52  ? 54  TYR A CZ  1 
ATOM   448 O  OH  . TYR A 1 54 ? -3.111  13.504  9.386   1.00 46.55  ? 54  TYR A OH  1 
ATOM   449 O  OXT . TYR A 1 54 ? -2.634  10.743  1.306   1.00 36.54  ? 54  TYR A OXT 1 
HETATM 450 NA NA  . NA  B 2 .  ? -5.106  5.284   -6.962  0.50 26.87  ? 100 NA  A NA  1 
HETATM 451 O  O   . HOH C 3 .  ? -4.644  2.978   -4.531  1.00 20.64  ? 201 HOH A O   1 
HETATM 452 O  O   . HOH C 3 .  ? -4.682  0.469   -5.854  1.00 20.08  ? 202 HOH A O   1 
HETATM 453 O  O   . HOH C 3 .  ? -7.415  6.938   -3.785  1.00 28.74  ? 203 HOH A O   1 
HETATM 454 O  O   . HOH C 3 .  ? 2.711   4.421   0.160   1.00 23.64  ? 204 HOH A O   1 
HETATM 455 O  O   . HOH C 3 .  ? 1.559   -5.935  -1.365  1.00 25.99  ? 205 HOH A O   1 
HETATM 456 O  O   . HOH C 3 .  ? -4.805  -11.209 -7.559  1.00 32.79  ? 206 HOH A O   1 
HETATM 457 O  O   . HOH C 3 .  ? 6.726   -2.198  -3.913  1.00 39.98  ? 207 HOH A O   1 
HETATM 458 O  O   . HOH C 3 .  ? 0.776   6.585   0.223   1.00 30.94  ? 208 HOH A O   1 
HETATM 459 O  O   . HOH C 3 .  ? -11.201 0.428   -7.914  1.00 32.69  ? 209 HOH A O   1 
HETATM 460 O  O   . HOH C 3 .  ? -2.703  -0.205  -13.034 1.00 37.62  ? 210 HOH A O   1 
HETATM 461 O  O   . HOH C 3 .  ? -8.485  7.428   -8.050  1.00 26.35  ? 211 HOH A O   1 
HETATM 462 O  O   . HOH C 3 .  ? 9.942   4.361   5.686   1.00 36.46  ? 212 HOH A O   1 
HETATM 463 O  O   . HOH C 3 .  ? 10.354  6.204   7.071   1.00 39.95  ? 213 HOH A O   1 
# 
loop_
_atom_site_anisotrop.id 
_atom_site_anisotrop.type_symbol 
_atom_site_anisotrop.pdbx_label_atom_id 
_atom_site_anisotrop.pdbx_label_alt_id 
_atom_site_anisotrop.pdbx_label_comp_id 
_atom_site_anisotrop.pdbx_label_asym_id 
_atom_site_anisotrop.pdbx_label_seq_id 
_atom_site_anisotrop.pdbx_PDB_ins_code 
_atom_site_anisotrop.U[1][1] 
_atom_site_anisotrop.U[2][2] 
_atom_site_anisotrop.U[3][3] 
_atom_site_anisotrop.U[1][2] 
_atom_site_anisotrop.U[1][3] 
_atom_site_anisotrop.U[2][3] 
_atom_site_anisotrop.pdbx_auth_seq_id 
_atom_site_anisotrop.pdbx_auth_comp_id 
_atom_site_anisotrop.pdbx_auth_asym_id 
_atom_site_anisotrop.pdbx_auth_atom_id 
1   N N   . PCA A 1  ? 0.6388 0.6445 0.6139 -0.1407 -0.1214 0.0927  1  PCA A N   
2   C CA  . PCA A 1  ? 0.6136 0.6575 0.6319 -0.1214 -0.1060 0.0897  1  PCA A CA  
3   C CB  . PCA A 1  ? 0.6099 0.6414 0.6132 -0.0946 -0.0971 0.0608  1  PCA A CB  
4   C CG  . PCA A 1  ? 0.6584 0.6216 0.6167 -0.0886 -0.1196 0.0488  1  PCA A CG  
5   C CD  . PCA A 1  ? 0.6948 0.6403 0.6286 -0.1271 -0.1350 0.0735  1  PCA A CD  
6   O OE  . PCA A 1  ? 0.7372 0.6108 0.6126 -0.1465 -0.1678 0.0770  1  PCA A OE  
7   C C   . PCA A 1  ? 0.6108 0.6902 0.6846 -0.1115 -0.1040 0.0978  1  PCA A C   
8   O O   . PCA A 1  ? 0.6687 0.7641 0.7508 -0.1084 -0.0951 0.0899  1  PCA A O   
9   N N   . ASP A 2  ? 0.6558 0.7464 0.7623 -0.1075 -0.1224 0.1084  2  ASP A N   
10  C CA  . ASP A 2  ? 0.6773 0.7949 0.8439 -0.0764 -0.1373 0.0953  2  ASP A CA  
11  C C   . ASP A 2  ? 0.6703 0.7530 0.8387 -0.0591 -0.1399 0.0883  2  ASP A C   
12  O O   . ASP A 2  ? 0.7307 0.8276 0.9432 -0.0245 -0.1521 0.0634  2  ASP A O   
13  C CB  . ASP A 2  ? 0.7711 0.8884 0.9695 -0.0694 -0.1840 0.1050  2  ASP A CB  
14  C CG  . ASP A 2  ? 0.8149 1.0146 1.0447 -0.0728 -0.1822 0.0963  2  ASP A CG  
15  O OD1 . ASP A 2  ? 0.9035 1.1220 1.0920 -0.1097 -0.1520 0.1049  2  ASP A OD1 
16  O OD2 . ASP A 2  ? 0.8083 1.0527 1.1011 -0.0387 -0.2215 0.0775  2  ASP A OD2 
17  N N   . LYS A 3  ? 0.6128 0.6689 0.7335 -0.0839 -0.1293 0.1013  3  LYS A N   
18  C CA  . LYS A 3  ? 0.5936 0.6245 0.7001 -0.0902 -0.1386 0.1055  3  LYS A CA  
19  C C   . LYS A 3  ? 0.4817 0.5441 0.5707 -0.0875 -0.0993 0.0880  3  LYS A C   
20  O O   . LYS A 3  ? 0.4408 0.5276 0.4991 -0.1143 -0.0959 0.0912  3  LYS A O   
21  C CB  . LYS A 3  ? 0.7177 0.7219 0.7761 -0.1439 -0.1754 0.1401  3  LYS A CB  
22  C CG  . LYS A 3  ? 0.8000 0.7623 0.8631 -0.1530 -0.2270 0.1635  3  LYS A CG  
23  C CD  . LYS A 3  ? 0.8062 0.8103 0.8518 -0.1776 -0.2083 0.1701  3  LYS A CD  
24  C CE  . LYS A 3  ? 0.8544 0.8977 0.8298 -0.2477 -0.2009 0.1860  3  LYS A CE  
25  N NZ  . LYS A 3  ? 0.9157 0.9559 0.8388 -0.3079 -0.2260 0.2110  3  LYS A NZ  
26  N N   . CYS A 4  ? 0.3822 0.4541 0.4856 -0.0625 -0.0775 0.0693  4  CYS A N   
27  C CA  . CYS A 4  ? 0.3563 0.4375 0.4435 -0.0520 -0.0602 0.0523  4  CYS A CA  
28  C C   . CYS A 4  ? 0.3558 0.4426 0.4520 -0.0494 -0.0561 0.0506  4  CYS A C   
29  O O   . CYS A 4  ? 0.3357 0.4556 0.4178 -0.0544 -0.0491 0.0421  4  CYS A O   
30  C CB  . CYS A 4  ? 0.3458 0.4049 0.4225 -0.0438 -0.0599 0.0456  4  CYS A CB  
31  S SG  . CYS A 4  ? 0.3917 0.4152 0.4264 -0.0479 -0.0792 0.0403  4  CYS A SG  
32  N N   . LYS A 5  ? 0.3437 0.4126 0.4659 -0.0401 -0.0639 0.0506  5  LYS A N   
33  C CA  . LYS A 5  ? 0.3626 0.4209 0.4909 -0.0338 -0.0659 0.0428  5  LYS A CA  
34  C C   . LYS A 5  ? 0.4251 0.4295 0.5480 -0.0417 -0.1085 0.0537  5  LYS A C   
35  O O   . LYS A 5  ? 0.5084 0.4839 0.6380 -0.0404 -0.1409 0.0621  5  LYS A O   
36  C CB  . LYS A 5  ? 0.3171 0.4031 0.4721 -0.0154 -0.0518 0.0187  5  LYS A CB  
37  C CG  . LYS A 5  ? 0.2862 0.3876 0.4172 -0.0287 -0.0334 0.0224  5  LYS A CG  
38  C CD  . LYS A 5  ? 0.2838 0.4268 0.4228 -0.0366 -0.0219 0.0045  5  LYS A CD  
39  C CE  . LYS A 5  ? 0.3088 0.4481 0.4036 -0.0715 -0.0237 0.0198  5  LYS A CE  
40  N NZ  . LYS A 5  ? 0.3189 0.4010 0.3872 -0.0608 -0.0364 0.0306  5  LYS A NZ  
41  N N   . LYS A 6  ? 0.7054 1.1966 0.5848 -0.5045 -0.1923 0.1750  6  LYS A N   
42  C CA  . LYS A 6  ? 0.6874 1.2277 0.5922 -0.5035 -0.2536 0.2468  6  LYS A CA  
43  C C   . LYS A 6  ? 0.5667 1.0663 0.4973 -0.4296 -0.2087 0.2520  6  LYS A C   
44  O O   . LYS A 6  ? 0.5531 1.0157 0.4082 -0.4126 -0.1613 0.2076  6  LYS A O   
45  C CB  . LYS A 6  ? 0.8409 1.3944 0.5860 -0.5768 -0.2886 0.2477  6  LYS A CB  
46  C CG  . LYS A 6  ? 0.9016 1.4785 0.6391 -0.5700 -0.3253 0.3166  6  LYS A CG  
47  C CD  . LYS A 6  ? 0.9365 1.5766 0.8247 -0.5576 -0.4021 0.4095  6  LYS A CD  
48  C CE  . LYS A 6  ? 1.0241 1.6687 0.9062 -0.5466 -0.4249 0.4829  6  LYS A CE  
49  N NZ  . LYS A 6  ? 1.0892 1.8030 1.0982 -0.5522 -0.5140 0.5925  6  LYS A NZ  
50  N N   . VAL A 7  ? 0.4900 0.9929 0.5327 -0.3906 -0.2214 0.3052  7  VAL A N   
51  C CA  . VAL A 7  ? 0.4565 0.9078 0.4997 -0.3401 -0.1868 0.3045  7  VAL A CA  
52  C C   . VAL A 7  ? 0.4619 0.9265 0.4220 -0.3616 -0.1968 0.3047  7  VAL A C   
53  O O   . VAL A 7  ? 0.5044 1.0113 0.4204 -0.4096 -0.2345 0.3361  7  VAL A O   
54  C CB  . VAL A 7  ? 0.4567 0.8923 0.6252 -0.3086 -0.1871 0.3630  7  VAL A CB  
55  C CG1 . VAL A 7  ? 0.4545 0.8113 0.5949 -0.2714 -0.1466 0.3472  7  VAL A CG1 
56  C CG2 . VAL A 7  ? 0.4459 0.8619 0.7200 -0.2852 -0.1557 0.3627  7  VAL A CG2 
57  N N   . TYR A 8  ? 0.4256 0.8497 0.3630 -0.3294 -0.1631 0.2711  8  TYR A N   
58  C CA  . TYR A 8  ? 0.4339 0.8693 0.3442 -0.3436 -0.1630 0.2732  8  TYR A CA  
59  C C   . TYR A 8  ? 0.4390 0.8377 0.4126 -0.3263 -0.1693 0.3122  8  TYR A C   
60  O O   . TYR A 8  ? 0.4431 0.7804 0.4287 -0.2938 -0.1495 0.2895  8  TYR A O   
61  C CB  . TYR A 8  ? 0.4197 0.8442 0.3097 -0.3200 -0.1341 0.2194  8  TYR A CB  
62  C CG  . TYR A 8  ? 0.4056 0.8642 0.3005 -0.3402 -0.1237 0.2120  8  TYR A CG  
63  C CD1 . TYR A 8  ? 0.4084 0.8913 0.3049 -0.3359 -0.0887 0.1773  8  TYR A CD1 
64  C CD2 . TYR A 8  ? 0.4259 0.8872 0.3501 -0.3606 -0.1357 0.2412  8  TYR A CD2 
65  C CE1 . TYR A 8  ? 0.4213 0.9427 0.3662 -0.3511 -0.0672 0.1736  8  TYR A CE1 
66  C CE2 . TYR A 8  ? 0.4278 0.9222 0.3819 -0.3832 -0.1158 0.2334  8  TYR A CE2 
67  C CZ  . TYR A 8  ? 0.4252 0.9554 0.3982 -0.3786 -0.0819 0.2004  8  TYR A CZ  
68  O OH  . TYR A 8  ? 0.4399 1.0095 0.4814 -0.3991 -0.0513 0.1968  8  TYR A OH  
69  N N   . GLU A 9  ? 0.4884 0.9074 0.4914 -0.3494 -0.1914 0.3742  9  GLU A N   
70  C CA  . GLU A 9  ? 0.5102 0.8771 0.5977 -0.3260 -0.1794 0.4173  9  GLU A CA  
71  C C   . GLU A 9  ? 0.4886 0.8096 0.5567 -0.3316 -0.1555 0.3888  9  GLU A C   
72  O O   . GLU A 9  ? 0.4769 0.8355 0.5051 -0.3612 -0.1600 0.3745  9  GLU A O   
73  C CB  . GLU A 9  ? 0.5969 0.9990 0.7506 -0.3393 -0.2128 0.5118  9  GLU A CB  
74  C CG  . GLU A 9  ? 0.7079 1.1683 0.7704 -0.3907 -0.2531 0.5421  9  GLU A CG  
75  C CD  . GLU A 9  ? 0.7519 1.2577 0.7208 -0.4216 -0.2751 0.4971  9  GLU A CD  
76  O OE1 . GLU A 9  ? 0.8021 1.3350 0.8223 -0.4155 -0.3022 0.5029  9  GLU A OE1 
77  O OE2 . GLU A 9  ? 0.7955 1.3013 0.6545 -0.4531 -0.2519 0.4524  9  GLU A OE2 
78  N N   . ASN A 10 ? 0.5146 0.7456 0.6112 -0.3085 -0.1229 0.3755  10 ASN A N   
79  C CA  . ASN A 10 ? 0.5809 0.7496 0.6530 -0.3259 -0.1057 0.3372  10 ASN A CA  
80  C C   . ASN A 10 ? 0.5445 0.7419 0.5532 -0.3374 -0.1312 0.2691  10 ASN A C   
81  O O   . ASN A 10 ? 0.5827 0.7867 0.5979 -0.3687 -0.1413 0.2455  10 ASN A O   
82  C CB  . ASN A 10 ? 0.6316 0.8103 0.7488 -0.3571 -0.0989 0.3858  10 ASN A CB  
83  C CG  . ASN A 10 ? 0.6899 0.8531 0.8894 -0.3386 -0.0860 0.4762  10 ASN A CG  
84  O OD1 . ASN A 10 ? 0.7498 0.8647 1.0090 -0.3023 -0.0612 0.4949  10 ASN A OD1 
85  N ND2 . ASN A 10 ? 0.7340 0.9383 0.9460 -0.3616 -0.1001 0.5409  10 ASN A ND2 
86  N N   . TYR A 11 ? 0.4402 0.3586 0.4042 -0.1097 -0.1567 0.0886  11 TYR A N   
87  C CA  . TYR A 11 ? 0.4041 0.3542 0.3745 -0.1169 -0.1370 0.0903  11 TYR A CA  
88  C C   . TYR A 11 ? 0.3921 0.3487 0.3750 -0.1162 -0.1293 0.0893  11 TYR A C   
89  O O   . TYR A 11 ? 0.3918 0.3422 0.3945 -0.1036 -0.1297 0.0843  11 TYR A O   
90  C CB  . TYR A 11 ? 0.3764 0.3499 0.3725 -0.1078 -0.1322 0.0852  11 TYR A CB  
91  C CG  . TYR A 11 ? 0.3449 0.3492 0.3471 -0.1122 -0.1140 0.0861  11 TYR A CG  
92  C CD1 . TYR A 11 ? 0.3590 0.3680 0.3399 -0.1206 -0.1061 0.0907  11 TYR A CD1 
93  C CD2 . TYR A 11 ? 0.3090 0.3323 0.3349 -0.1072 -0.1039 0.0826  11 TYR A CD2 
94  C CE1 . TYR A 11 ? 0.3340 0.3732 0.3279 -0.1222 -0.0911 0.0911  11 TYR A CE1 
95  C CE2 . TYR A 11 ? 0.2879 0.3346 0.3175 -0.1096 -0.0928 0.0829  11 TYR A CE2 
96  C CZ  . TYR A 11 ? 0.2959 0.3538 0.3147 -0.1164 -0.0877 0.0869  11 TYR A CZ  
97  O OH  . TYR A 11 ? 0.2791 0.3625 0.3088 -0.1163 -0.0777 0.0868  11 TYR A OH  
98  N N   . PRO A 12 ? 0.3955 0.3604 0.3669 -0.1291 -0.1224 0.0940  12 PRO A N   
99  C CA  . PRO A 12 ? 0.3893 0.3478 0.3608 -0.1281 -0.1204 0.0927  12 PRO A CA  
100 C C   . PRO A 12 ? 0.3654 0.3343 0.3586 -0.1135 -0.1095 0.0858  12 PRO A C   
101 O O   . PRO A 12 ? 0.3395 0.3335 0.3494 -0.1106 -0.1016 0.0837  12 PRO A O   
102 C CB  . PRO A 12 ? 0.3974 0.3685 0.3627 -0.1457 -0.1199 0.0988  12 PRO A CB  
103 C CG  . PRO A 12 ? 0.4076 0.3800 0.3622 -0.1581 -0.1191 0.1050  12 PRO A CG  
104 C CD  . PRO A 12 ? 0.4066 0.3797 0.3632 -0.1457 -0.1177 0.1011  12 PRO A CD  
105 N N   . VAL A 13 ? 0.3795 0.3227 0.3675 -0.1035 -0.1071 0.0826  13 VAL A N   
106 C CA  . VAL A 13 ? 0.3779 0.3187 0.3767 -0.0910 -0.0918 0.0773  13 VAL A CA  
107 C C   . VAL A 13 ? 0.3747 0.3164 0.3570 -0.0952 -0.0881 0.0775  13 VAL A C   
108 O O   . VAL A 13 ? 0.3588 0.3091 0.3516 -0.0879 -0.0758 0.0737  13 VAL A O   
109 C CB  . VAL A 13 ? 0.4128 0.3180 0.4025 -0.0788 -0.0853 0.0745  13 VAL A CB  
110 C CG1 . VAL A 13 ? 0.4270 0.3206 0.4191 -0.0663 -0.0618 0.0698  13 VAL A CG1 
111 C CG2 . VAL A 13 ? 0.4172 0.3278 0.4388 -0.0702 -0.0901 0.0726  13 VAL A CG2 
112 N N   . SER A 14 ? 0.3877 0.3176 0.3456 -0.1073 -0.1014 0.0817  14 SER A N   
113 C CA  . SER A 14 ? 0.3959 0.3252 0.3417 -0.1123 -0.1071 0.0820  14 SER A CA  
114 C C   . SER A 14 ? 0.3563 0.3308 0.3323 -0.1141 -0.1034 0.0817  14 SER A C   
115 O O   . SER A 14 ? 0.3385 0.3134 0.3125 -0.1073 -0.0997 0.0780  14 SER A O   
116 C CB  . SER A 14 ? 0.4236 0.3354 0.3492 -0.1285 -0.1278 0.0876  14 SER A CB  
117 O OG  . SER A 14 ? 0.4132 0.3527 0.3583 -0.1433 -0.1323 0.0936  14 SER A OG  
118 N N   . LYS A 15 ? 0.3501 0.3545 0.3467 -0.1212 -0.1030 0.0850  15 LYS A N   
119 C CA  . LYS A 15 ? 0.3459 0.3868 0.3653 -0.1197 -0.0962 0.0843  15 LYS A CA  
120 C C   . LYS A 15 ? 0.3121 0.3558 0.3400 -0.1057 -0.0850 0.0784  15 LYS A C   
121 O O   . LYS A 15 ? 0.2896 0.3506 0.3263 -0.1007 -0.0801 0.0759  15 LYS A O   
122 C CB  . LYS A 15 ? 0.3705 0.4283 0.3966 -0.1292 -0.0948 0.0895  15 LYS A CB  
123 C CG  . LYS A 15 ? 0.4112 0.4864 0.4459 -0.1453 -0.0970 0.0961  15 LYS A CG  
124 C CD  . LYS A 15 ? 0.4551 0.5266 0.4788 -0.1540 -0.0910 0.1016  15 LYS A CD  
125 C CE  . LYS A 15 ? 0.5018 0.6016 0.5427 -0.1649 -0.0782 0.1074  15 LYS A CE  
126 N NZ  . LYS A 15 ? 0.5293 0.6606 0.5930 -0.1530 -0.0677 0.1031  15 LYS A NZ  
127 N N   . CYS A 16 ? 0.3253 0.3527 0.3548 -0.0994 -0.0816 0.0764  16 CYS A N   
128 C CA  . CYS A 16 ? 0.3206 0.3500 0.3665 -0.0885 -0.0707 0.0713  16 CYS A CA  
129 C C   . CYS A 16 ? 0.3292 0.3457 0.3643 -0.0816 -0.0596 0.0676  16 CYS A C   
130 O O   . CYS A 16 ? 0.3449 0.3695 0.3900 -0.0764 -0.0513 0.0645  16 CYS A O   
131 C CB  . CYS A 16 ? 0.3401 0.3547 0.4011 -0.0823 -0.0690 0.0697  16 CYS A CB  
132 S SG  . CYS A 16 ? 0.3159 0.3477 0.4112 -0.0787 -0.0749 0.0675  16 CYS A SG  
133 N N   . GLN A 17 ? 0.3469 0.3351 0.3537 -0.0820 -0.0615 0.0681  17 GLN A N   
134 C CA  . GLN A 17 ? 0.3555 0.3149 0.3355 -0.0750 -0.0534 0.0649  17 GLN A CA  
135 C C   . GLN A 17 ? 0.3330 0.3038 0.3060 -0.0757 -0.0630 0.0639  17 GLN A C   
136 O O   . GLN A 17 ? 0.3446 0.2868 0.2903 -0.0684 -0.0582 0.0605  17 GLN A O   
137 C CB  . GLN A 17 ? 0.4202 0.3333 0.3607 -0.0746 -0.0573 0.0657  17 GLN A CB  
138 C CG  . GLN A 17 ? 0.4608 0.3552 0.4069 -0.0674 -0.0404 0.0647  17 GLN A CG  
139 C CD  . GLN A 17 ? 0.5154 0.3608 0.4189 -0.0656 -0.0439 0.0656  17 GLN A CD  
140 O OE1 . GLN A 17 ? 0.5870 0.3819 0.4435 -0.0587 -0.0358 0.0635  17 GLN A OE1 
141 N NE2 . GLN A 17 ? 0.5461 0.3973 0.4577 -0.0711 -0.0561 0.0686  17 GLN A NE2 
142 N N   . LEU A 18 ? 0.2983 0.3067 0.2938 -0.0834 -0.0755 0.0668  18 LEU A N   
143 C CA  . LEU A 18 ? 0.2925 0.3173 0.2917 -0.0832 -0.0866 0.0662  18 LEU A CA  
144 C C   . LEU A 18 ? 0.2646 0.3210 0.2854 -0.0778 -0.0784 0.0643  18 LEU A C   
145 O O   . LEU A 18 ? 0.2657 0.3393 0.3020 -0.0797 -0.0710 0.0655  18 LEU A O   
146 C CB  . LEU A 18 ? 0.2915 0.3355 0.3059 -0.0956 -0.1033 0.0713  18 LEU A CB  
147 C CG  . LEU A 18 ? 0.3211 0.3274 0.3087 -0.1021 -0.1176 0.0733  18 LEU A CG  
148 C CD1 . LEU A 18 ? 0.3153 0.3468 0.3280 -0.1184 -0.1306 0.0797  18 LEU A CD1 
149 C CD2 . LEU A 18 ? 0.3678 0.3357 0.3230 -0.0949 -0.1317 0.0693  18 LEU A CD2 
150 N N   . ALA A 19 ? 0.2754 0.3327 0.2913 -0.0698 -0.0824 0.0609  19 ALA A N   
151 C CA  . ALA A 19 ? 0.2543 0.3332 0.2823 -0.0622 -0.0751 0.0582  19 ALA A CA  
152 C C   . ALA A 19 ? 0.2296 0.3485 0.2855 -0.0671 -0.0725 0.0619  19 ALA A C   
153 O O   . ALA A 19 ? 0.2416 0.3791 0.3142 -0.0753 -0.0784 0.0661  19 ALA A O   
154 C CB  . ALA A 19 ? 0.2726 0.3426 0.2888 -0.0521 -0.0849 0.0540  19 ALA A CB  
155 N N   . ASN A 20 ? 0.2335 0.3577 0.2901 -0.0636 -0.0628 0.0608  20 ASN A N   
156 C CA  . ASN A 20 ? 0.2262 0.3732 0.2919 -0.0634 -0.0570 0.0629  20 ASN A CA  
157 C C   . ASN A 20 ? 0.2333 0.3833 0.3007 -0.0747 -0.0552 0.0686  20 ASN A C   
158 O O   . ASN A 20 ? 0.2460 0.3987 0.3061 -0.0740 -0.0483 0.0703  20 ASN A O   
159 C CB  . ASN A 20 ? 0.2289 0.4027 0.3125 -0.0581 -0.0570 0.0629  20 ASN A CB  
160 C CG  . ASN A 20 ? 0.2342 0.4016 0.3102 -0.0432 -0.0600 0.0567  20 ASN A CG  
161 O OD1 . ASN A 20 ? 0.2606 0.4088 0.3166 -0.0368 -0.0564 0.0531  20 ASN A OD1 
162 N ND2 . ASN A 20 ? 0.2528 0.4348 0.3466 -0.0382 -0.0692 0.0555  20 ASN A ND2 
163 N N   . GLN A 21 ? 0.2372 0.3783 0.3056 -0.0843 -0.0615 0.0715  21 GLN A N   
164 C CA  . GLN A 21 ? 0.2402 0.3810 0.3068 -0.0963 -0.0616 0.0777  21 GLN A CA  
165 C C   . GLN A 21 ? 0.2431 0.3665 0.2931 -0.0960 -0.0611 0.0782  21 GLN A C   
166 O O   . GLN A 21 ? 0.2400 0.3631 0.2783 -0.0992 -0.0551 0.0817  21 GLN A O   
167 C CB  . GLN A 21 ? 0.2665 0.3926 0.3307 -0.1047 -0.0712 0.0799  21 GLN A CB  
168 C CG  . GLN A 21 ? 0.2964 0.4305 0.3715 -0.1091 -0.0796 0.0809  21 GLN A CG  
169 C CD  . GLN A 21 ? 0.3302 0.4905 0.4278 -0.1215 -0.0785 0.0871  21 GLN A CD  
170 O OE1 . GLN A 21 ? 0.3831 0.5407 0.4764 -0.1333 -0.0742 0.0930  21 GLN A OE1 
171 N NE2 . GLN A 21 ? 0.3683 0.5523 0.4925 -0.1192 -0.0829 0.0861  21 GLN A NE2 
172 N N   . CYS A 22 ? 0.2424 0.3473 0.2917 -0.0919 -0.0676 0.0747  22 CYS A N   
173 C CA  . CYS A 22 ? 0.2608 0.3474 0.3021 -0.0900 -0.0748 0.0738  22 CYS A CA  
174 C C   . CYS A 22 ? 0.2690 0.3533 0.2971 -0.0835 -0.0728 0.0718  22 CYS A C   
175 O O   . CYS A 22 ? 0.3086 0.3723 0.3135 -0.0844 -0.0792 0.0734  22 CYS A O   
176 C CB  . CYS A 22 ? 0.2595 0.3359 0.3209 -0.0850 -0.0799 0.0695  22 CYS A CB  
177 S SG  . CYS A 22 ? 0.2603 0.3173 0.3310 -0.0817 -0.0970 0.0671  22 CYS A SG  
178 N N   . ASN A 23 ? 0.2585 0.3550 0.2935 -0.0760 -0.0660 0.0679  23 ASN A N   
179 C CA  . ASN A 23 ? 0.2729 0.3620 0.2898 -0.0682 -0.0642 0.0655  23 ASN A CA  
180 C C   . ASN A 23 ? 0.3203 0.4087 0.3124 -0.0685 -0.0538 0.0696  23 ASN A C   
181 O O   . ASN A 23 ? 0.3445 0.4047 0.3043 -0.0673 -0.0572 0.0705  23 ASN A O   
182 C CB  . ASN A 23 ? 0.2584 0.3582 0.2828 -0.0595 -0.0581 0.0610  23 ASN A CB  
183 C CG  . ASN A 23 ? 0.2870 0.3708 0.2891 -0.0507 -0.0593 0.0577  23 ASN A CG  
184 O OD1 . ASN A 23 ? 0.2923 0.3511 0.2788 -0.0518 -0.0706 0.0574  23 ASN A OD1 
185 N ND2 . ASN A 23 ? 0.2873 0.3797 0.2846 -0.0412 -0.0511 0.0550  23 ASN A ND2 
186 N N   . TYR A 24 ? 0.2796 0.4461 0.2353 -0.0533 -0.0244 0.0336  24 TYR A N   
187 C CA  . TYR A 24 ? 0.3182 0.5039 0.2750 -0.0655 -0.0232 0.0263  24 TYR A CA  
188 C C   . TYR A 24 ? 0.3297 0.5022 0.2824 -0.0926 -0.0294 0.0222  24 TYR A C   
189 O O   . TYR A 24 ? 0.3600 0.5312 0.3079 -0.1052 -0.0257 0.0210  24 TYR A O   
190 C CB  . TYR A 24 ? 0.3240 0.5563 0.2876 -0.0534 -0.0232 0.0190  24 TYR A CB  
191 C CG  . TYR A 24 ? 0.3341 0.5849 0.2996 -0.0224 -0.0158 0.0269  24 TYR A CG  
192 C CD1 . TYR A 24 ? 0.3635 0.5877 0.3281 -0.0085 -0.0037 0.0387  24 TYR A CD1 
193 C CD2 . TYR A 24 ? 0.3836 0.6828 0.3536 -0.0072 -0.0198 0.0215  24 TYR A CD2 
194 C CE1 . TYR A 24 ? 0.3753 0.6124 0.3426 0.0219  0.0067  0.0494  24 TYR A CE1 
195 C CE2 . TYR A 24 ? 0.4176 0.7384 0.3879 0.0254  -0.0132 0.0323  24 TYR A CE2 
196 C CZ  . TYR A 24 ? 0.4368 0.7227 0.4052 0.0414  0.0017  0.0487  24 TYR A CZ  
197 O OH  . TYR A 24 ? 0.4883 0.7927 0.4569 0.0779  0.0111  0.0637  24 TYR A OH  
198 N N   . ASP A 25 ? 0.3288 0.4889 0.2826 -0.1005 -0.0367 0.0214  25 ASP A N   
199 C CA  . ASP A 25 ? 0.3326 0.4732 0.2833 -0.1229 -0.0398 0.0221  25 ASP A CA  
200 C C   . ASP A 25 ? 0.3659 0.4756 0.3057 -0.1269 -0.0420 0.0337  25 ASP A C   
201 O O   . ASP A 25 ? 0.4057 0.5053 0.3357 -0.1416 -0.0418 0.0379  25 ASP A O   
202 C CB  . ASP A 25 ? 0.3288 0.4603 0.2877 -0.1280 -0.0444 0.0179  25 ASP A CB  
203 C CG  . ASP A 25 ? 0.3282 0.4937 0.2995 -0.1342 -0.0424 0.0004  25 ASP A CG  
204 O OD1 . ASP A 25 ? 0.3316 0.5235 0.3060 -0.1414 -0.0376 -0.0077 25 ASP A OD1 
205 O OD2 . ASP A 25 ? 0.3307 0.4999 0.3107 -0.1328 -0.0451 -0.0083 25 ASP A OD2 
206 N N   . CYS A 26 ? 0.3731 0.4693 0.3149 -0.1134 -0.0438 0.0385  26 CYS A N   
207 C CA  . CYS A 26 ? 0.3574 0.4336 0.2930 -0.1159 -0.0465 0.0447  26 CYS A CA  
208 C C   . CYS A 26 ? 0.3522 0.4391 0.2788 -0.1213 -0.0401 0.0415  26 CYS A C   
209 O O   . CYS A 26 ? 0.3682 0.4486 0.2823 -0.1329 -0.0433 0.0447  26 CYS A O   
210 C CB  . CYS A 26 ? 0.3312 0.3963 0.2768 -0.1013 -0.0453 0.0457  26 CYS A CB  
211 S SG  . CYS A 26 ? 0.3331 0.3781 0.2887 -0.0982 -0.0539 0.0497  26 CYS A SG  
212 N N   . LYS A 27 ? 0.3743 0.4793 0.3068 -0.1116 -0.0303 0.0356  27 LYS A N   
213 C CA  . LYS A 27 ? 0.4029 0.5197 0.3302 -0.1166 -0.0217 0.0300  27 LYS A CA  
214 C C   . LYS A 27 ? 0.4427 0.5723 0.3599 -0.1340 -0.0215 0.0281  27 LYS A C   
215 O O   . LYS A 27 ? 0.4936 0.6213 0.3964 -0.1469 -0.0195 0.0278  27 LYS A O   
216 C CB  . LYS A 27 ? 0.3695 0.5027 0.3091 -0.0987 -0.0099 0.0260  27 LYS A CB  
217 C CG  . LYS A 27 ? 0.3668 0.4840 0.3162 -0.0819 -0.0029 0.0288  27 LYS A CG  
218 C CD  . LYS A 27 ? 0.3781 0.5105 0.3374 -0.0638 0.0115  0.0280  27 LYS A CD  
219 C CE  . LYS A 27 ? 0.4150 0.5366 0.3835 -0.0401 0.0206  0.0367  27 LYS A CE  
220 N NZ  . LYS A 27 ? 0.4472 0.5415 0.4257 -0.0363 0.0360  0.0354  27 LYS A NZ  
221 N N   . LEU A 28 ? 0.4568 0.6022 0.3816 -0.1351 -0.0218 0.0252  28 LEU A N   
222 C CA  . LEU A 28 ? 0.4926 0.6485 0.4125 -0.1538 -0.0181 0.0218  28 LEU A CA  
223 C C   . LEU A 28 ? 0.4864 0.6148 0.3895 -0.1706 -0.0224 0.0329  28 LEU A C   
224 O O   . LEU A 28 ? 0.5282 0.6559 0.4158 -0.1843 -0.0166 0.0353  28 LEU A O   
225 C CB  . LEU A 28 ? 0.4867 0.6672 0.4232 -0.1541 -0.0176 0.0123  28 LEU A CB  
226 C CG  . LEU A 28 ? 0.5150 0.7364 0.4644 -0.1521 -0.0097 -0.0008 28 LEU A CG  
227 C CD1 . LEU A 28 ? 0.5049 0.7531 0.4718 -0.1531 -0.0130 -0.0127 28 LEU A CD1 
228 C CD2 . LEU A 28 ? 0.5187 0.7436 0.4602 -0.1716 0.0006  -0.0036 28 LEU A CD2 
229 N N   . ASP A 29 ? 0.4709 0.5776 0.3769 -0.1686 -0.0310 0.0402  29 ASP A N   
230 C CA  . ASP A 29 ? 0.4909 0.5711 0.3850 -0.1814 -0.0334 0.0530  29 ASP A CA  
231 C C   . ASP A 29 ? 0.5016 0.5649 0.3771 -0.1789 -0.0414 0.0657  29 ASP A C   
232 O O   . ASP A 29 ? 0.5586 0.6053 0.4173 -0.1879 -0.0420 0.0793  29 ASP A O   
233 C CB  . ASP A 29 ? 0.4860 0.5495 0.3948 -0.1804 -0.0376 0.0544  29 ASP A CB  
234 C CG  . ASP A 29 ? 0.5074 0.5946 0.4369 -0.1843 -0.0311 0.0370  29 ASP A CG  
235 O OD1 . ASP A 29 ? 0.5031 0.6180 0.4358 -0.1909 -0.0229 0.0264  29 ASP A OD1 
236 O OD2 . ASP A 29 ? 0.5180 0.6005 0.4623 -0.1805 -0.0343 0.0316  29 ASP A OD2 
237 N N   . LYS A 30 ? 0.4964 0.5641 0.3762 -0.1662 -0.0468 0.0613  30 LYS A N   
238 C CA  . LYS A 30 ? 0.4926 0.5503 0.3613 -0.1629 -0.0567 0.0684  30 LYS A CA  
239 C C   . LYS A 30 ? 0.4761 0.5501 0.3383 -0.1623 -0.0534 0.0579  30 LYS A C   
240 O O   . LYS A 30 ? 0.4887 0.5630 0.3410 -0.1623 -0.0614 0.0592  30 LYS A O   
241 C CB  . LYS A 30 ? 0.4787 0.5228 0.3648 -0.1506 -0.0656 0.0703  30 LYS A CB  
242 C CG  . LYS A 30 ? 0.4858 0.5135 0.3796 -0.1527 -0.0668 0.0778  30 LYS A CG  
243 C CD  . LYS A 30 ? 0.5307 0.5412 0.4366 -0.1430 -0.0769 0.0838  30 LYS A CD  
244 C CE  . LYS A 30 ? 0.5854 0.5735 0.4840 -0.1470 -0.0817 0.1010  30 LYS A CE  
245 N NZ  . LYS A 30 ? 0.6282 0.6042 0.5269 -0.1588 -0.0712 0.1039  30 LYS A NZ  
246 N N   . HIS A 31 ? 0.4707 0.5608 0.3397 -0.1620 -0.0409 0.0462  31 HIS A N   
247 C CA  . HIS A 31 ? 0.4954 0.5995 0.3644 -0.1611 -0.0325 0.0328  31 HIS A CA  
248 C C   . HIS A 31 ? 0.4695 0.5676 0.3559 -0.1495 -0.0328 0.0250  31 HIS A C   
249 O O   . HIS A 31 ? 0.4698 0.5752 0.3588 -0.1507 -0.0251 0.0117  31 HIS A O   
250 C CB  . HIS A 31 ? 0.5511 0.6636 0.3931 -0.1750 -0.0330 0.0322  31 HIS A CB  
251 C CG  . HIS A 31 ? 0.5854 0.6969 0.4075 -0.1875 -0.0311 0.0441  31 HIS A CG  
252 N ND1 . HIS A 31 ? 0.6033 0.7288 0.4250 -0.1956 -0.0170 0.0378  31 HIS A ND1 
253 C CD2 . HIS A 31 ? 0.6125 0.7084 0.4177 -0.1928 -0.0390 0.0625  31 HIS A CD2 
254 C CE1 . HIS A 31 ? 0.6337 0.7519 0.4387 -0.2079 -0.0151 0.0505  31 HIS A CE1 
255 N NE2 . HIS A 31 ? 0.6244 0.7221 0.4181 -0.2058 -0.0275 0.0670  31 HIS A NE2 
256 N N   . ALA A 32 ? 0.4423 0.5270 0.3432 -0.1392 -0.0385 0.0313  32 ALA A N   
257 C CA  . ALA A 32 ? 0.3777 0.4536 0.2967 -0.1294 -0.0373 0.0259  32 ALA A CA  
258 C C   . ALA A 32 ? 0.3766 0.4549 0.3110 -0.1186 -0.0196 0.0178  32 ALA A C   
259 O O   . ALA A 32 ? 0.3474 0.4375 0.2800 -0.1155 -0.0114 0.0180  32 ALA A O   
260 C CB  . ALA A 32 ? 0.3721 0.4337 0.3009 -0.1219 -0.0465 0.0354  32 ALA A CB  
261 N N   . ARG A 33 ? 0.3462 0.4139 0.2981 -0.1120 -0.0123 0.0111  33 ARG A N   
262 C CA  . ARG A 33 ? 0.3512 0.4136 0.3197 -0.0991 0.0083  0.0066  33 ARG A CA  
263 C C   . ARG A 33 ? 0.3399 0.3973 0.3142 -0.0812 0.0115  0.0196  33 ARG A C   
264 O O   . ARG A 33 ? 0.3385 0.4007 0.3170 -0.0677 0.0247  0.0226  33 ARG A O   
265 C CB  . ARG A 33 ? 0.3619 0.4132 0.3489 -0.1014 0.0194  -0.0072 33 ARG A CB  
266 C CG  . ARG A 33 ? 0.3893 0.4548 0.3681 -0.1189 0.0157  -0.0235 33 ARG A CG  
267 C CD  . ARG A 33 ? 0.4055 0.4662 0.4062 -0.1247 0.0272  -0.0441 33 ARG A CD  
268 N NE  . ARG A 33 ? 0.4407 0.5205 0.4328 -0.1400 0.0291  -0.0638 33 ARG A NE  
269 C CZ  . ARG A 33 ? 0.4625 0.5444 0.4741 -0.1486 0.0435  -0.0893 33 ARG A CZ  
270 N NH1 . ARG A 33 ? 0.4791 0.5425 0.5221 -0.1442 0.0583  -0.0971 33 ARG A NH1 
271 N NH2 . ARG A 33 ? 0.4892 0.5924 0.4897 -0.1628 0.0445  -0.1086 33 ARG A NH2 
272 N N   . SER A 34 ? 0.3216 0.3731 0.2942 -0.0805 -0.0012 0.0273  34 SER A N   
273 C CA  . SER A 34 ? 0.3068 0.3559 0.2830 -0.0641 0.0016  0.0370  34 SER A CA  
274 C C   . SER A 34 ? 0.2883 0.3343 0.2609 -0.0689 -0.0145 0.0414  34 SER A C   
275 O O   . SER A 34 ? 0.2769 0.3192 0.2460 -0.0823 -0.0267 0.0396  34 SER A O   
276 C CB  . SER A 34 ? 0.3129 0.3439 0.3050 -0.0496 0.0206  0.0386  34 SER A CB  
277 O OG  . SER A 34 ? 0.3183 0.3326 0.3241 -0.0565 0.0210  0.0325  34 SER A OG  
278 N N   . GLY A 35 ? 0.2731 0.3226 0.2460 -0.0566 -0.0136 0.0473  35 GLY A N   
279 C CA  . GLY A 35 ? 0.2585 0.3002 0.2342 -0.0582 -0.0233 0.0490  35 GLY A CA  
280 C C   . GLY A 35 ? 0.2547 0.2983 0.2320 -0.0416 -0.0160 0.0532  35 GLY A C   
281 O O   . GLY A 35 ? 0.2632 0.3203 0.2350 -0.0274 -0.0069 0.0572  35 GLY A O   
282 N N   . GLU A 36 ? 0.2659 0.2984 0.2499 -0.0420 -0.0199 0.0528  36 GLU A N   
283 C CA  . GLU A 36 ? 0.2947 0.3304 0.2772 -0.0270 -0.0129 0.0558  36 GLU A CA  
284 C C   . GLU A 36 ? 0.2868 0.3187 0.2747 -0.0336 -0.0229 0.0505  36 GLU A C   
285 O O   . GLU A 36 ? 0.2731 0.2897 0.2721 -0.0441 -0.0302 0.0484  36 GLU A O   
286 C CB  . GLU A 36 ? 0.3334 0.3497 0.3259 -0.0166 0.0042  0.0607  36 GLU A CB  
287 C CG  . GLU A 36 ? 0.3932 0.4080 0.3826 -0.0029 0.0221  0.0684  36 GLU A CG  
288 C CD  . GLU A 36 ? 0.4383 0.4279 0.4413 0.0041  0.0431  0.0722  36 GLU A CD  
289 O OE1 . GLU A 36 ? 0.5325 0.5072 0.5538 -0.0087 0.0456  0.0634  36 GLU A OE1 
290 O OE2 . GLU A 36 ? 0.4618 0.4484 0.4578 0.0218  0.0579  0.0829  36 GLU A OE2 
291 N N   . CYS A 37 ? 0.2983 0.3449 0.2797 -0.0250 -0.0214 0.0481  37 CYS A N   
292 C CA  . CYS A 37 ? 0.3228 0.3642 0.3121 -0.0297 -0.0264 0.0404  37 CYS A CA  
293 C C   . CYS A 37 ? 0.3438 0.3707 0.3412 -0.0201 -0.0154 0.0426  37 CYS A C   
294 O O   . CYS A 37 ? 0.3456 0.3777 0.3332 -0.0047 -0.0018 0.0495  37 CYS A O   
295 C CB  . CYS A 37 ? 0.3474 0.4171 0.3271 -0.0284 -0.0302 0.0305  37 CYS A CB  
296 S SG  . CYS A 37 ? 0.3773 0.4603 0.3563 -0.0458 -0.0412 0.0238  37 CYS A SG  
297 N N   . PHE A 38 ? 0.3593 0.3680 0.3754 -0.0283 -0.0200 0.0379  38 PHE A N   
298 C CA  . PHE A 38 ? 0.3707 0.3656 0.4014 -0.0220 -0.0090 0.0371  38 PHE A CA  
299 C C   . PHE A 38 ? 0.3353 0.3261 0.3795 -0.0279 -0.0161 0.0270  38 PHE A C   
300 O O   . PHE A 38 ? 0.3355 0.3223 0.3858 -0.0386 -0.0294 0.0243  38 PHE A O   
301 C CB  . PHE A 38 ? 0.3677 0.3454 0.4192 -0.0271 -0.0081 0.0388  38 PHE A CB  
302 C CG  . PHE A 38 ? 0.4040 0.3801 0.4503 -0.0250 0.0008  0.0449  38 PHE A CG  
303 C CD1 . PHE A 38 ? 0.4651 0.4338 0.5114 -0.0138 0.0229  0.0502  38 PHE A CD1 
304 C CD2 . PHE A 38 ? 0.4120 0.3919 0.4543 -0.0345 -0.0104 0.0452  38 PHE A CD2 
305 C CE1 . PHE A 38 ? 0.4707 0.4333 0.5173 -0.0123 0.0344  0.0543  38 PHE A CE1 
306 C CE2 . PHE A 38 ? 0.4367 0.4147 0.4774 -0.0337 -0.0008 0.0472  38 PHE A CE2 
307 C CZ  . PHE A 38 ? 0.4658 0.4341 0.5108 -0.0229 0.0219  0.0510  38 PHE A CZ  
308 N N   . TYR A 39 ? 0.3379 0.3268 0.3887 -0.0211 -0.0055 0.0222  39 TYR A N   
309 C CA  . TYR A 39 ? 0.3573 0.3358 0.4312 -0.0268 -0.0104 0.0123  39 TYR A CA  
310 C C   . TYR A 39 ? 0.3355 0.2978 0.4357 -0.0306 -0.0158 0.0152  39 TYR A C   
311 O O   . TYR A 39 ? 0.3425 0.3026 0.4461 -0.0293 -0.0113 0.0207  39 TYR A O   
312 C CB  . TYR A 39 ? 0.3814 0.3624 0.4585 -0.0190 0.0039  0.0042  39 TYR A CB  
313 C CG  . TYR A 39 ? 0.4246 0.4267 0.4816 -0.0156 0.0077  -0.0059 39 TYR A CG  
314 C CD1 . TYR A 39 ? 0.4467 0.4634 0.4939 -0.0231 -0.0033 -0.0137 39 TYR A CD1 
315 C CD2 . TYR A 39 ? 0.4802 0.4895 0.5312 -0.0061 0.0236  -0.0110 39 TYR A CD2 
316 C CE1 . TYR A 39 ? 0.4966 0.5395 0.5288 -0.0211 -0.0002 -0.0284 39 TYR A CE1 
317 C CE2 . TYR A 39 ? 0.5213 0.5560 0.5528 -0.0027 0.0265  -0.0233 39 TYR A CE2 
318 C CZ  . TYR A 39 ? 0.5280 0.5814 0.5514 -0.0105 0.0136  -0.0335 39 TYR A CZ  
319 O OH  . TYR A 39 ? 0.6139 0.6997 0.6201 -0.0081 0.0162  -0.0506 39 TYR A OH  
320 N N   . ASP A 40 ? 0.3310 0.2842 0.4520 -0.0350 -0.0251 0.0101  40 ASP A N   
321 C CA  . ASP A 40 ? 0.3580 0.3023 0.5094 -0.0349 -0.0313 0.0107  40 ASP A CA  
322 C C   . ASP A 40 ? 0.3594 0.3002 0.5343 -0.0295 -0.0205 0.0001  40 ASP A C   
323 O O   . ASP A 40 ? 0.3748 0.3200 0.5376 -0.0263 -0.0075 -0.0067 40 ASP A O   
324 C CB  . ASP A 40 ? 0.3819 0.3182 0.5393 -0.0400 -0.0499 0.0173  40 ASP A CB  
325 C CG  . ASP A 40 ? 0.4030 0.3279 0.5671 -0.0418 -0.0507 0.0121  40 ASP A CG  
326 O OD1 . ASP A 40 ? 0.4183 0.3437 0.5884 -0.0393 -0.0391 -0.0003 40 ASP A OD1 
327 O OD2 . ASP A 40 ? 0.4357 0.3498 0.5991 -0.0460 -0.0615 0.0204  40 ASP A OD2 
328 N N   . GLU A 41 ? 0.3882 0.3253 0.5965 -0.0275 -0.0257 -0.0024 41 GLU A N   
329 C CA  . GLU A 41 ? 0.4247 0.3609 0.6610 -0.0221 -0.0132 -0.0138 41 GLU A CA  
330 C C   . GLU A 41 ? 0.4580 0.3864 0.7007 -0.0209 -0.0107 -0.0230 41 GLU A C   
331 O O   . GLU A 41 ? 0.4819 0.4120 0.7337 -0.0177 0.0049  -0.0348 41 GLU A O   
332 C CB  . GLU A 41 ? 0.4416 0.3829 0.7159 -0.0198 -0.0214 -0.0155 41 GLU A CB  
333 C CG  . GLU A 41 ? 0.4578 0.4021 0.7670 -0.0152 -0.0071 -0.0287 41 GLU A CG  
334 C CD  . GLU A 41 ? 0.4940 0.4342 0.8356 -0.0090 -0.0166 -0.0330 41 GLU A CD  
335 O OE1 . GLU A 41 ? 0.5255 0.4537 0.8575 -0.0085 -0.0288 -0.0258 41 GLU A OE1 
336 O OE2 . GLU A 41 ? 0.5578 0.5050 0.9372 -0.0044 -0.0094 -0.0440 41 GLU A OE2 
337 N N   . LYS A 42 ? 0.4731 0.3922 0.7098 -0.0248 -0.0232 -0.0189 42 LYS A N   
338 C CA  . LYS A 42 ? 0.4931 0.4033 0.7344 -0.0269 -0.0179 -0.0306 42 LYS A CA  
339 C C   . LYS A 42 ? 0.4953 0.4181 0.7027 -0.0324 -0.0086 -0.0400 42 LYS A C   
340 O O   . LYS A 42 ? 0.4615 0.3815 0.6701 -0.0378 -0.0050 -0.0535 42 LYS A O   
341 C CB  . LYS A 42 ? 0.5289 0.4212 0.7800 -0.0293 -0.0317 -0.0212 42 LYS A CB  
342 C CG  . LYS A 42 ? 0.5711 0.4573 0.8538 -0.0200 -0.0428 -0.0110 42 LYS A CG  
343 C CD  . LYS A 42 ? 0.6376 0.5226 0.9575 -0.0120 -0.0324 -0.0251 42 LYS A CD  
344 C CE  . LYS A 42 ? 0.6863 0.5601 1.0435 -0.0008 -0.0437 -0.0163 42 LYS A CE  
345 N NZ  . LYS A 42 ? 0.7194 0.5958 1.1163 0.0074  -0.0322 -0.0322 42 LYS A NZ  
346 N N   . ARG A 43 ? 0.4860 0.4575 1.0669 -0.0833 0.0034  -0.0208 43 ARG A N   
347 C CA  . ARG A 43 ? 0.4868 0.4384 0.9922 -0.1043 0.0214  -0.0290 43 ARG A CA  
348 C C   . ARG A 43 ? 0.4723 0.4088 0.9430 -0.1029 0.0137  -0.0132 43 ARG A C   
349 O O   . ARG A 43 ? 0.5226 0.4568 0.9700 -0.1178 0.0339  -0.0342 43 ARG A O   
350 C CB  . ARG A 43 ? 0.5286 0.4745 1.0448 -0.1246 0.0603  -0.0676 43 ARG A CB  
351 C CG  . ARG A 43 ? 0.5439 0.5005 1.0853 -0.1375 0.0809  -0.0944 43 ARG A CG  
352 C CD  . ARG A 43 ? 0.5878 0.5337 1.0522 -0.1475 0.0795  -0.0879 43 ARG A CD  
353 N NE  . ARG A 43 ? 0.6063 0.5795 1.1292 -0.1562 0.0884  -0.1095 43 ARG A NE  
354 C CZ  . ARG A 43 ? 0.6424 0.6162 1.1881 -0.1830 0.1289  -0.1517 43 ARG A CZ  
355 N NH1 . ARG A 43 ? 0.7116 0.6481 1.2133 -0.2044 0.1664  -0.1732 43 ARG A NH1 
356 N NH2 . ARG A 43 ? 0.6077 0.6257 1.2198 -0.1914 0.1334  -0.1778 43 ARG A NH2 
357 N N   . ASN A 44 ? 0.4572 0.3882 0.9197 -0.0894 -0.0129 0.0184  44 ASN A N   
358 C CA  . ASN A 44 ? 0.4636 0.3850 0.8804 -0.0977 -0.0142 0.0249  44 ASN A CA  
359 C C   . ASN A 44 ? 0.4299 0.3631 0.7881 -0.0953 -0.0400 0.0462  44 ASN A C   
360 O O   . ASN A 44 ? 0.4053 0.3415 0.7639 -0.0846 -0.0623 0.0688  44 ASN A O   
361 C CB  . ASN A 44 ? 0.5496 0.4328 0.9973 -0.0958 -0.0025 0.0330  44 ASN A CB  
362 C CG  . ASN A 44 ? 0.5850 0.4452 1.0654 -0.0674 -0.0236 0.0656  44 ASN A CG  
363 O OD1 . ASN A 44 ? 0.6278 0.5084 1.0908 -0.0557 -0.0550 0.0878  44 ASN A OD1 
364 N ND2 . ASN A 44 ? 0.5922 0.4111 1.1180 -0.0533 -0.0069 0.0670  44 ASN A ND2 
365 N N   . LEU A 45 ? 0.3930 0.3421 0.7054 -0.1052 -0.0361 0.0324  45 LEU A N   
366 C CA  . LEU A 45 ? 0.3717 0.3372 0.6309 -0.1012 -0.0555 0.0433  45 LEU A CA  
367 C C   . LEU A 45 ? 0.3560 0.3080 0.6113 -0.1045 -0.0688 0.0674  45 LEU A C   
368 O O   . LEU A 45 ? 0.3718 0.3063 0.6372 -0.1171 -0.0557 0.0643  45 LEU A O   
369 C CB  . LEU A 45 ? 0.3936 0.3942 0.6188 -0.1055 -0.0502 0.0152  45 LEU A CB  
370 C CG  . LEU A 45 ? 0.4158 0.4371 0.6053 -0.0956 -0.0456 -0.0074 45 LEU A CG  
371 C CD1 . LEU A 45 ? 0.4227 0.4995 0.5870 -0.0936 -0.0510 -0.0363 45 LEU A CD1 
372 C CD2 . LEU A 45 ? 0.4465 0.4432 0.5883 -0.0772 -0.0550 0.0121  45 LEU A CD2 
373 N N   . GLN A 46 ? 0.3224 0.2778 0.5517 -0.0975 -0.0892 0.0876  46 GLN A N   
374 C CA  . GLN A 46 ? 0.3288 0.2741 0.5377 -0.1031 -0.1030 0.1098  46 GLN A CA  
375 C C   . GLN A 46 ? 0.2939 0.2612 0.4568 -0.1040 -0.1130 0.1080  46 GLN A C   
376 O O   . GLN A 46 ? 0.2744 0.2504 0.4194 -0.0937 -0.1147 0.1027  46 GLN A O   
377 C CB  . GLN A 46 ? 0.3515 0.2828 0.5797 -0.0924 -0.1220 0.1380  46 GLN A CB  
378 C CG  . GLN A 46 ? 0.3844 0.2931 0.6633 -0.0791 -0.1184 0.1445  46 GLN A CG  
379 C CD  . GLN A 46 ? 0.3995 0.3154 0.6975 -0.0591 -0.1476 0.1695  46 GLN A CD  
380 O OE1 . GLN A 46 ? 0.3617 0.3175 0.6729 -0.0574 -0.1600 0.1618  46 GLN A OE1 
381 N NE2 . GLN A 46 ? 0.4505 0.3270 0.7448 -0.0437 -0.1564 0.1962  46 GLN A NE2 
382 N N   . CYS A 47 ? 0.3013 0.2678 0.4414 -0.1176 -0.1146 0.1119  47 CYS A N   
383 C CA  . CYS A 47 ? 0.2975 0.2833 0.3997 -0.1202 -0.1224 0.1096  47 CYS A CA  
384 C C   . CYS A 47 ? 0.3059 0.2758 0.3917 -0.1250 -0.1389 0.1384  47 CYS A C   
385 O O   . CYS A 47 ? 0.3359 0.2830 0.4147 -0.1355 -0.1448 0.1586  47 CYS A O   
386 C CB  . CYS A 47 ? 0.3000 0.3043 0.3911 -0.1392 -0.1098 0.0873  47 CYS A CB  
387 S SG  . CYS A 47 ? 0.2911 0.3220 0.3461 -0.1457 -0.1146 0.0781  47 CYS A SG  
388 N N   . ILE A 48 ? 0.2946 0.2738 0.3659 -0.1177 -0.1437 0.1376  48 ILE A N   
389 C CA  . ILE A 48 ? 0.3134 0.2921 0.3769 -0.1257 -0.1574 0.1547  48 ILE A CA  
390 C C   . ILE A 48 ? 0.3185 0.3033 0.3410 -0.1365 -0.1537 0.1481  48 ILE A C   
391 O O   . ILE A 48 ? 0.3123 0.2955 0.3161 -0.1256 -0.1412 0.1327  48 ILE A O   
392 C CB  . ILE A 48 ? 0.3173 0.3009 0.4010 -0.1190 -0.1552 0.1491  48 ILE A CB  
393 C CG1 . ILE A 48 ? 0.3224 0.3031 0.4524 -0.1067 -0.1507 0.1445  48 ILE A CG1 
394 C CG2 . ILE A 48 ? 0.3288 0.3325 0.4148 -0.1311 -0.1712 0.1576  48 ILE A CG2 
395 C CD1 . ILE A 48 ? 0.3556 0.3438 0.5286 -0.1004 -0.1690 0.1601  48 ILE A CD1 
396 N N   . CYS A 49 ? 0.3482 0.3319 0.3496 -0.1557 -0.1619 0.1602  49 CYS A N   
397 C CA  . CYS A 49 ? 0.3578 0.3491 0.3241 -0.1712 -0.1555 0.1507  49 CYS A CA  
398 C C   . CYS A 49 ? 0.3629 0.3610 0.3195 -0.1795 -0.1606 0.1539  49 CYS A C   
399 O O   . CYS A 49 ? 0.3840 0.3921 0.3598 -0.1791 -0.1762 0.1655  49 CYS A O   
400 C CB  . CYS A 49 ? 0.4005 0.3837 0.3396 -0.1961 -0.1541 0.1560  49 CYS A CB  
401 S SG  . CYS A 49 ? 0.4213 0.3979 0.3750 -0.1996 -0.1366 0.1406  49 CYS A SG  
402 N N   . ASP A 50 ? 0.3657 0.3622 0.2969 -0.1854 -0.1445 0.1372  50 ASP A N   
403 C CA  . ASP A 50 ? 0.3703 0.3700 0.2882 -0.2017 -0.1380 0.1305  50 ASP A CA  
404 C C   . ASP A 50 ? 0.4046 0.4108 0.2878 -0.2285 -0.1322 0.1236  50 ASP A C   
405 O O   . ASP A 50 ? 0.4226 0.4204 0.2917 -0.2232 -0.1171 0.1104  50 ASP A O   
406 C CB  . ASP A 50 ? 0.3773 0.3461 0.2852 -0.1847 -0.1108 0.1141  50 ASP A CB  
407 C CG  . ASP A 50 ? 0.3916 0.3527 0.2855 -0.2088 -0.0909 0.0992  50 ASP A CG  
408 O OD1 . ASP A 50 ? 0.3906 0.3739 0.2715 -0.2384 -0.0929 0.0935  50 ASP A OD1 
409 O OD2 . ASP A 50 ? 0.3898 0.3200 0.2808 -0.2024 -0.0682 0.0892  50 ASP A OD2 
410 N N   . TYR A 51 ? 0.4354 0.4649 0.3066 -0.2563 -0.1454 0.1286  51 TYR A N   
411 C CA  . TYR A 51 ? 0.4616 0.4992 0.2936 -0.2885 -0.1401 0.1216  51 TYR A CA  
412 C C   . TYR A 51 ? 0.4756 0.5186 0.2946 -0.3116 -0.1168 0.0960  51 TYR A C   
413 O O   . TYR A 51 ? 0.5245 0.5810 0.3126 -0.3440 -0.1121 0.0866  51 TYR A O   
414 C CB  . TYR A 51 ? 0.5028 0.5599 0.3134 -0.3043 -0.1711 0.1449  51 TYR A CB  
415 C CG  . TYR A 51 ? 0.5166 0.5469 0.3226 -0.2902 -0.1819 0.1689  51 TYR A CG  
416 C CD1 . TYR A 51 ? 0.5581 0.5660 0.3247 -0.3118 -0.1681 0.1678  51 TYR A CD1 
417 C CD2 . TYR A 51 ? 0.5085 0.5324 0.3505 -0.2596 -0.1984 0.1868  51 TYR A CD2 
418 C CE1 . TYR A 51 ? 0.5857 0.5593 0.3434 -0.3067 -0.1675 0.1842  51 TYR A CE1 
419 C CE2 . TYR A 51 ? 0.5399 0.5291 0.3764 -0.2499 -0.1996 0.2049  51 TYR A CE2 
420 C CZ  . TYR A 51 ? 0.5781 0.5395 0.3700 -0.2751 -0.1826 0.2033  51 TYR A CZ  
421 O OH  . TYR A 51 ? 0.6336 0.5538 0.4188 -0.2718 -0.1743 0.2151  51 TYR A OH  
422 N N   . CYS A 52 ? 0.4645 0.4901 0.3004 -0.2998 -0.0966 0.0820  52 CYS A N   
423 C CA  . CYS A 52 ? 0.4955 0.5112 0.3148 -0.3270 -0.0621 0.0524  52 CYS A CA  
424 C C   . CYS A 52 ? 0.5180 0.4641 0.3144 -0.3046 -0.0197 0.0395  52 CYS A C   
425 O O   . CYS A 52 ? 0.5568 0.4734 0.3243 -0.3238 0.0168  0.0167  52 CYS A O   
426 C CB  . CYS A 52 ? 0.5183 0.5610 0.3669 -0.3388 -0.0624 0.0394  52 CYS A CB  
427 S SG  . CYS A 52 ? 0.5222 0.6615 0.3965 -0.3602 -0.1124 0.0435  52 CYS A SG  
428 N N   . GLU A 53 ? 0.5012 0.4171 0.3059 -0.2616 -0.0231 0.0536  53 GLU A N   
429 C CA  . GLU A 53 ? 0.5492 0.3933 0.3205 -0.2281 0.0115  0.0469  53 GLU A CA  
430 C C   . GLU A 53 ? 0.5430 0.3859 0.3172 -0.1787 -0.0057 0.0583  53 GLU A C   
431 O O   . GLU A 53 ? 0.4924 0.3768 0.2995 -0.1697 -0.0378 0.0716  53 GLU A O   
432 C CB  . GLU A 53 ? 0.5644 0.3646 0.3270 -0.2257 0.0345  0.0436  53 GLU A CB  
433 C CG  . GLU A 53 ? 0.5905 0.4018 0.3563 -0.2801 0.0605  0.0172  53 GLU A CG  
434 C CD  . GLU A 53 ? 0.6279 0.3848 0.3786 -0.2863 0.0992  0.0030  53 GLU A CD  
435 O OE1 . GLU A 53 ? 0.6662 0.3532 0.3830 -0.2463 0.1130  0.0174  53 GLU A OE1 
436 O OE2 . GLU A 53 ? 0.6317 0.4142 0.3989 -0.3329 0.1200  -0.0269 53 GLU A OE2 
437 N N   . TYR A 54 ? 0.6086 0.4035 0.3469 -0.1462 0.0192  0.0485  54 TYR A N   
438 C CA  . TYR A 54 ? 0.6095 0.4175 0.3509 -0.0944 0.0045  0.0473  54 TYR A CA  
439 C C   . TYR A 54 ? 0.6222 0.3912 0.3420 -0.0493 0.0021  0.0609  54 TYR A C   
440 O O   . TYR A 54 ? 0.6385 0.3501 0.3300 -0.0569 0.0229  0.0692  54 TYR A O   
441 C CB  . TYR A 54 ? 0.6686 0.4502 0.3840 -0.0703 0.0287  0.0278  54 TYR A CB  
442 C CG  . TYR A 54 ? 0.6802 0.4864 0.4052 -0.1247 0.0430  0.0098  54 TYR A CG  
443 C CD1 . TYR A 54 ? 0.6449 0.5201 0.4034 -0.1421 0.0269  -0.0055 54 TYR A CD1 
444 C CD2 . TYR A 54 ? 0.7330 0.4931 0.4290 -0.1654 0.0779  0.0025  54 TYR A CD2 
445 C CE1 . TYR A 54 ? 0.6381 0.5296 0.3934 -0.1945 0.0426  -0.0222 54 TYR A CE1 
446 C CE2 . TYR A 54 ? 0.7251 0.5131 0.4250 -0.2175 0.0905  -0.0171 54 TYR A CE2 
447 C CZ  . TYR A 54 ? 0.6926 0.5430 0.4182 -0.2300 0.0718  -0.0269 54 TYR A CZ  
448 O OH  . TYR A 54 ? 0.7267 0.5979 0.4443 -0.2855 0.0875  -0.0465 54 TYR A OH  
449 O OXT . TYR A 54 ? 0.6168 0.4213 0.3501 -0.0092 -0.0209 0.0591  54 TYR A OXT 
# 
